data_8DUL
#
_entry.id   8DUL
#
_cell.length_a   1.00
_cell.length_b   1.00
_cell.length_c   1.00
_cell.angle_alpha   90.00
_cell.angle_beta   90.00
_cell.angle_gamma   90.00
#
_symmetry.space_group_name_H-M   'P 1'
#
loop_
_entity.id
_entity.type
_entity.pdbx_description
1 polymer 'Spike glycoprotein E2'
2 polymer 'Spike glycoprotein E1'
3 polymer 'Antibody Fab SKT05 heavy chain'
4 polymer 'Antibody Fab SKT05 light chain'
5 branched 2-acetamido-2-deoxy-beta-D-glucopyranose-(1-4)-2-acetamido-2-deoxy-beta-D-glucopyranose
6 non-polymer 2-acetamido-2-deoxy-beta-D-glucopyranose
#
loop_
_entity_poly.entity_id
_entity_poly.type
_entity_poly.pdbx_seq_one_letter_code
_entity_poly.pdbx_strand_id
1 'polypeptide(L)'
;PYLGFCPYCRHSAPCFSPIKIENVWDESDDGSIRIQVSAQFGYNQAGTADVTKFRYMSFDHDHDIKEDSMDKIAISTSGP
CRRLGHKGYFLLAQCPPGDSVTVSITSGASENSCTVEKKIRRKFVGREEYLFPPVHGKLVKCHVYDHLKETSAGYITMHR
PGPHAYKSYLEEASGEVYIKPPSGKNVTYECKCGDYSTGIVSTRTKMNGCTKAKQCIAYKSDQTKWVFNSPDLIRHTDHS
VQGKLHIPFRLTPTVCPVPLAHTPTVTKWFKGITLHLTATRPTLLTTRKLGLRADATAEWITGTTSRNFSVGREGLEYVW
GNHEPVRVWAQESAPGDPHGWPHEIIIHYYHRHPVYTVIVLCGVALAILVGTASSAACIAKARRDCLTPYALAPNATVPT
ALAVLCCI
;
B,G,K
2 'polypeptide(L)'
;RPTNAETFGETLNHLWFNNQPFLWAQLCIPLAALVILFRCFSCCMPFLLVAGVCLGKVDAFEHATTVPNVPGIPYKALVE
RAGYAPLNLEITVVSSELTPSTNKEYVTCRFHTVIPSPQVKCCGSLECKASSKADYTCRVFGGVYPFMWGGAQCFCDSEN
TQLSEAYVEFAPDCTIDHAVALKVHTAALKVGLRIVYGNTTAHLDTFVNGVTPGSSRDLKVIAGPISAAFSPFDHKVVIR
KGLVYNYDFPEYGAMKPGAFGDIQASSLDATDIVARTDIRLLKPSVKNIHVPYTQAVSGYEMWKNNSGRPLQETAPFGCK
IEVEPLRASNCAYGHIPISIDIPDAAFVRSSESPTILEVSCTVADCIYSADFGGSLTLQYKADREGHCPVHSHSTTAVLK
EATTHVTAVGSITLHFSTSSPQANFIVSLCGKKTTCNAECKPPADHIIGEPHKVDQEFQAAVSKTSWNWLLALFGGASSL
IVVGLIVLV
;
A,J,F
3 'polypeptide(L)'
;EVQLVESGAGLVQPGGSLRLSCAASGFTFSDSWMSWVRQSPGKGLEWVGRIKGKPDGETAAYAASVKGRFSISRDDSKNT
LYLQMNSLKTEDTAVYYCTRDDRTSCRRGVCYAAFHSWGQGVLVTVSSASTKGPSVFPLAPSSRSTSESTAALGCLVKDY
FPEPVTVSWNSGSLTSGVHTFPAVLQSSGLYSLSSVVTVPSSSLGTQTYVCNVNHKPSNTKVDKRVEIKTCGGLEVLFQ
;
H
4 'polypeptide(L)'
;DIQMTQSPSSLSASAGDRVTLTCRASQAISFYLAWYQQKPGKAPKRLIYDASELQGGVPSRFSGSGSGTDFTLSINSLQP
EDSATYFCLQYDSPPFTFGPGTKVEIKRTVAAPSVFIFPPSEDQVKSGTVSVVCLLNNFYPREASVKWKVDGALKTGNSQ
ESVTEQDSKDNTYSLSSTLTLSSTEYQSHKVYACEVTHQGLSSPVTKSFNRGEC
;
L
#
loop_
_chem_comp.id
_chem_comp.type
_chem_comp.name
_chem_comp.formula
NAG D-saccharide, beta linking 2-acetamido-2-deoxy-beta-D-glucopyranose 'C8 H15 N O6'
#
# COMPACT_ATOMS: atom_id res chain seq x y z
N PRO A 1 -30.38 -7.04 7.64
CA PRO A 1 -29.02 -7.49 7.32
C PRO A 1 -28.34 -8.18 8.50
N TYR A 2 -27.05 -8.50 8.34
CA TYR A 2 -26.33 -9.30 9.32
C TYR A 2 -25.04 -8.59 9.71
N LEU A 3 -24.41 -9.02 10.80
CA LEU A 3 -23.16 -8.44 11.26
C LEU A 3 -22.14 -9.55 11.44
N GLY A 4 -20.90 -9.28 11.04
CA GLY A 4 -19.86 -10.29 10.98
C GLY A 4 -18.56 -9.82 11.62
N PHE A 5 -17.52 -10.61 11.36
CA PHE A 5 -16.20 -10.42 11.97
C PHE A 5 -15.35 -9.64 10.98
N CYS A 6 -15.25 -8.32 11.19
CA CYS A 6 -14.40 -7.47 10.35
C CYS A 6 -12.94 -7.80 10.58
N PRO A 7 -12.11 -7.87 9.53
CA PRO A 7 -10.69 -8.20 9.73
C PRO A 7 -9.84 -7.04 10.22
N TYR A 8 -10.36 -5.82 10.29
CA TYR A 8 -9.59 -4.68 10.81
C TYR A 8 -10.53 -3.63 11.41
N CYS A 9 -10.56 -3.56 12.73
CA CYS A 9 -11.28 -2.51 13.44
C CYS A 9 -10.32 -1.34 13.73
N ARG A 10 -10.72 -0.48 14.67
CA ARG A 10 -10.15 0.86 14.76
C ARG A 10 -8.71 0.85 15.28
N HIS A 11 -8.49 0.26 16.45
CA HIS A 11 -7.22 0.49 17.11
C HIS A 11 -6.07 -0.39 16.58
N SER A 12 -6.10 -1.70 16.81
CA SER A 12 -5.14 -2.59 16.17
C SER A 12 -5.76 -3.92 15.80
N ALA A 13 -6.82 -4.31 16.49
CA ALA A 13 -7.31 -5.68 16.49
C ALA A 13 -8.59 -5.80 15.69
N PRO A 14 -8.81 -6.94 15.02
CA PRO A 14 -10.09 -7.16 14.34
C PRO A 14 -11.22 -7.37 15.34
N CYS A 15 -12.42 -6.97 14.93
CA CYS A 15 -13.61 -7.08 15.79
C CYS A 15 -14.83 -7.16 14.89
N PHE A 16 -16.01 -6.96 15.49
CA PHE A 16 -17.26 -7.03 14.74
C PHE A 16 -17.63 -5.63 14.25
N SER A 17 -18.03 -5.54 12.98
CA SER A 17 -18.50 -4.31 12.35
C SER A 17 -19.74 -4.64 11.53
N PRO A 18 -20.64 -3.69 11.32
CA PRO A 18 -21.81 -3.96 10.48
C PRO A 18 -21.56 -3.80 8.98
N ILE A 19 -20.36 -3.36 8.57
CA ILE A 19 -20.10 -2.95 7.20
C ILE A 19 -18.95 -3.70 6.54
N LYS A 20 -18.79 -4.99 6.89
CA LYS A 20 -17.76 -5.84 6.28
C LYS A 20 -17.85 -5.94 4.76
N ILE A 21 -16.71 -5.74 4.10
CA ILE A 21 -16.58 -6.12 2.70
C ILE A 21 -16.24 -7.61 2.68
N GLU A 22 -17.17 -8.44 2.22
CA GLU A 22 -16.88 -9.87 2.12
C GLU A 22 -16.01 -10.16 0.90
N ASN A 23 -16.26 -9.46 -0.21
CA ASN A 23 -15.48 -9.60 -1.44
C ASN A 23 -15.62 -8.30 -2.22
N VAL A 24 -14.68 -8.07 -3.13
CA VAL A 24 -14.67 -6.86 -3.95
C VAL A 24 -14.06 -7.18 -5.31
N TRP A 25 -14.68 -6.69 -6.38
CA TRP A 25 -14.23 -6.92 -7.74
C TRP A 25 -13.72 -5.64 -8.38
N ASP A 26 -12.73 -5.78 -9.27
CA ASP A 26 -12.04 -4.62 -9.84
C ASP A 26 -11.74 -4.79 -11.33
N GLU A 27 -12.63 -5.45 -12.09
CA GLU A 27 -12.29 -5.77 -13.47
C GLU A 27 -12.66 -4.67 -14.46
N SER A 28 -13.25 -3.56 -14.01
CA SER A 28 -13.72 -2.56 -14.96
C SER A 28 -12.56 -1.76 -15.55
N ASP A 29 -12.75 -1.28 -16.78
CA ASP A 29 -11.68 -0.71 -17.56
C ASP A 29 -11.33 0.72 -17.17
N ASP A 30 -12.19 1.39 -16.41
CA ASP A 30 -11.91 2.74 -15.92
C ASP A 30 -11.31 2.74 -14.52
N GLY A 31 -11.05 1.56 -13.95
CA GLY A 31 -10.59 1.45 -12.58
C GLY A 31 -11.68 1.43 -11.54
N SER A 32 -12.94 1.50 -11.95
CA SER A 32 -14.04 1.50 -11.00
C SER A 32 -14.24 0.12 -10.38
N ILE A 33 -14.46 0.10 -9.07
CA ILE A 33 -14.68 -1.12 -8.31
C ILE A 33 -16.10 -1.11 -7.78
N ARG A 34 -16.67 -2.30 -7.58
CA ARG A 34 -17.96 -2.45 -6.91
C ARG A 34 -17.73 -3.04 -5.53
N ILE A 35 -18.39 -2.49 -4.53
CA ILE A 35 -18.18 -2.85 -3.13
C ILE A 35 -19.51 -3.27 -2.53
N GLN A 36 -19.54 -4.46 -1.94
CA GLN A 36 -20.66 -4.90 -1.11
C GLN A 36 -20.28 -4.78 0.36
N VAL A 37 -21.26 -4.46 1.18
CA VAL A 37 -21.14 -4.64 2.61
C VAL A 37 -22.27 -5.56 3.07
N SER A 38 -22.24 -5.92 4.35
CA SER A 38 -23.28 -6.75 4.91
C SER A 38 -24.61 -6.02 5.06
N ALA A 39 -24.59 -4.70 5.17
CA ALA A 39 -25.81 -3.90 5.28
C ALA A 39 -26.35 -3.52 3.90
N GLN A 40 -27.58 -3.00 3.89
CA GLN A 40 -28.25 -2.58 2.66
C GLN A 40 -28.43 -1.06 2.66
N PHE A 41 -28.42 -0.47 1.47
CA PHE A 41 -28.66 0.95 1.24
C PHE A 41 -29.94 1.17 0.44
N GLY A 42 -30.39 2.42 0.43
CA GLY A 42 -31.52 2.83 -0.35
C GLY A 42 -32.86 2.47 0.23
N TYR A 43 -32.89 1.83 1.39
CA TYR A 43 -34.11 1.37 2.02
C TYR A 43 -34.27 2.05 3.37
N ASN A 44 -35.52 2.28 3.76
CA ASN A 44 -35.83 2.88 5.05
C ASN A 44 -35.97 1.80 6.12
N GLN A 45 -36.55 2.17 7.26
CA GLN A 45 -36.74 1.24 8.37
C GLN A 45 -37.70 0.11 7.99
N ALA A 46 -38.79 0.45 7.29
CA ALA A 46 -39.72 -0.57 6.84
C ALA A 46 -39.18 -1.33 5.63
N GLY A 47 -38.34 -0.70 4.82
CA GLY A 47 -37.82 -1.31 3.61
C GLY A 47 -38.23 -0.61 2.32
N THR A 48 -38.99 0.49 2.41
CA THR A 48 -39.39 1.22 1.21
C THR A 48 -38.18 1.98 0.65
N ALA A 49 -38.10 2.05 -0.69
CA ALA A 49 -36.98 2.64 -1.38
C ALA A 49 -36.84 4.14 -1.12
N ASP A 50 -35.77 4.52 -0.41
CA ASP A 50 -35.49 5.93 -0.11
C ASP A 50 -34.00 6.16 -0.33
N VAL A 51 -33.66 7.03 -1.29
CA VAL A 51 -32.29 7.17 -1.76
C VAL A 51 -31.41 7.85 -0.70
N THR A 52 -31.95 8.85 0.00
CA THR A 52 -31.14 9.73 0.84
C THR A 52 -30.67 9.07 2.14
N LYS A 53 -31.16 7.88 2.48
CA LYS A 53 -30.85 7.28 3.77
C LYS A 53 -30.84 5.76 3.65
N PHE A 54 -30.26 5.11 4.66
CA PHE A 54 -30.12 3.66 4.70
C PHE A 54 -30.41 3.15 6.11
N ARG A 55 -30.15 1.87 6.32
CA ARG A 55 -30.41 1.20 7.59
C ARG A 55 -29.20 0.34 7.96
N TYR A 56 -29.02 0.12 9.26
CA TYR A 56 -27.96 -0.77 9.72
C TYR A 56 -28.34 -1.35 11.07
N MET A 57 -27.41 -2.08 11.67
CA MET A 57 -27.63 -2.93 12.83
C MET A 57 -27.16 -2.24 14.10
N SER A 58 -27.93 -2.38 15.17
CA SER A 58 -27.65 -1.66 16.40
C SER A 58 -26.67 -2.42 17.28
N PHE A 59 -25.89 -1.67 18.05
CA PHE A 59 -24.89 -2.21 18.97
C PHE A 59 -25.46 -2.39 20.38
N ASP A 60 -26.48 -3.23 20.52
CA ASP A 60 -27.10 -3.48 21.81
C ASP A 60 -27.56 -4.94 21.87
N HIS A 61 -28.29 -5.28 22.92
CA HIS A 61 -28.65 -6.68 23.16
C HIS A 61 -30.01 -7.07 22.59
N ASP A 62 -30.88 -6.10 22.29
CA ASP A 62 -32.16 -6.42 21.65
C ASP A 62 -32.02 -6.57 20.14
N HIS A 63 -30.86 -6.20 19.59
CA HIS A 63 -30.45 -6.34 18.18
C HIS A 63 -31.53 -5.90 17.18
N ASP A 64 -32.06 -4.70 17.41
CA ASP A 64 -33.03 -4.13 16.49
C ASP A 64 -32.29 -3.48 15.32
N ILE A 65 -33.03 -2.90 14.39
CA ILE A 65 -32.47 -2.26 13.20
C ILE A 65 -32.72 -0.77 13.30
N LYS A 66 -31.64 0.02 13.28
CA LYS A 66 -31.75 1.46 13.24
C LYS A 66 -31.53 1.95 11.80
N GLU A 67 -31.48 3.28 11.66
CA GLU A 67 -31.36 3.90 10.36
C GLU A 67 -30.56 5.19 10.50
N ASP A 68 -29.95 5.61 9.39
CA ASP A 68 -29.13 6.81 9.36
C ASP A 68 -29.16 7.39 7.96
N SER A 69 -28.82 8.67 7.86
CA SER A 69 -28.75 9.35 6.57
C SER A 69 -27.49 8.95 5.83
N MET A 70 -27.56 8.95 4.50
CA MET A 70 -26.47 8.46 3.66
C MET A 70 -25.48 9.58 3.32
N ASP A 71 -25.67 10.79 3.83
CA ASP A 71 -24.66 11.82 3.63
C ASP A 71 -23.45 11.67 4.55
N LYS A 72 -23.48 10.73 5.51
CA LYS A 72 -22.37 10.54 6.45
C LYS A 72 -21.48 9.35 6.09
N ILE A 73 -21.72 8.69 4.95
CA ILE A 73 -20.94 7.52 4.58
C ILE A 73 -19.73 8.02 3.80
N ALA A 74 -18.59 7.34 3.97
CA ALA A 74 -17.37 7.76 3.29
C ALA A 74 -16.58 6.52 2.89
N ILE A 75 -16.05 6.58 1.67
CA ILE A 75 -15.31 5.47 1.07
C ILE A 75 -13.95 5.98 0.64
N SER A 76 -12.91 5.19 0.92
CA SER A 76 -11.53 5.61 0.69
C SER A 76 -10.66 4.40 0.48
N THR A 77 -9.65 4.54 -0.38
CA THR A 77 -8.58 3.55 -0.50
C THR A 77 -7.23 4.13 -0.07
N SER A 78 -6.79 5.20 -0.73
CA SER A 78 -5.64 5.98 -0.29
C SER A 78 -6.04 7.42 0.01
N GLY A 79 -6.73 8.06 -0.93
CA GLY A 79 -7.52 9.24 -0.64
C GLY A 79 -8.98 8.84 -0.63
N PRO A 80 -9.87 9.82 -0.47
CA PRO A 80 -11.31 9.51 -0.50
C PRO A 80 -11.75 9.10 -1.89
N CYS A 81 -12.78 8.24 -1.95
CA CYS A 81 -13.34 7.78 -3.21
C CYS A 81 -14.73 8.38 -3.41
N ARG A 82 -15.03 8.63 -4.69
CA ARG A 82 -16.30 9.30 -5.05
C ARG A 82 -17.39 8.25 -5.21
N ARG A 83 -18.56 8.54 -4.62
CA ARG A 83 -19.67 7.60 -4.70
C ARG A 83 -20.42 7.77 -6.03
N LEU A 84 -20.73 6.65 -6.67
CA LEU A 84 -21.45 6.69 -7.94
C LEU A 84 -22.86 6.12 -7.86
N GLY A 85 -23.05 4.96 -7.24
CA GLY A 85 -24.38 4.35 -7.23
C GLY A 85 -24.55 3.37 -6.10
N HIS A 86 -25.81 3.01 -5.87
CA HIS A 86 -26.15 2.12 -4.77
C HIS A 86 -27.50 1.48 -5.05
N LYS A 87 -27.61 0.19 -4.72
CA LYS A 87 -28.89 -0.51 -4.73
C LYS A 87 -28.80 -1.66 -3.74
N GLY A 88 -29.45 -1.50 -2.59
CA GLY A 88 -29.42 -2.55 -1.58
C GLY A 88 -28.05 -2.70 -0.97
N TYR A 89 -27.51 -3.93 -1.07
CA TYR A 89 -26.27 -4.31 -0.40
C TYR A 89 -25.03 -3.63 -0.98
N PHE A 90 -25.13 -3.01 -2.16
CA PHE A 90 -23.97 -2.74 -3.00
C PHE A 90 -23.64 -1.25 -3.09
N LEU A 91 -22.37 -0.97 -3.34
CA LEU A 91 -21.88 0.34 -3.76
C LEU A 91 -21.10 0.21 -5.06
N LEU A 92 -20.49 1.33 -5.44
CA LEU A 92 -19.52 1.37 -6.53
C LEU A 92 -18.62 2.58 -6.26
N ALA A 93 -17.36 2.48 -6.66
CA ALA A 93 -16.37 3.48 -6.29
C ALA A 93 -15.48 3.81 -7.47
N GLN A 94 -14.96 5.04 -7.48
CA GLN A 94 -13.93 5.46 -8.42
C GLN A 94 -12.95 6.39 -7.71
N CYS A 95 -11.67 5.99 -7.69
CA CYS A 95 -10.60 6.69 -6.99
C CYS A 95 -9.24 6.15 -7.42
N PRO A 96 -8.15 6.92 -7.28
CA PRO A 96 -6.82 6.36 -7.60
C PRO A 96 -6.44 5.24 -6.64
N PRO A 97 -5.63 4.28 -7.10
CA PRO A 97 -5.53 2.98 -6.41
C PRO A 97 -4.84 3.05 -5.06
N GLY A 98 -5.13 2.04 -4.24
CA GLY A 98 -4.46 1.84 -2.97
C GLY A 98 -4.25 0.37 -2.75
N ASP A 99 -3.70 0.04 -1.58
CA ASP A 99 -3.43 -1.34 -1.24
C ASP A 99 -4.58 -2.02 -0.49
N SER A 100 -5.61 -1.26 -0.12
CA SER A 100 -6.76 -1.82 0.58
C SER A 100 -7.95 -0.91 0.33
N VAL A 101 -9.15 -1.45 0.61
CA VAL A 101 -10.40 -0.72 0.41
C VAL A 101 -11.06 -0.50 1.76
N THR A 102 -11.53 0.73 2.00
CA THR A 102 -12.23 1.09 3.22
C THR A 102 -13.57 1.73 2.89
N VAL A 103 -14.60 1.33 3.63
CA VAL A 103 -15.86 2.06 3.73
C VAL A 103 -16.01 2.48 5.19
N SER A 104 -16.41 3.74 5.40
CA SER A 104 -16.41 4.31 6.74
C SER A 104 -17.65 5.14 6.97
N ILE A 105 -18.36 4.85 8.06
CA ILE A 105 -19.49 5.64 8.52
C ILE A 105 -19.03 6.47 9.73
N THR A 106 -19.47 7.71 9.77
CA THR A 106 -19.16 8.64 10.86
C THR A 106 -20.47 9.04 11.52
N SER A 107 -20.91 8.23 12.48
CA SER A 107 -22.15 8.49 13.20
C SER A 107 -21.84 9.43 14.36
N GLY A 108 -21.66 10.70 14.04
CA GLY A 108 -21.28 11.67 15.05
C GLY A 108 -19.84 11.45 15.48
N ALA A 109 -19.62 11.28 16.78
CA ALA A 109 -18.29 10.97 17.31
C ALA A 109 -17.97 9.48 17.25
N SER A 110 -18.95 8.64 16.93
CA SER A 110 -18.74 7.20 16.82
C SER A 110 -18.52 6.87 15.35
N GLU A 111 -17.26 6.64 14.98
CA GLU A 111 -16.87 6.33 13.63
C GLU A 111 -16.56 4.83 13.55
N ASN A 112 -17.10 4.17 12.53
CA ASN A 112 -16.89 2.74 12.31
C ASN A 112 -16.50 2.53 10.85
N SER A 113 -15.54 1.64 10.63
CA SER A 113 -15.09 1.30 9.29
C SER A 113 -14.69 -0.17 9.24
N CYS A 114 -14.41 -0.67 8.04
CA CYS A 114 -13.91 -2.03 7.85
C CYS A 114 -12.95 -2.04 6.67
N THR A 115 -11.87 -2.82 6.80
CA THR A 115 -10.82 -2.85 5.79
C THR A 115 -10.45 -4.29 5.47
N VAL A 116 -10.40 -4.61 4.17
CA VAL A 116 -9.97 -5.93 3.70
C VAL A 116 -8.89 -5.72 2.66
N GLU A 117 -8.21 -6.82 2.29
CA GLU A 117 -7.09 -6.75 1.36
C GLU A 117 -7.58 -6.87 -0.08
N LYS A 118 -7.18 -5.93 -0.92
CA LYS A 118 -7.38 -6.05 -2.36
C LYS A 118 -6.30 -5.23 -3.06
N LYS A 119 -5.68 -5.80 -4.08
CA LYS A 119 -4.58 -5.16 -4.79
C LYS A 119 -5.13 -4.49 -6.04
N ILE A 120 -5.79 -3.36 -5.86
CA ILE A 120 -6.36 -2.61 -6.98
C ILE A 120 -5.26 -1.77 -7.62
N ARG A 121 -5.25 -1.72 -8.94
CA ARG A 121 -4.30 -0.91 -9.71
C ARG A 121 -5.03 -0.07 -10.75
N ARG A 122 -4.24 0.80 -11.38
CA ARG A 122 -4.76 1.68 -12.44
C ARG A 122 -4.69 0.88 -13.73
N LYS A 123 -5.84 0.65 -14.33
CA LYS A 123 -5.92 -0.18 -15.52
C LYS A 123 -6.23 0.68 -16.74
N PHE A 124 -5.87 0.17 -17.92
CA PHE A 124 -6.11 0.88 -19.17
C PHE A 124 -6.75 -0.06 -20.18
N VAL A 125 -7.28 0.54 -21.23
CA VAL A 125 -7.74 -0.16 -22.42
C VAL A 125 -6.93 0.36 -23.60
N GLY A 126 -6.54 -0.54 -24.50
CA GLY A 126 -5.77 -0.17 -25.67
C GLY A 126 -4.32 -0.60 -25.53
N ARG A 127 -3.42 0.17 -26.15
CA ARG A 127 -2.02 -0.18 -26.20
C ARG A 127 -1.12 0.86 -25.52
N GLU A 128 -1.69 1.95 -25.02
CA GLU A 128 -0.95 2.91 -24.21
C GLU A 128 -1.73 3.18 -22.94
N GLU A 129 -1.04 3.23 -21.80
CA GLU A 129 -1.69 3.55 -20.56
C GLU A 129 -1.85 5.06 -20.42
N TYR A 130 -2.86 5.46 -19.65
CA TYR A 130 -3.32 6.85 -19.62
C TYR A 130 -3.92 7.18 -18.27
N LEU A 131 -3.63 8.38 -17.77
CA LEU A 131 -4.17 8.82 -16.48
C LEU A 131 -5.66 9.11 -16.58
N PHE A 132 -6.07 9.87 -17.59
CA PHE A 132 -7.48 10.11 -17.86
C PHE A 132 -7.71 9.94 -19.37
N PRO A 133 -8.93 9.55 -19.79
CA PRO A 133 -9.22 9.48 -21.22
C PRO A 133 -9.19 10.86 -21.84
N PRO A 134 -8.38 11.05 -22.88
CA PRO A 134 -8.17 12.40 -23.42
C PRO A 134 -9.35 12.89 -24.24
N VAL A 135 -9.25 14.17 -24.64
CA VAL A 135 -10.31 14.81 -25.41
C VAL A 135 -10.35 14.25 -26.83
N HIS A 136 -9.20 13.83 -27.36
CA HIS A 136 -9.09 13.39 -28.75
C HIS A 136 -8.52 11.98 -28.80
N GLY A 137 -9.10 11.14 -29.64
CA GLY A 137 -8.57 9.82 -29.85
C GLY A 137 -9.58 8.90 -30.49
N LYS A 138 -9.12 7.68 -30.74
CA LYS A 138 -9.95 6.64 -31.33
C LYS A 138 -10.91 6.08 -30.29
N LEU A 139 -12.14 5.81 -30.74
CA LEU A 139 -13.15 5.17 -29.90
C LEU A 139 -13.03 3.66 -30.11
N VAL A 140 -12.53 2.96 -29.08
CA VAL A 140 -12.30 1.53 -29.18
C VAL A 140 -13.26 0.79 -28.27
N LYS A 141 -13.23 -0.54 -28.32
CA LYS A 141 -14.14 -1.39 -27.57
C LYS A 141 -13.67 -1.48 -26.12
N CYS A 142 -14.58 -1.26 -25.18
CA CYS A 142 -14.28 -1.29 -23.75
C CYS A 142 -15.48 -1.82 -22.98
N HIS A 143 -15.24 -2.21 -21.73
CA HIS A 143 -16.27 -2.69 -20.82
C HIS A 143 -16.21 -1.90 -19.53
N VAL A 144 -17.36 -1.37 -19.11
CA VAL A 144 -17.44 -0.52 -17.93
C VAL A 144 -18.63 -0.98 -17.08
N TYR A 145 -18.60 -0.65 -15.80
CA TYR A 145 -19.77 -0.82 -14.95
C TYR A 145 -20.86 0.16 -15.37
N ASP A 146 -22.11 -0.32 -15.41
CA ASP A 146 -23.20 0.55 -15.79
C ASP A 146 -23.54 1.50 -14.65
N HIS A 147 -23.91 2.73 -15.02
CA HIS A 147 -24.38 3.70 -14.03
C HIS A 147 -25.80 3.44 -13.56
N LEU A 148 -26.64 2.85 -14.41
CA LEU A 148 -28.04 2.67 -14.10
C LEU A 148 -28.21 1.53 -13.09
N LYS A 149 -29.08 1.72 -12.12
CA LYS A 149 -29.12 0.83 -10.96
C LYS A 149 -30.09 -0.33 -11.17
N GLU A 150 -31.06 -0.16 -12.06
CA GLU A 150 -32.02 -1.23 -12.35
C GLU A 150 -31.47 -2.24 -13.37
N THR A 151 -30.34 -2.84 -13.06
CA THR A 151 -29.69 -3.84 -13.88
C THR A 151 -29.52 -5.13 -13.08
N SER A 152 -29.15 -6.21 -13.77
CA SER A 152 -29.02 -7.52 -13.14
C SER A 152 -27.90 -8.30 -13.82
N ALA A 153 -26.77 -8.44 -13.14
CA ALA A 153 -25.63 -9.20 -13.63
C ALA A 153 -25.54 -10.60 -13.03
N GLY A 154 -26.55 -11.05 -12.32
CA GLY A 154 -26.52 -12.34 -11.69
C GLY A 154 -27.47 -12.37 -10.51
N TYR A 155 -27.21 -13.31 -9.60
CA TYR A 155 -28.01 -13.45 -8.39
C TYR A 155 -27.16 -13.99 -7.25
N ILE A 156 -27.54 -13.61 -6.03
CA ILE A 156 -26.99 -14.17 -4.80
C ILE A 156 -28.15 -14.81 -4.04
N THR A 157 -27.83 -15.74 -3.13
CA THR A 157 -28.86 -16.48 -2.41
C THR A 157 -28.90 -16.02 -0.95
N MET A 158 -30.12 -15.89 -0.42
CA MET A 158 -30.34 -15.58 0.99
C MET A 158 -31.12 -16.70 1.65
N HIS A 159 -30.78 -16.97 2.90
CA HIS A 159 -31.39 -18.01 3.73
C HIS A 159 -31.76 -17.44 5.09
N ARG A 160 -32.43 -18.28 5.90
CA ARG A 160 -32.90 -17.87 7.21
C ARG A 160 -31.74 -17.78 8.20
N PRO A 161 -31.74 -16.78 9.07
CA PRO A 161 -30.72 -16.73 10.13
C PRO A 161 -30.94 -17.79 11.18
N GLY A 162 -29.85 -18.18 11.84
CA GLY A 162 -29.92 -19.18 12.87
C GLY A 162 -30.05 -18.62 14.27
N PRO A 163 -29.65 -19.39 15.28
CA PRO A 163 -29.74 -18.91 16.67
C PRO A 163 -28.70 -17.83 16.96
N HIS A 164 -29.17 -16.58 17.02
CA HIS A 164 -28.32 -15.43 17.36
C HIS A 164 -28.47 -15.19 18.86
N ALA A 165 -27.70 -15.94 19.64
CA ALA A 165 -27.84 -15.92 21.09
C ALA A 165 -27.11 -14.73 21.69
N TYR A 166 -27.41 -14.46 22.97
CA TYR A 166 -26.83 -13.35 23.69
C TYR A 166 -26.51 -13.78 25.12
N LYS A 167 -25.54 -13.08 25.73
CA LYS A 167 -25.20 -13.28 27.13
C LYS A 167 -26.13 -12.52 28.06
N SER A 168 -26.61 -11.35 27.63
CA SER A 168 -27.50 -10.54 28.47
C SER A 168 -28.89 -11.15 28.61
N TYR A 169 -29.23 -12.14 27.78
CA TYR A 169 -30.48 -12.86 27.95
C TYR A 169 -30.48 -13.77 29.17
N LEU A 170 -29.32 -14.08 29.73
CA LEU A 170 -29.21 -14.92 30.91
C LEU A 170 -28.64 -14.12 32.08
N GLU A 171 -29.04 -14.50 33.29
CA GLU A 171 -28.51 -13.90 34.51
C GLU A 171 -28.19 -15.02 35.49
N GLU A 172 -27.17 -14.80 36.31
CA GLU A 172 -26.75 -15.77 37.32
C GLU A 172 -26.85 -15.14 38.70
N ALA A 173 -27.64 -15.76 39.57
CA ALA A 173 -27.79 -15.29 40.94
C ALA A 173 -28.22 -16.46 41.81
N SER A 174 -27.51 -16.63 42.95
CA SER A 174 -27.76 -17.67 43.95
C SER A 174 -27.69 -19.07 43.36
N GLY A 175 -26.76 -19.27 42.42
CA GLY A 175 -26.52 -20.59 41.87
C GLY A 175 -27.60 -21.13 40.96
N GLU A 176 -28.45 -20.26 40.41
CA GLU A 176 -29.54 -20.68 39.55
C GLU A 176 -29.62 -19.74 38.35
N VAL A 177 -29.82 -20.33 37.16
CA VAL A 177 -29.81 -19.60 35.90
C VAL A 177 -31.22 -19.07 35.63
N TYR A 178 -31.34 -17.75 35.45
CA TYR A 178 -32.58 -17.12 35.04
C TYR A 178 -32.42 -16.51 33.66
N ILE A 179 -33.47 -16.64 32.85
CA ILE A 179 -33.52 -16.09 31.50
C ILE A 179 -34.65 -15.07 31.44
N LYS A 180 -34.29 -13.84 31.05
CA LYS A 180 -35.29 -12.74 30.95
C LYS A 180 -35.46 -12.32 29.47
N PRO A 181 -36.56 -12.69 28.74
CA PRO A 181 -36.74 -12.23 27.38
C PRO A 181 -37.13 -10.76 27.36
N PRO A 182 -36.97 -10.07 26.22
CA PRO A 182 -37.47 -8.70 26.13
C PRO A 182 -38.99 -8.63 26.05
N SER A 183 -39.53 -7.41 26.08
CA SER A 183 -40.97 -7.24 26.20
C SER A 183 -41.68 -7.53 24.87
N GLY A 184 -42.53 -8.56 24.87
CA GLY A 184 -43.36 -8.87 23.72
C GLY A 184 -42.77 -9.85 22.73
N LYS A 185 -41.50 -10.21 22.94
CA LYS A 185 -40.80 -11.12 21.99
C LYS A 185 -40.49 -12.43 22.71
N ASN A 186 -41.13 -13.52 22.28
CA ASN A 186 -40.83 -14.85 22.89
C ASN A 186 -39.38 -15.21 22.58
N VAL A 187 -38.65 -15.74 23.56
CA VAL A 187 -37.23 -16.17 23.35
C VAL A 187 -37.13 -17.66 23.71
N THR A 188 -36.79 -18.50 22.73
CA THR A 188 -36.67 -19.93 22.99
C THR A 188 -35.31 -20.25 23.62
N TYR A 189 -35.21 -21.46 24.16
CA TYR A 189 -34.05 -21.84 24.96
C TYR A 189 -33.78 -23.34 24.86
N GLU A 190 -32.53 -23.70 25.08
CA GLU A 190 -31.97 -25.05 24.93
C GLU A 190 -30.62 -25.13 25.60
N CYS A 191 -30.47 -26.11 26.50
CA CYS A 191 -29.16 -26.41 27.07
C CYS A 191 -29.11 -27.81 27.69
N LYS A 192 -27.90 -28.16 28.12
CA LYS A 192 -27.59 -29.45 28.76
C LYS A 192 -27.31 -29.22 30.23
N CYS A 193 -28.35 -29.26 31.04
CA CYS A 193 -28.23 -29.33 32.50
C CYS A 193 -28.74 -30.68 33.00
N GLY A 194 -28.39 -31.74 32.29
CA GLY A 194 -28.93 -33.05 32.54
C GLY A 194 -29.53 -33.67 31.30
N ASP A 195 -30.86 -33.74 31.26
CA ASP A 195 -31.55 -34.30 30.11
C ASP A 195 -31.88 -33.22 29.08
N TYR A 196 -32.44 -33.66 27.96
CA TYR A 196 -32.83 -32.75 26.88
C TYR A 196 -34.07 -31.97 27.27
N SER A 197 -34.00 -30.64 27.15
CA SER A 197 -35.10 -29.77 27.56
C SER A 197 -35.21 -28.57 26.63
N THR A 198 -36.38 -28.39 26.03
CA THR A 198 -36.59 -27.36 25.01
C THR A 198 -37.95 -26.70 25.23
N GLY A 199 -37.97 -25.37 25.13
CA GLY A 199 -39.22 -24.65 25.20
C GLY A 199 -39.06 -23.25 24.65
N ILE A 200 -40.20 -22.53 24.60
CA ILE A 200 -40.24 -21.13 24.22
C ILE A 200 -40.90 -20.36 25.37
N VAL A 201 -40.29 -19.26 25.79
CA VAL A 201 -40.75 -18.50 26.94
C VAL A 201 -40.68 -17.01 26.58
N SER A 202 -41.54 -16.20 27.20
CA SER A 202 -41.57 -14.76 27.00
C SER A 202 -41.50 -13.98 28.30
N THR A 203 -41.26 -14.64 29.43
CA THR A 203 -41.29 -14.03 30.74
C THR A 203 -40.13 -14.61 31.54
N ARG A 204 -39.56 -13.80 32.44
CA ARG A 204 -38.52 -14.25 33.37
C ARG A 204 -38.98 -15.45 34.19
N THR A 205 -38.33 -16.59 33.97
CA THR A 205 -38.74 -17.86 34.54
C THR A 205 -37.52 -18.60 35.07
N LYS A 206 -37.66 -19.19 36.25
CA LYS A 206 -36.58 -19.93 36.88
C LYS A 206 -36.31 -21.23 36.15
N MET A 207 -35.14 -21.81 36.43
CA MET A 207 -34.64 -22.99 35.74
C MET A 207 -33.85 -23.86 36.72
N ASN A 208 -34.13 -25.16 36.69
CA ASN A 208 -33.59 -26.08 37.67
C ASN A 208 -32.37 -26.82 37.12
N GLY A 209 -31.50 -27.24 38.05
CA GLY A 209 -30.39 -28.12 37.75
C GLY A 209 -29.20 -27.48 37.04
N CYS A 210 -29.05 -26.17 37.08
CA CYS A 210 -27.95 -25.48 36.42
C CYS A 210 -27.13 -24.74 37.46
N THR A 211 -25.80 -24.76 37.32
CA THR A 211 -24.91 -24.20 38.32
C THR A 211 -23.99 -23.09 37.80
N LYS A 212 -23.80 -22.98 36.49
CA LYS A 212 -22.86 -22.02 35.94
C LYS A 212 -23.56 -21.17 34.88
N ALA A 213 -23.14 -19.91 34.78
CA ALA A 213 -23.83 -18.93 33.94
C ALA A 213 -23.70 -19.24 32.45
N LYS A 214 -22.57 -19.81 32.04
CA LYS A 214 -22.34 -20.08 30.62
C LYS A 214 -22.95 -21.40 30.17
N GLN A 215 -23.73 -22.06 31.02
CA GLN A 215 -24.27 -23.38 30.69
C GLN A 215 -25.42 -23.34 29.71
N CYS A 216 -26.07 -22.20 29.50
CA CYS A 216 -27.28 -22.20 28.68
C CYS A 216 -27.30 -21.09 27.64
N ILE A 217 -28.23 -21.25 26.69
CA ILE A 217 -28.33 -20.44 25.49
C ILE A 217 -29.78 -20.00 25.32
N ALA A 218 -29.98 -18.69 25.09
CA ALA A 218 -31.29 -18.15 24.78
C ALA A 218 -31.19 -17.25 23.56
N TYR A 219 -32.19 -17.35 22.68
CA TYR A 219 -32.20 -16.56 21.45
C TYR A 219 -33.63 -16.39 20.98
N LYS A 220 -33.89 -15.31 20.26
CA LYS A 220 -35.21 -15.04 19.73
C LYS A 220 -35.31 -15.51 18.29
N SER A 221 -36.48 -16.04 17.94
CA SER A 221 -36.72 -16.60 16.61
C SER A 221 -37.14 -15.47 15.67
N ASP A 222 -36.24 -15.05 14.80
CA ASP A 222 -36.50 -14.03 13.79
C ASP A 222 -36.61 -14.73 12.44
N GLN A 223 -37.81 -15.21 12.13
CA GLN A 223 -38.07 -15.88 10.87
C GLN A 223 -38.61 -14.95 9.79
N THR A 224 -38.77 -13.66 10.11
CA THR A 224 -39.27 -12.67 9.15
C THR A 224 -38.15 -11.92 8.44
N LYS A 225 -36.90 -12.39 8.55
CA LYS A 225 -35.76 -11.64 8.06
C LYS A 225 -34.92 -12.55 7.18
N TRP A 226 -34.32 -11.96 6.14
CA TRP A 226 -33.47 -12.68 5.21
C TRP A 226 -32.05 -12.15 5.31
N VAL A 227 -31.08 -13.06 5.36
CA VAL A 227 -29.67 -12.71 5.44
C VAL A 227 -28.90 -13.46 4.36
N PHE A 228 -27.84 -12.83 3.89
CA PHE A 228 -26.98 -13.38 2.84
C PHE A 228 -26.23 -14.61 3.33
N ASN A 229 -25.99 -15.56 2.42
CA ASN A 229 -25.24 -16.76 2.74
C ASN A 229 -23.76 -16.45 2.91
N SER A 230 -23.39 -15.89 4.06
CA SER A 230 -22.08 -15.45 4.51
C SER A 230 -21.43 -16.51 5.41
N PRO A 231 -20.10 -16.62 5.39
CA PRO A 231 -19.43 -17.53 6.32
C PRO A 231 -19.19 -16.98 7.72
N ASP A 232 -19.86 -15.91 8.11
CA ASP A 232 -19.63 -15.25 9.39
C ASP A 232 -20.87 -15.27 10.28
N LEU A 233 -21.97 -15.86 9.80
CA LEU A 233 -23.23 -15.92 10.53
C LEU A 233 -23.67 -17.35 10.73
N ILE A 234 -24.63 -17.53 11.62
CA ILE A 234 -25.29 -18.81 11.86
C ILE A 234 -26.54 -18.89 10.99
N ARG A 235 -26.75 -20.04 10.35
CA ARG A 235 -27.91 -20.23 9.49
C ARG A 235 -28.91 -21.17 10.18
N HIS A 236 -30.09 -21.30 9.57
CA HIS A 236 -31.12 -22.15 10.12
C HIS A 236 -30.81 -23.62 9.79
N THR A 237 -31.53 -24.53 10.44
CA THR A 237 -31.30 -25.96 10.23
C THR A 237 -31.72 -26.40 8.83
N ASP A 238 -32.64 -25.68 8.20
CA ASP A 238 -33.04 -25.95 6.82
C ASP A 238 -32.37 -24.89 5.96
N HIS A 239 -31.33 -25.30 5.24
CA HIS A 239 -30.57 -24.38 4.39
C HIS A 239 -31.02 -24.51 2.93
N SER A 240 -32.29 -24.23 2.71
CA SER A 240 -32.87 -24.28 1.38
C SER A 240 -32.83 -22.89 0.76
N VAL A 241 -32.79 -22.86 -0.57
CA VAL A 241 -32.85 -21.58 -1.28
C VAL A 241 -34.29 -21.08 -1.22
N GLN A 242 -34.46 -19.80 -0.89
CA GLN A 242 -35.78 -19.22 -0.72
C GLN A 242 -35.89 -17.83 -1.31
N GLY A 243 -34.82 -17.29 -1.89
CA GLY A 243 -34.88 -15.98 -2.50
C GLY A 243 -33.61 -15.67 -3.25
N LYS A 244 -33.75 -14.72 -4.20
CA LYS A 244 -32.60 -14.29 -5.04
C LYS A 244 -32.67 -12.76 -5.22
N LEU A 245 -31.54 -12.08 -5.05
CA LEU A 245 -31.45 -10.64 -5.25
C LEU A 245 -30.43 -10.39 -6.36
N HIS A 246 -30.68 -9.34 -7.13
CA HIS A 246 -29.94 -9.12 -8.37
C HIS A 246 -28.51 -8.66 -8.12
N ILE A 247 -27.71 -8.66 -9.18
CA ILE A 247 -26.40 -8.01 -9.17
C ILE A 247 -26.51 -6.78 -10.06
N PRO A 248 -26.78 -5.59 -9.51
CA PRO A 248 -26.80 -4.38 -10.36
C PRO A 248 -25.41 -3.95 -10.80
N PHE A 249 -25.38 -2.91 -11.65
CA PHE A 249 -24.16 -2.34 -12.25
C PHE A 249 -23.41 -3.41 -13.05
N ARG A 250 -24.07 -3.86 -14.12
CA ARG A 250 -23.50 -4.85 -15.02
C ARG A 250 -22.27 -4.31 -15.75
N LEU A 251 -21.39 -5.22 -16.14
CA LEU A 251 -20.23 -4.87 -16.95
C LEU A 251 -20.73 -4.67 -18.38
N THR A 252 -21.23 -3.45 -18.67
CA THR A 252 -21.91 -3.17 -19.93
C THR A 252 -20.89 -2.85 -21.03
N PRO A 253 -21.17 -3.25 -22.28
CA PRO A 253 -20.27 -2.90 -23.38
C PRO A 253 -20.58 -1.51 -23.96
N THR A 254 -19.52 -0.74 -24.16
CA THR A 254 -19.62 0.61 -24.71
C THR A 254 -18.31 0.95 -25.40
N VAL A 255 -18.14 2.22 -25.75
CA VAL A 255 -16.95 2.71 -26.43
C VAL A 255 -16.22 3.69 -25.51
N CYS A 256 -14.88 3.60 -25.49
CA CYS A 256 -14.05 4.44 -24.67
C CYS A 256 -12.98 5.13 -25.50
N PRO A 257 -12.65 6.39 -25.21
CA PRO A 257 -11.57 7.06 -25.96
C PRO A 257 -10.19 6.73 -25.41
N VAL A 258 -9.25 6.54 -26.32
CA VAL A 258 -7.87 6.19 -25.95
C VAL A 258 -6.93 7.17 -26.63
N PRO A 259 -5.79 7.50 -26.04
CA PRO A 259 -4.86 8.44 -26.70
C PRO A 259 -4.13 7.79 -27.86
N LEU A 260 -3.72 8.64 -28.80
CA LEU A 260 -2.89 8.26 -29.94
C LEU A 260 -1.52 8.88 -29.75
N ALA A 261 -0.47 8.09 -30.00
CA ALA A 261 0.88 8.57 -29.84
C ALA A 261 1.29 9.42 -31.05
N HIS A 262 2.51 9.96 -30.99
CA HIS A 262 3.05 10.72 -32.10
C HIS A 262 3.37 9.80 -33.27
N THR A 263 3.06 10.24 -34.48
CA THR A 263 3.34 9.44 -35.66
C THR A 263 4.84 9.42 -35.91
N PRO A 264 5.47 8.25 -35.98
CA PRO A 264 6.94 8.20 -36.05
C PRO A 264 7.46 8.57 -37.43
N THR A 265 8.72 8.98 -37.46
CA THR A 265 9.42 9.31 -38.69
C THR A 265 10.14 8.05 -39.20
N VAL A 266 9.80 7.63 -40.42
CA VAL A 266 10.34 6.42 -41.00
C VAL A 266 11.53 6.78 -41.88
N THR A 267 12.69 6.22 -41.55
CA THR A 267 13.90 6.36 -42.35
C THR A 267 14.12 5.07 -43.12
N LYS A 268 14.17 5.16 -44.44
CA LYS A 268 14.26 4.00 -45.31
C LYS A 268 15.71 3.76 -45.70
N TRP A 269 16.09 2.50 -45.39
CA TRP A 269 17.46 2.05 -45.69
C TRP A 269 17.46 0.70 -46.40
N PHE A 270 18.53 0.42 -47.19
CA PHE A 270 18.55 -0.79 -48.02
C PHE A 270 18.25 -2.02 -47.18
N LYS A 271 17.06 -2.61 -47.41
CA LYS A 271 16.53 -3.76 -46.68
C LYS A 271 16.48 -3.49 -45.17
N GLY A 272 16.03 -2.29 -44.83
CA GLY A 272 15.95 -1.90 -43.44
C GLY A 272 15.26 -0.56 -43.21
N ILE A 273 14.57 -0.42 -42.08
CA ILE A 273 13.87 0.79 -41.71
C ILE A 273 14.29 1.20 -40.31
N THR A 274 14.13 2.50 -40.02
CA THR A 274 14.46 3.08 -38.72
C THR A 274 13.26 3.90 -38.25
N LEU A 275 12.77 3.57 -37.06
CA LEU A 275 11.62 4.26 -36.49
C LEU A 275 12.10 5.34 -35.53
N HIS A 276 11.93 6.60 -35.91
CA HIS A 276 12.20 7.72 -35.02
C HIS A 276 10.95 7.99 -34.19
N LEU A 277 11.00 7.63 -32.92
CA LEU A 277 9.83 7.64 -32.03
C LEU A 277 9.99 8.71 -30.97
N THR A 278 8.87 9.33 -30.61
CA THR A 278 8.77 10.16 -29.41
C THR A 278 7.58 9.67 -28.60
N ALA A 279 7.78 9.45 -27.30
CA ALA A 279 6.71 8.93 -26.45
C ALA A 279 6.92 9.44 -25.03
N THR A 280 5.95 10.21 -24.53
CA THR A 280 5.97 10.62 -23.14
C THR A 280 5.63 9.47 -22.20
N ARG A 281 4.68 8.63 -22.58
CA ARG A 281 4.25 7.47 -21.82
C ARG A 281 4.70 6.22 -22.57
N PRO A 282 4.91 5.10 -21.85
CA PRO A 282 5.27 3.84 -22.53
C PRO A 282 4.23 3.35 -23.54
N THR A 283 4.70 3.13 -24.76
CA THR A 283 3.86 2.79 -25.90
C THR A 283 4.34 1.45 -26.47
N LEU A 284 3.41 0.54 -26.68
CA LEU A 284 3.72 -0.79 -27.19
C LEU A 284 3.97 -0.72 -28.69
N LEU A 285 5.09 -1.28 -29.13
CA LEU A 285 5.41 -1.43 -30.55
C LEU A 285 5.55 -2.90 -30.85
N THR A 286 4.76 -3.38 -31.81
CA THR A 286 4.72 -4.80 -32.17
C THR A 286 4.91 -4.95 -33.68
N THR A 287 5.91 -5.72 -34.07
CA THR A 287 6.23 -5.96 -35.47
C THR A 287 6.20 -7.46 -35.77
N ARG A 288 5.94 -7.77 -37.04
CA ARG A 288 5.99 -9.15 -37.52
C ARG A 288 6.28 -9.13 -39.03
N LYS A 289 6.92 -10.19 -39.52
CA LYS A 289 7.19 -10.30 -40.95
C LYS A 289 5.98 -10.88 -41.67
N LEU A 290 5.90 -10.59 -42.97
CA LEU A 290 4.79 -11.03 -43.81
C LEU A 290 5.11 -12.32 -44.56
N GLY A 291 6.13 -13.06 -44.11
CA GLY A 291 6.57 -14.26 -44.76
C GLY A 291 6.19 -15.51 -43.99
N LEU A 292 6.99 -16.57 -44.20
CA LEU A 292 6.74 -17.84 -43.51
C LEU A 292 7.05 -17.73 -42.02
N ARG A 293 8.14 -17.05 -41.66
CA ARG A 293 8.49 -16.82 -40.28
C ARG A 293 7.98 -15.44 -39.88
N ALA A 294 7.26 -15.38 -38.76
CA ALA A 294 6.70 -14.11 -38.31
C ALA A 294 7.79 -13.18 -37.77
N ASP A 295 8.76 -13.75 -37.04
CA ASP A 295 9.83 -13.01 -36.34
C ASP A 295 9.26 -11.91 -35.46
N ALA A 296 8.28 -12.28 -34.64
CA ALA A 296 7.50 -11.31 -33.88
C ALA A 296 8.31 -10.71 -32.73
N THR A 297 8.28 -9.38 -32.63
CA THR A 297 8.93 -8.65 -31.55
C THR A 297 7.94 -7.72 -30.89
N ALA A 298 8.13 -7.51 -29.59
CA ALA A 298 7.32 -6.57 -28.82
C ALA A 298 8.16 -5.96 -27.70
N GLU A 299 8.14 -4.63 -27.61
CA GLU A 299 8.88 -3.94 -26.58
C GLU A 299 7.99 -2.84 -26.01
N TRP A 300 8.19 -2.52 -24.73
CA TRP A 300 7.57 -1.35 -24.12
C TRP A 300 8.63 -0.27 -23.99
N ILE A 301 8.48 0.81 -24.77
CA ILE A 301 9.53 1.80 -24.97
C ILE A 301 9.17 3.06 -24.21
N THR A 302 10.09 3.56 -23.39
CA THR A 302 9.94 4.84 -22.70
C THR A 302 10.89 5.85 -23.33
N GLY A 303 10.46 7.12 -23.36
CA GLY A 303 11.29 8.19 -23.87
C GLY A 303 11.41 8.21 -25.39
N THR A 304 12.48 8.82 -25.87
CA THR A 304 12.78 8.92 -27.29
C THR A 304 14.03 8.12 -27.60
N THR A 305 13.92 7.23 -28.59
CA THR A 305 15.04 6.42 -29.04
C THR A 305 14.80 6.05 -30.50
N SER A 306 15.67 5.21 -31.04
CA SER A 306 15.53 4.75 -32.42
C SER A 306 15.65 3.23 -32.45
N ARG A 307 14.78 2.60 -33.22
CA ARG A 307 14.79 1.15 -33.41
C ARG A 307 14.95 0.84 -34.88
N ASN A 308 15.80 -0.15 -35.18
CA ASN A 308 16.09 -0.56 -36.55
C ASN A 308 15.51 -1.95 -36.79
N PHE A 309 14.84 -2.13 -37.93
CA PHE A 309 14.28 -3.41 -38.32
C PHE A 309 14.68 -3.69 -39.76
N SER A 310 15.26 -4.86 -40.00
CA SER A 310 15.60 -5.26 -41.35
C SER A 310 14.34 -5.67 -42.11
N VAL A 311 14.24 -5.28 -43.38
CA VAL A 311 13.04 -5.50 -44.17
C VAL A 311 13.38 -6.44 -45.32
N GLY A 312 12.65 -7.54 -45.42
CA GLY A 312 12.82 -8.49 -46.49
C GLY A 312 11.87 -8.23 -47.65
N ARG A 313 11.96 -9.11 -48.65
CA ARG A 313 11.10 -8.99 -49.83
C ARG A 313 9.65 -9.34 -49.51
N GLU A 314 9.43 -10.23 -48.53
CA GLU A 314 8.07 -10.59 -48.15
C GLU A 314 7.35 -9.44 -47.45
N GLY A 315 8.07 -8.59 -46.74
CA GLY A 315 7.52 -7.38 -46.17
C GLY A 315 7.38 -7.45 -44.66
N LEU A 316 7.14 -6.29 -44.07
CA LEU A 316 7.00 -6.13 -42.63
C LEU A 316 5.73 -5.35 -42.32
N GLU A 317 5.29 -5.46 -41.07
CA GLU A 317 4.07 -4.84 -40.57
C GLU A 317 4.30 -4.44 -39.13
N TYR A 318 3.97 -3.19 -38.79
CA TYR A 318 4.13 -2.68 -37.43
C TYR A 318 2.91 -1.89 -37.01
N VAL A 319 2.60 -1.97 -35.72
CA VAL A 319 1.52 -1.18 -35.10
C VAL A 319 2.14 -0.34 -34.00
N TRP A 320 1.95 0.98 -34.06
CA TRP A 320 2.52 1.90 -33.09
C TRP A 320 1.38 2.41 -32.20
N GLY A 321 1.22 1.78 -31.04
CA GLY A 321 0.14 2.17 -30.14
C GLY A 321 -1.21 1.74 -30.68
N ASN A 322 -2.16 2.67 -30.66
CA ASN A 322 -3.51 2.41 -31.14
C ASN A 322 -3.70 2.79 -32.61
N HIS A 323 -2.62 3.01 -33.34
CA HIS A 323 -2.72 3.39 -34.74
C HIS A 323 -3.12 2.20 -35.62
N GLU A 324 -3.50 2.51 -36.85
CA GLU A 324 -3.89 1.51 -37.83
C GLU A 324 -2.65 0.72 -38.28
N PRO A 325 -2.83 -0.50 -38.79
CA PRO A 325 -1.66 -1.25 -39.32
C PRO A 325 -1.03 -0.56 -40.52
N VAL A 326 0.29 -0.47 -40.50
CA VAL A 326 1.08 0.14 -41.55
C VAL A 326 2.00 -0.93 -42.12
N ARG A 327 1.92 -1.13 -43.43
CA ARG A 327 2.62 -2.21 -44.11
C ARG A 327 3.69 -1.66 -45.06
N VAL A 328 4.83 -2.35 -45.12
CA VAL A 328 5.98 -1.92 -45.91
C VAL A 328 6.54 -3.12 -46.67
N TRP A 329 7.32 -2.84 -47.71
CA TRP A 329 8.09 -3.83 -48.45
C TRP A 329 9.44 -3.26 -48.84
N THR B 102 -14.11 -25.84 -35.49
CA THR B 102 -13.81 -25.80 -34.08
C THR B 102 -14.95 -26.39 -33.27
N ASN B 103 -14.60 -27.07 -32.18
CA ASN B 103 -15.57 -27.56 -31.20
C ASN B 103 -15.21 -27.01 -29.83
N LYS B 104 -16.23 -26.79 -29.01
CA LYS B 104 -16.00 -26.18 -27.70
C LYS B 104 -15.83 -27.28 -26.66
N GLU B 105 -14.64 -27.32 -26.03
CA GLU B 105 -14.40 -28.25 -24.95
C GLU B 105 -14.96 -27.73 -23.63
N TYR B 106 -14.51 -26.55 -23.21
CA TYR B 106 -14.98 -25.95 -21.97
C TYR B 106 -14.78 -24.45 -22.02
N VAL B 107 -15.35 -23.76 -21.04
CA VAL B 107 -15.09 -22.36 -20.79
C VAL B 107 -14.51 -22.22 -19.38
N THR B 108 -13.77 -21.14 -19.17
CA THR B 108 -13.16 -20.88 -17.87
C THR B 108 -13.10 -19.38 -17.64
N CYS B 109 -13.08 -18.99 -16.37
CA CYS B 109 -13.04 -17.60 -15.92
C CYS B 109 -12.58 -17.59 -14.46
N ARG B 110 -12.65 -16.42 -13.84
CA ARG B 110 -12.22 -16.32 -12.43
C ARG B 110 -13.30 -16.95 -11.57
N PHE B 111 -12.91 -17.83 -10.64
CA PHE B 111 -13.86 -18.50 -9.77
C PHE B 111 -14.15 -17.65 -8.54
N HIS B 112 -15.38 -17.75 -8.04
CA HIS B 112 -15.80 -17.01 -6.86
C HIS B 112 -15.79 -17.93 -5.66
N THR B 113 -15.04 -17.54 -4.63
CA THR B 113 -14.90 -18.32 -3.42
C THR B 113 -16.04 -17.96 -2.45
N VAL B 114 -17.00 -18.87 -2.31
CA VAL B 114 -18.15 -18.68 -1.44
C VAL B 114 -18.20 -19.86 -0.46
N ILE B 115 -18.52 -19.56 0.80
CA ILE B 115 -18.51 -20.53 1.89
C ILE B 115 -19.87 -20.51 2.58
N PRO B 116 -20.52 -21.65 2.76
CA PRO B 116 -21.78 -21.67 3.52
C PRO B 116 -21.55 -21.40 5.01
N SER B 117 -22.63 -21.09 5.70
CA SER B 117 -22.57 -20.65 7.09
C SER B 117 -22.17 -21.79 8.03
N PRO B 118 -21.24 -21.56 8.96
CA PRO B 118 -20.64 -22.63 9.78
C PRO B 118 -21.58 -23.13 10.86
N GLN B 119 -21.87 -24.43 10.83
CA GLN B 119 -22.54 -25.12 11.94
C GLN B 119 -21.63 -25.50 13.08
N VAL B 120 -22.01 -25.02 14.25
CA VAL B 120 -21.46 -25.42 15.53
C VAL B 120 -22.63 -25.89 16.37
N LYS B 121 -22.77 -27.20 16.50
CA LYS B 121 -23.60 -27.81 17.53
C LYS B 121 -22.62 -28.44 18.50
N CYS B 122 -22.28 -27.70 19.54
CA CYS B 122 -21.08 -27.98 20.31
C CYS B 122 -21.35 -28.85 21.52
N CYS B 123 -22.25 -29.82 21.39
CA CYS B 123 -22.33 -30.95 22.31
C CYS B 123 -22.35 -32.30 21.60
N GLY B 124 -22.99 -32.41 20.44
CA GLY B 124 -23.04 -33.64 19.68
C GLY B 124 -22.46 -33.50 18.28
N SER B 125 -22.12 -34.62 17.65
CA SER B 125 -21.46 -34.60 16.35
C SER B 125 -22.43 -34.18 15.25
N LEU B 126 -21.87 -33.58 14.20
CA LEU B 126 -22.63 -33.14 13.03
C LEU B 126 -22.22 -33.95 11.81
N GLU B 127 -23.21 -34.20 10.95
CA GLU B 127 -23.04 -35.05 9.77
C GLU B 127 -23.30 -34.22 8.52
N CYS B 128 -22.34 -34.25 7.59
CA CYS B 128 -22.53 -33.52 6.34
C CYS B 128 -22.95 -34.46 5.22
N LYS B 129 -23.23 -33.87 4.06
CA LYS B 129 -23.74 -34.62 2.90
C LYS B 129 -22.88 -34.30 1.70
N ALA B 130 -22.54 -35.34 0.92
CA ALA B 130 -21.75 -35.13 -0.28
C ALA B 130 -22.61 -34.51 -1.38
N SER B 131 -22.14 -33.37 -1.89
CA SER B 131 -22.90 -32.60 -2.87
C SER B 131 -22.15 -32.59 -4.19
N SER B 132 -22.89 -32.28 -5.26
CA SER B 132 -22.34 -32.19 -6.60
C SER B 132 -21.86 -30.79 -6.94
N LYS B 133 -21.52 -29.98 -5.93
CA LYS B 133 -21.02 -28.63 -6.18
C LYS B 133 -19.60 -28.69 -6.73
N ALA B 134 -19.19 -27.60 -7.39
CA ALA B 134 -17.86 -27.55 -7.99
C ALA B 134 -16.79 -27.43 -6.91
N ASP B 135 -15.87 -28.41 -6.89
CA ASP B 135 -14.80 -28.54 -5.89
C ASP B 135 -15.37 -28.55 -4.47
N TYR B 136 -16.42 -29.34 -4.28
CA TYR B 136 -17.09 -29.42 -2.99
C TYR B 136 -16.21 -30.15 -1.97
N THR B 137 -16.13 -29.60 -0.77
CA THR B 137 -15.31 -30.16 0.29
C THR B 137 -16.06 -30.08 1.61
N CYS B 138 -16.07 -31.18 2.36
CA CYS B 138 -16.64 -31.24 3.68
C CYS B 138 -15.56 -31.53 4.69
N ARG B 139 -15.56 -30.79 5.80
CA ARG B 139 -14.69 -31.07 6.93
C ARG B 139 -15.46 -30.82 8.22
N VAL B 140 -15.04 -31.52 9.27
CA VAL B 140 -15.56 -31.30 10.61
C VAL B 140 -14.41 -30.89 11.51
N PHE B 141 -14.72 -29.99 12.45
CA PHE B 141 -13.69 -29.38 13.29
C PHE B 141 -14.12 -29.46 14.75
N GLY B 142 -13.12 -29.41 15.64
CA GLY B 142 -13.32 -29.66 17.05
C GLY B 142 -13.60 -28.39 17.85
N GLY B 143 -12.90 -28.30 18.98
CA GLY B 143 -13.13 -27.26 19.96
C GLY B 143 -12.75 -25.85 19.57
N VAL B 144 -13.75 -24.98 19.37
CA VAL B 144 -13.47 -23.58 19.07
C VAL B 144 -14.17 -22.66 20.08
N TYR B 145 -15.30 -23.13 20.63
CA TYR B 145 -16.17 -22.35 21.51
C TYR B 145 -16.48 -20.96 20.95
N PRO B 146 -17.35 -20.87 19.94
CA PRO B 146 -17.43 -19.66 19.12
C PRO B 146 -18.14 -18.49 19.79
N PHE B 147 -17.80 -17.29 19.35
CA PHE B 147 -18.45 -16.05 19.77
C PHE B 147 -19.13 -15.38 18.58
N MET B 148 -20.28 -14.77 18.83
CA MET B 148 -20.94 -13.86 17.90
C MET B 148 -20.96 -12.54 18.66
N TRP B 149 -21.76 -11.55 18.25
CA TRP B 149 -21.83 -10.29 18.98
C TRP B 149 -22.43 -10.47 20.37
N GLY B 150 -23.28 -11.50 20.55
CA GLY B 150 -23.76 -11.84 21.87
C GLY B 150 -22.65 -12.33 22.79
N GLY B 151 -21.68 -13.05 22.24
CA GLY B 151 -20.56 -13.54 22.99
C GLY B 151 -20.73 -14.90 23.62
N ALA B 152 -21.92 -15.48 23.56
CA ALA B 152 -22.18 -16.82 24.10
C ALA B 152 -23.21 -17.52 23.20
N GLN B 153 -22.70 -18.31 22.25
CA GLN B 153 -23.54 -19.11 21.38
C GLN B 153 -23.35 -20.61 21.58
N CYS B 154 -22.60 -21.01 22.61
CA CYS B 154 -22.16 -22.39 22.78
C CYS B 154 -22.37 -22.84 24.22
N PHE B 155 -23.48 -23.53 24.47
CA PHE B 155 -23.65 -24.36 25.65
C PHE B 155 -22.88 -25.65 25.43
N CYS B 156 -22.43 -26.28 26.53
CA CYS B 156 -21.29 -27.20 26.55
C CYS B 156 -20.06 -26.48 26.03
N ASP B 157 -19.38 -25.72 26.91
CA ASP B 157 -18.12 -25.09 26.54
C ASP B 157 -17.07 -26.10 26.03
N SER B 158 -17.10 -27.33 26.54
CA SER B 158 -16.33 -28.43 25.97
C SER B 158 -17.19 -29.13 24.90
N GLU B 159 -16.76 -30.32 24.47
CA GLU B 159 -17.52 -31.23 23.59
C GLU B 159 -17.81 -30.64 22.22
N ASN B 160 -17.03 -29.66 21.75
CA ASN B 160 -17.45 -28.85 20.61
C ASN B 160 -17.25 -29.59 19.29
N THR B 161 -18.19 -29.38 18.37
CA THR B 161 -18.08 -29.84 16.99
C THR B 161 -18.40 -28.68 16.06
N GLN B 162 -17.68 -28.58 14.95
CA GLN B 162 -17.86 -27.50 13.98
C GLN B 162 -18.00 -28.09 12.59
N LEU B 163 -18.93 -27.57 11.81
CA LEU B 163 -19.14 -28.00 10.42
C LEU B 163 -18.90 -26.83 9.48
N SER B 164 -18.12 -27.07 8.42
CA SER B 164 -17.86 -26.06 7.39
C SER B 164 -17.72 -26.75 6.04
N GLU B 165 -18.26 -26.11 5.00
CA GLU B 165 -18.19 -26.61 3.64
C GLU B 165 -17.48 -25.59 2.76
N ALA B 166 -16.82 -26.08 1.71
CA ALA B 166 -16.10 -25.21 0.78
C ALA B 166 -16.36 -25.67 -0.65
N TYR B 167 -16.74 -24.72 -1.50
CA TYR B 167 -16.94 -24.98 -2.93
C TYR B 167 -16.75 -23.68 -3.69
N VAL B 168 -16.50 -23.82 -4.99
CA VAL B 168 -16.32 -22.66 -5.87
C VAL B 168 -17.46 -22.63 -6.87
N GLU B 169 -17.69 -21.45 -7.43
CA GLU B 169 -18.78 -21.21 -8.37
C GLU B 169 -18.37 -19.96 -9.15
N PHE B 170 -19.00 -19.73 -10.30
CA PHE B 170 -18.60 -18.63 -11.19
C PHE B 170 -18.78 -17.26 -10.54
N ALA B 171 -17.83 -16.39 -10.82
CA ALA B 171 -17.96 -15.00 -10.45
C ALA B 171 -19.04 -14.34 -11.32
N PRO B 172 -19.75 -13.33 -10.80
CA PRO B 172 -20.87 -12.74 -11.56
C PRO B 172 -20.49 -12.02 -12.84
N ASP B 173 -19.21 -11.72 -13.07
CA ASP B 173 -18.79 -11.04 -14.29
C ASP B 173 -18.40 -12.01 -15.39
N CYS B 174 -18.73 -13.29 -15.25
CA CYS B 174 -18.14 -14.29 -16.14
C CYS B 174 -18.86 -14.39 -17.48
N THR B 175 -19.99 -13.69 -17.65
CA THR B 175 -20.63 -13.65 -18.97
C THR B 175 -19.89 -12.74 -19.94
N ILE B 176 -18.93 -11.95 -19.47
CA ILE B 176 -18.14 -11.06 -20.32
C ILE B 176 -16.67 -11.44 -20.30
N ASP B 177 -16.07 -11.52 -19.12
CA ASP B 177 -14.65 -11.80 -18.96
C ASP B 177 -14.47 -13.30 -18.73
N HIS B 178 -14.31 -14.03 -19.82
CA HIS B 178 -14.14 -15.47 -19.78
C HIS B 178 -13.33 -15.91 -20.98
N ALA B 179 -12.79 -17.13 -20.90
CA ALA B 179 -11.99 -17.70 -21.96
C ALA B 179 -12.61 -19.01 -22.43
N VAL B 180 -12.60 -19.21 -23.74
CA VAL B 180 -13.17 -20.40 -24.37
C VAL B 180 -12.05 -21.20 -25.01
N ALA B 181 -12.01 -22.49 -24.72
CA ALA B 181 -10.97 -23.38 -25.24
C ALA B 181 -11.54 -24.21 -26.38
N LEU B 182 -10.85 -24.19 -27.53
CA LEU B 182 -11.30 -24.89 -28.72
C LEU B 182 -10.17 -25.75 -29.28
N LYS B 183 -10.57 -26.78 -30.02
CA LYS B 183 -9.66 -27.60 -30.81
C LYS B 183 -10.06 -27.50 -32.27
N VAL B 184 -9.08 -27.32 -33.14
CA VAL B 184 -9.34 -27.10 -34.56
C VAL B 184 -9.02 -28.37 -35.33
N SER B 231 -1.44 -23.71 -41.88
CA SER B 231 -2.45 -23.23 -40.95
C SER B 231 -1.76 -22.58 -39.76
N PRO B 232 -2.00 -21.28 -39.50
CA PRO B 232 -1.36 -20.63 -38.36
C PRO B 232 -1.92 -21.05 -37.01
N PHE B 233 -3.07 -21.72 -36.98
CA PHE B 233 -3.68 -22.18 -35.74
C PHE B 233 -3.02 -23.48 -35.31
N ASP B 234 -2.63 -23.55 -34.04
CA ASP B 234 -2.19 -24.80 -33.46
C ASP B 234 -3.41 -25.69 -33.18
N HIS B 235 -3.15 -26.93 -32.79
CA HIS B 235 -4.22 -27.91 -32.60
C HIS B 235 -5.11 -27.55 -31.41
N LYS B 236 -4.57 -26.81 -30.45
CA LYS B 236 -5.32 -26.34 -29.29
C LYS B 236 -5.23 -24.82 -29.23
N VAL B 237 -6.38 -24.15 -29.27
CA VAL B 237 -6.44 -22.70 -29.30
C VAL B 237 -7.32 -22.20 -28.16
N VAL B 238 -7.07 -20.95 -27.76
CA VAL B 238 -7.80 -20.31 -26.66
C VAL B 238 -8.37 -18.99 -27.16
N ILE B 239 -9.66 -18.80 -26.96
CA ILE B 239 -10.37 -17.58 -27.37
C ILE B 239 -10.64 -16.75 -26.13
N ARG B 240 -10.21 -15.48 -26.16
CA ARG B 240 -10.41 -14.58 -25.03
C ARG B 240 -10.70 -13.18 -25.56
N LYS B 241 -12.00 -12.82 -25.58
CA LYS B 241 -12.49 -11.47 -25.93
C LYS B 241 -12.03 -11.02 -27.31
N GLY B 242 -12.04 -11.94 -28.27
CA GLY B 242 -11.57 -11.65 -29.61
C GLY B 242 -10.09 -11.81 -29.82
N LEU B 243 -9.33 -12.16 -28.79
CA LEU B 243 -7.90 -12.39 -28.90
C LEU B 243 -7.65 -13.89 -28.88
N VAL B 244 -6.81 -14.36 -29.81
CA VAL B 244 -6.63 -15.79 -30.05
C VAL B 244 -5.24 -16.18 -29.57
N TYR B 245 -5.17 -17.21 -28.73
CA TYR B 245 -3.91 -17.70 -28.20
C TYR B 245 -3.78 -19.19 -28.48
N ASN B 246 -2.59 -19.60 -28.91
CA ASN B 246 -2.30 -21.00 -29.21
C ASN B 246 -1.73 -21.70 -27.98
N TYR B 247 -2.52 -21.73 -26.91
CA TYR B 247 -2.11 -22.39 -25.69
C TYR B 247 -2.53 -23.86 -25.71
N ASP B 248 -1.67 -24.70 -25.14
CA ASP B 248 -1.95 -26.13 -24.98
C ASP B 248 -2.64 -26.32 -23.63
N PHE B 249 -3.94 -26.08 -23.63
CA PHE B 249 -4.72 -26.21 -22.40
C PHE B 249 -4.88 -27.69 -22.04
N PRO B 250 -5.06 -28.00 -20.75
CA PRO B 250 -5.31 -29.40 -20.38
C PRO B 250 -6.67 -29.89 -20.86
N GLU B 251 -6.78 -31.20 -21.05
CA GLU B 251 -8.00 -31.83 -21.54
C GLU B 251 -9.09 -31.75 -20.47
N TYR B 252 -10.35 -31.89 -20.93
CA TYR B 252 -11.49 -31.82 -20.03
C TYR B 252 -11.48 -32.99 -19.05
N GLY B 253 -11.62 -32.66 -17.77
CA GLY B 253 -11.48 -33.62 -16.70
C GLY B 253 -10.11 -33.70 -16.07
N ALA B 254 -9.08 -33.22 -16.77
CA ALA B 254 -7.71 -33.18 -16.25
C ALA B 254 -7.37 -31.80 -15.69
N MET B 255 -8.01 -31.42 -14.60
CA MET B 255 -7.79 -30.09 -14.03
C MET B 255 -6.46 -30.03 -13.31
N LYS B 256 -5.74 -28.92 -13.49
CA LYS B 256 -4.48 -28.67 -12.80
C LYS B 256 -4.60 -27.38 -12.01
N PRO B 257 -4.40 -27.40 -10.69
CA PRO B 257 -4.47 -26.17 -9.91
C PRO B 257 -3.29 -25.25 -10.19
N GLY B 258 -3.56 -23.95 -10.11
CA GLY B 258 -2.55 -22.95 -10.39
C GLY B 258 -2.22 -22.74 -11.85
N ALA B 259 -3.01 -23.33 -12.76
CA ALA B 259 -2.77 -23.23 -14.20
C ALA B 259 -4.07 -22.89 -14.90
N PHE B 260 -3.97 -22.64 -16.20
CA PHE B 260 -5.12 -22.28 -17.01
C PHE B 260 -6.07 -23.47 -17.15
N GLY B 261 -7.37 -23.18 -17.09
CA GLY B 261 -8.36 -24.24 -17.15
C GLY B 261 -8.52 -25.03 -15.87
N ASP B 262 -8.24 -24.42 -14.72
CA ASP B 262 -8.36 -25.14 -13.45
C ASP B 262 -9.81 -25.36 -13.06
N ILE B 263 -10.73 -24.54 -13.56
CA ILE B 263 -12.17 -24.78 -13.43
C ILE B 263 -12.73 -25.02 -14.83
N GLN B 264 -13.63 -25.99 -14.94
CA GLN B 264 -14.16 -26.39 -16.24
C GLN B 264 -15.68 -26.57 -16.16
N ALA B 265 -16.34 -26.13 -17.22
CA ALA B 265 -17.77 -26.35 -17.40
C ALA B 265 -18.08 -26.24 -18.89
N SER B 266 -19.16 -26.89 -19.31
CA SER B 266 -19.53 -26.90 -20.72
C SER B 266 -20.03 -25.54 -21.20
N SER B 267 -20.78 -24.82 -20.36
CA SER B 267 -21.33 -23.53 -20.74
C SER B 267 -21.29 -22.62 -19.53
N LEU B 268 -21.67 -21.36 -19.74
CA LEU B 268 -21.68 -20.39 -18.65
C LEU B 268 -22.88 -20.63 -17.72
N ASP B 269 -23.96 -21.18 -18.25
CA ASP B 269 -25.12 -21.54 -17.45
C ASP B 269 -25.17 -23.02 -17.08
N ALA B 270 -24.12 -23.78 -17.40
CA ALA B 270 -24.10 -25.20 -17.10
C ALA B 270 -23.87 -25.43 -15.61
N THR B 271 -24.60 -26.41 -15.06
CA THR B 271 -24.48 -26.76 -13.65
C THR B 271 -23.51 -27.91 -13.39
N ASP B 272 -22.94 -28.49 -14.44
CA ASP B 272 -22.00 -29.61 -14.29
C ASP B 272 -20.56 -29.12 -14.21
N ILE B 273 -20.29 -28.23 -13.25
CA ILE B 273 -18.98 -27.61 -13.14
C ILE B 273 -18.04 -28.53 -12.36
N VAL B 274 -16.85 -28.74 -12.89
CA VAL B 274 -15.79 -29.48 -12.22
C VAL B 274 -14.62 -28.53 -11.97
N ALA B 275 -13.92 -28.72 -10.86
CA ALA B 275 -12.86 -27.80 -10.47
C ALA B 275 -11.85 -28.52 -9.59
N ARG B 276 -10.60 -28.08 -9.69
CA ARG B 276 -9.50 -28.52 -8.82
C ARG B 276 -8.66 -27.27 -8.54
N THR B 277 -8.97 -26.57 -7.45
CA THR B 277 -8.27 -25.35 -7.09
C THR B 277 -7.29 -25.56 -5.95
N ASP B 278 -7.07 -26.82 -5.55
CA ASP B 278 -6.22 -27.22 -4.42
C ASP B 278 -6.63 -26.51 -3.12
N ILE B 279 -7.93 -26.42 -2.90
CA ILE B 279 -8.46 -25.79 -1.70
C ILE B 279 -8.51 -26.82 -0.57
N ARG B 280 -8.21 -26.38 0.64
CA ARG B 280 -8.27 -27.24 1.82
C ARG B 280 -8.68 -26.39 3.01
N LEU B 281 -9.22 -27.04 4.04
CA LEU B 281 -9.64 -26.31 5.22
C LEU B 281 -8.61 -26.47 6.34
N LEU B 282 -8.40 -25.39 7.08
CA LEU B 282 -7.46 -25.35 8.18
C LEU B 282 -8.22 -25.29 9.50
N LYS B 283 -7.54 -25.66 10.58
CA LYS B 283 -8.18 -25.66 11.89
C LYS B 283 -8.29 -24.22 12.41
N PRO B 284 -9.49 -23.74 12.74
CA PRO B 284 -9.60 -22.40 13.31
C PRO B 284 -9.05 -22.32 14.73
N SER B 285 -8.33 -21.25 15.00
CA SER B 285 -7.62 -21.07 16.27
C SER B 285 -8.15 -19.90 17.09
N VAL B 286 -8.67 -18.87 16.43
CA VAL B 286 -9.16 -17.69 17.14
C VAL B 286 -10.49 -18.04 17.83
N LYS B 287 -10.78 -17.34 18.92
CA LYS B 287 -11.85 -17.73 19.83
C LYS B 287 -13.24 -17.44 19.27
N ASN B 288 -13.37 -16.52 18.33
CA ASN B 288 -14.67 -16.28 17.72
C ASN B 288 -14.81 -17.03 16.40
N ILE B 289 -16.04 -17.05 15.87
CA ILE B 289 -16.36 -17.91 14.74
C ILE B 289 -15.86 -17.29 13.44
N HIS B 290 -15.24 -18.12 12.60
CA HIS B 290 -14.82 -17.80 11.24
C HIS B 290 -14.51 -19.12 10.56
N VAL B 291 -14.24 -19.07 9.26
CA VAL B 291 -13.71 -20.23 8.54
C VAL B 291 -12.32 -19.87 8.01
N PRO B 292 -11.30 -20.66 8.33
CA PRO B 292 -10.01 -20.47 7.66
C PRO B 292 -9.83 -21.41 6.49
N TYR B 293 -9.24 -20.91 5.41
CA TYR B 293 -8.96 -21.75 4.25
C TYR B 293 -7.79 -21.16 3.49
N THR B 294 -6.99 -22.06 2.92
CA THR B 294 -5.90 -21.68 2.03
C THR B 294 -6.11 -22.35 0.68
N GLN B 295 -5.69 -21.65 -0.36
CA GLN B 295 -6.00 -22.07 -1.72
C GLN B 295 -4.98 -21.43 -2.66
N ALA B 296 -4.59 -22.18 -3.69
CA ALA B 296 -3.73 -21.63 -4.73
C ALA B 296 -4.49 -20.55 -5.51
N VAL B 297 -3.71 -19.67 -6.14
CA VAL B 297 -4.30 -18.53 -6.84
C VAL B 297 -4.99 -19.00 -8.12
N SER B 298 -5.78 -18.09 -8.71
CA SER B 298 -6.52 -18.37 -9.93
C SER B 298 -5.56 -18.52 -11.08
N GLY B 299 -5.60 -19.68 -11.75
CA GLY B 299 -4.74 -19.90 -12.90
C GLY B 299 -5.17 -19.10 -14.12
N TYR B 300 -6.43 -18.65 -14.14
CA TYR B 300 -6.90 -17.77 -15.19
C TYR B 300 -6.18 -16.43 -15.15
N GLU B 301 -6.03 -15.85 -13.96
CA GLU B 301 -5.32 -14.57 -13.82
C GLU B 301 -3.82 -14.74 -14.04
N MET B 302 -3.26 -15.88 -13.65
CA MET B 302 -1.84 -16.11 -13.84
C MET B 302 -1.52 -16.31 -15.32
N TRP B 303 -2.39 -17.03 -16.02
CA TRP B 303 -2.27 -17.17 -17.47
C TRP B 303 -2.54 -15.85 -18.17
N LYS B 304 -3.39 -15.03 -17.56
CA LYS B 304 -3.63 -13.68 -18.14
C LYS B 304 -2.31 -12.94 -18.10
N ASN B 305 -1.60 -13.03 -16.97
CA ASN B 305 -0.33 -12.28 -16.82
C ASN B 305 0.68 -12.78 -17.86
N ASN B 306 0.73 -14.09 -18.09
CA ASN B 306 1.79 -14.62 -18.99
C ASN B 306 1.19 -15.10 -20.31
N SER B 307 0.09 -14.49 -20.75
CA SER B 307 -0.50 -14.87 -22.03
C SER B 307 0.44 -14.58 -23.18
N GLY B 308 1.21 -13.51 -23.09
CA GLY B 308 1.99 -13.05 -24.22
C GLY B 308 1.11 -12.36 -25.24
N ARG B 309 1.64 -12.26 -26.44
CA ARG B 309 0.89 -11.63 -27.51
C ARG B 309 -0.11 -12.62 -28.11
N PRO B 310 -1.26 -12.16 -28.59
CA PRO B 310 -2.20 -13.07 -29.25
C PRO B 310 -1.79 -13.41 -30.68
N LEU B 311 -2.62 -14.20 -31.36
CA LEU B 311 -2.28 -14.67 -32.70
C LEU B 311 -2.48 -13.60 -33.77
N GLN B 312 -3.14 -12.49 -33.44
CA GLN B 312 -3.31 -11.39 -34.39
C GLN B 312 -2.00 -10.67 -34.70
N GLU B 313 -0.96 -10.85 -33.89
CA GLU B 313 0.38 -10.35 -34.19
C GLU B 313 1.38 -11.49 -34.28
N THR B 314 0.98 -12.70 -33.89
CA THR B 314 1.86 -13.87 -33.91
C THR B 314 1.78 -14.66 -35.21
N ALA B 315 0.61 -14.75 -35.83
CA ALA B 315 0.44 -15.55 -37.04
C ALA B 315 1.20 -14.94 -38.21
N PRO B 316 1.98 -15.72 -38.95
CA PRO B 316 2.73 -15.17 -40.08
C PRO B 316 1.84 -14.99 -41.30
N PHE B 317 2.50 -14.64 -42.42
CA PHE B 317 1.93 -14.38 -43.74
C PHE B 317 0.96 -13.21 -43.76
N GLY B 318 1.03 -12.31 -42.76
CA GLY B 318 0.33 -11.04 -42.76
C GLY B 318 -1.19 -11.09 -42.75
N CYS B 319 -1.76 -12.00 -41.98
CA CYS B 319 -3.21 -12.17 -41.95
C CYS B 319 -3.79 -12.07 -40.54
N LYS B 320 -4.88 -11.31 -40.45
CA LYS B 320 -5.49 -10.93 -39.18
C LYS B 320 -6.47 -12.02 -38.77
N ILE B 321 -6.37 -12.48 -37.54
CA ILE B 321 -7.24 -13.53 -37.03
C ILE B 321 -8.55 -12.90 -36.59
N GLU B 322 -9.67 -13.46 -37.05
CA GLU B 322 -10.99 -12.93 -36.74
C GLU B 322 -11.80 -14.01 -36.02
N VAL B 323 -12.66 -13.56 -35.11
CA VAL B 323 -13.34 -14.42 -34.15
C VAL B 323 -14.85 -14.34 -34.43
N GLU B 324 -15.56 -15.45 -34.11
CA GLU B 324 -16.98 -15.73 -34.35
C GLU B 324 -17.35 -15.71 -35.83
N PRO B 325 -16.95 -16.71 -36.63
CA PRO B 325 -16.13 -17.87 -36.27
C PRO B 325 -14.63 -17.61 -36.41
N LEU B 326 -13.83 -18.59 -36.00
CA LEU B 326 -12.37 -18.44 -36.06
C LEU B 326 -11.91 -18.54 -37.50
N ARG B 327 -11.11 -17.53 -37.86
CA ARG B 327 -10.66 -17.48 -39.26
C ARG B 327 -9.44 -16.60 -39.44
N ALA B 328 -8.76 -16.79 -40.58
CA ALA B 328 -7.66 -15.91 -40.95
C ALA B 328 -7.97 -15.32 -42.31
N PRO C 1 -12.77 35.56 -17.28
CA PRO C 1 -13.25 34.50 -16.39
C PRO C 1 -13.95 33.37 -17.14
N TYR C 2 -13.40 33.03 -18.31
CA TYR C 2 -14.14 32.25 -19.30
C TYR C 2 -14.22 30.78 -18.92
N LEU C 3 -14.93 30.00 -19.73
CA LEU C 3 -15.09 28.57 -19.51
C LEU C 3 -14.56 27.83 -20.72
N GLY C 4 -13.85 26.72 -20.46
CA GLY C 4 -13.32 25.88 -21.51
C GLY C 4 -13.71 24.43 -21.34
N PHE C 5 -13.29 23.62 -22.30
CA PHE C 5 -13.64 22.21 -22.35
C PHE C 5 -12.59 21.45 -21.55
N CYS C 6 -12.85 21.30 -20.25
CA CYS C 6 -11.90 20.68 -19.34
C CYS C 6 -11.77 19.19 -19.63
N PRO C 7 -10.54 18.65 -19.71
CA PRO C 7 -10.38 17.24 -20.08
C PRO C 7 -10.80 16.26 -18.99
N TYR C 8 -10.88 16.67 -17.73
CA TYR C 8 -11.34 15.80 -16.64
C TYR C 8 -12.26 16.61 -15.74
N CYS C 9 -13.56 16.49 -15.99
CA CYS C 9 -14.57 17.07 -15.11
C CYS C 9 -14.87 16.14 -13.95
N ARG C 10 -16.05 16.40 -13.36
CA ARG C 10 -16.28 16.14 -11.95
C ARG C 10 -16.39 14.65 -11.69
N HIS C 11 -17.18 13.95 -12.51
CA HIS C 11 -17.29 12.50 -12.38
C HIS C 11 -16.22 11.72 -13.15
N SER C 12 -16.33 11.64 -14.48
CA SER C 12 -15.29 11.00 -15.29
C SER C 12 -15.04 11.74 -16.61
N ALA C 13 -16.12 12.21 -17.22
CA ALA C 13 -16.09 12.62 -18.62
C ALA C 13 -15.66 14.09 -18.74
N PRO C 14 -15.10 14.48 -19.88
CA PRO C 14 -14.85 15.91 -20.11
C PRO C 14 -16.15 16.70 -20.23
N CYS C 15 -16.08 17.96 -19.80
CA CYS C 15 -17.23 18.87 -19.88
C CYS C 15 -16.70 20.29 -19.93
N PHE C 16 -17.64 21.23 -19.97
CA PHE C 16 -17.31 22.65 -19.96
C PHE C 16 -17.36 23.16 -18.52
N SER C 17 -16.25 23.69 -18.03
CA SER C 17 -16.14 24.19 -16.67
C SER C 17 -15.48 25.57 -16.69
N PRO C 18 -15.84 26.45 -15.75
CA PRO C 18 -15.22 27.78 -15.73
C PRO C 18 -13.87 27.83 -15.04
N ILE C 19 -13.31 26.70 -14.63
CA ILE C 19 -12.04 26.66 -13.91
C ILE C 19 -11.02 25.78 -14.63
N LYS C 20 -11.06 25.78 -15.96
CA LYS C 20 -10.15 24.96 -16.76
C LYS C 20 -8.70 25.42 -16.61
N ILE C 21 -7.79 24.48 -16.41
CA ILE C 21 -6.36 24.78 -16.32
C ILE C 21 -5.83 24.74 -17.74
N GLU C 22 -5.27 25.86 -18.21
CA GLU C 22 -4.82 25.92 -19.59
C GLU C 22 -3.35 25.52 -19.73
N ASN C 23 -2.45 26.15 -18.98
CA ASN C 23 -1.03 25.82 -19.06
C ASN C 23 -0.45 25.87 -17.65
N VAL C 24 0.66 25.14 -17.46
CA VAL C 24 1.22 24.87 -16.15
C VAL C 24 2.73 25.10 -16.19
N TRP C 25 3.26 25.75 -15.15
CA TRP C 25 4.69 26.04 -15.04
C TRP C 25 5.21 25.59 -13.68
N ASP C 26 6.30 24.81 -13.68
CA ASP C 26 6.82 24.19 -12.47
C ASP C 26 8.35 24.20 -12.43
N GLU C 27 8.96 25.29 -12.88
CA GLU C 27 10.41 25.32 -13.06
C GLU C 27 11.16 25.95 -11.89
N SER C 28 10.49 26.30 -10.80
CA SER C 28 11.21 26.84 -9.65
C SER C 28 11.87 25.72 -8.85
N ASP C 29 12.95 26.09 -8.16
CA ASP C 29 13.78 25.12 -7.46
C ASP C 29 13.28 24.76 -6.07
N ASP C 30 12.15 25.31 -5.63
CA ASP C 30 11.54 24.89 -4.37
C ASP C 30 10.31 24.00 -4.55
N GLY C 31 9.87 23.79 -5.79
CA GLY C 31 8.77 22.89 -6.07
C GLY C 31 7.40 23.51 -6.15
N SER C 32 7.30 24.85 -6.20
CA SER C 32 5.99 25.47 -6.35
C SER C 32 5.61 25.62 -7.82
N ILE C 33 4.31 25.83 -8.07
CA ILE C 33 3.73 25.78 -9.42
C ILE C 33 2.83 26.98 -9.63
N ARG C 34 2.88 27.52 -10.86
CA ARG C 34 1.95 28.60 -11.29
C ARG C 34 0.87 27.97 -12.16
N ILE C 35 -0.37 27.97 -11.72
CA ILE C 35 -1.50 27.42 -12.45
C ILE C 35 -2.17 28.55 -13.21
N GLN C 36 -2.29 28.39 -14.53
CA GLN C 36 -3.04 29.33 -15.35
C GLN C 36 -4.42 28.75 -15.61
N VAL C 37 -5.44 29.48 -15.16
CA VAL C 37 -6.81 28.97 -15.10
C VAL C 37 -7.69 29.84 -16.00
N SER C 38 -8.78 29.26 -16.47
CA SER C 38 -9.72 29.97 -17.33
C SER C 38 -10.49 31.07 -16.61
N ALA C 39 -10.56 31.04 -15.28
CA ALA C 39 -11.22 32.09 -14.53
C ALA C 39 -10.21 33.14 -14.07
N GLN C 40 -10.72 34.25 -13.55
CA GLN C 40 -9.83 35.27 -13.01
C GLN C 40 -10.17 35.55 -11.54
N PHE C 41 -9.13 35.74 -10.74
CA PHE C 41 -9.20 35.92 -9.30
C PHE C 41 -8.92 37.36 -8.90
N GLY C 42 -9.58 37.79 -7.83
CA GLY C 42 -9.20 39.02 -7.16
C GLY C 42 -9.91 40.28 -7.58
N TYR C 43 -11.10 40.19 -8.18
CA TYR C 43 -11.84 41.37 -8.62
C TYR C 43 -13.30 41.26 -8.22
N ASN C 44 -13.90 42.41 -7.89
CA ASN C 44 -15.29 42.52 -7.51
C ASN C 44 -16.17 42.71 -8.75
N GLN C 45 -17.47 42.96 -8.52
CA GLN C 45 -18.47 43.11 -9.59
C GLN C 45 -18.12 44.25 -10.53
N ALA C 46 -17.65 45.36 -9.99
CA ALA C 46 -17.25 46.48 -10.84
C ALA C 46 -15.85 46.30 -11.40
N GLY C 47 -15.11 45.31 -10.91
CA GLY C 47 -13.75 45.09 -11.34
C GLY C 47 -12.70 45.67 -10.43
N THR C 48 -13.10 46.25 -9.31
CA THR C 48 -12.15 46.80 -8.34
C THR C 48 -11.41 45.66 -7.63
N ALA C 49 -10.10 45.84 -7.51
CA ALA C 49 -9.23 44.78 -6.98
C ALA C 49 -9.46 44.58 -5.49
N ASP C 50 -9.97 43.41 -5.12
CA ASP C 50 -10.11 43.04 -3.72
C ASP C 50 -9.65 41.59 -3.56
N VAL C 51 -9.03 41.28 -2.41
CA VAL C 51 -8.36 40.00 -2.26
C VAL C 51 -9.35 38.87 -1.95
N THR C 52 -10.53 39.21 -1.41
CA THR C 52 -11.31 38.22 -0.69
C THR C 52 -12.22 37.40 -1.59
N LYS C 53 -12.47 37.83 -2.83
CA LYS C 53 -13.42 37.13 -3.69
C LYS C 53 -13.12 37.35 -5.17
N PHE C 54 -13.67 36.48 -6.01
CA PHE C 54 -13.22 36.32 -7.39
C PHE C 54 -14.36 36.11 -8.38
N ARG C 55 -13.96 35.89 -9.63
CA ARG C 55 -14.82 35.77 -10.80
C ARG C 55 -14.99 34.34 -11.29
N TYR C 56 -16.17 34.09 -11.87
CA TYR C 56 -16.46 33.01 -12.81
C TYR C 56 -17.79 33.35 -13.47
N MET C 57 -18.02 32.81 -14.67
CA MET C 57 -19.37 32.74 -15.20
C MET C 57 -20.00 31.40 -14.84
N SER C 58 -21.33 31.39 -14.73
CA SER C 58 -22.02 30.22 -14.24
C SER C 58 -22.61 29.41 -15.37
N PHE C 59 -23.33 28.35 -15.00
CA PHE C 59 -23.93 27.42 -15.95
C PHE C 59 -25.37 27.81 -16.25
N ASP C 60 -25.57 29.02 -16.78
CA ASP C 60 -26.89 29.46 -17.20
C ASP C 60 -26.74 30.15 -18.55
N HIS C 61 -27.89 30.42 -19.19
CA HIS C 61 -27.86 30.83 -20.59
C HIS C 61 -27.70 32.33 -20.77
N ASP C 62 -27.79 33.13 -19.70
CA ASP C 62 -27.37 34.52 -19.78
C ASP C 62 -25.86 34.68 -19.69
N HIS C 63 -25.20 33.68 -19.09
CA HIS C 63 -23.79 33.67 -18.65
C HIS C 63 -23.37 35.01 -18.05
N ASP C 64 -24.15 35.48 -17.09
CA ASP C 64 -23.73 36.60 -16.27
C ASP C 64 -22.81 36.11 -15.15
N ILE C 65 -22.32 37.04 -14.35
CA ILE C 65 -21.13 36.79 -13.55
C ILE C 65 -21.47 36.86 -12.07
N LYS C 66 -21.08 35.82 -11.32
CA LYS C 66 -21.26 35.73 -9.89
C LYS C 66 -19.92 35.50 -9.19
N GLU C 67 -19.93 35.60 -7.87
CA GLU C 67 -18.73 35.61 -7.04
C GLU C 67 -18.75 34.48 -6.02
N ASP C 68 -17.59 33.88 -5.79
CA ASP C 68 -17.30 33.05 -4.62
C ASP C 68 -16.07 33.62 -3.93
N SER C 69 -15.73 33.07 -2.77
CA SER C 69 -14.70 33.64 -1.90
C SER C 69 -13.47 32.74 -1.80
N MET C 70 -12.46 33.26 -1.07
CA MET C 70 -11.16 32.57 -0.95
C MET C 70 -11.26 31.27 -0.15
N ASP C 71 -12.27 31.14 0.71
CA ASP C 71 -12.33 29.95 1.55
C ASP C 71 -12.95 28.76 0.83
N LYS C 72 -13.37 28.92 -0.43
CA LYS C 72 -13.99 27.85 -1.18
C LYS C 72 -13.10 27.32 -2.30
N ILE C 73 -11.90 27.87 -2.46
CA ILE C 73 -10.94 27.40 -3.46
C ILE C 73 -10.10 26.30 -2.82
N ALA C 74 -9.75 25.30 -3.61
CA ALA C 74 -8.91 24.20 -3.15
C ALA C 74 -8.03 23.72 -4.29
N ILE C 75 -6.74 23.54 -4.01
CA ILE C 75 -5.77 23.09 -5.00
C ILE C 75 -5.13 21.82 -4.45
N SER C 76 -5.06 20.78 -5.28
CA SER C 76 -4.50 19.52 -4.84
C SER C 76 -3.90 18.78 -6.02
N THR C 77 -2.78 18.09 -5.78
CA THR C 77 -2.20 17.17 -6.75
C THR C 77 -2.27 15.73 -6.27
N SER C 78 -1.68 15.45 -5.10
CA SER C 78 -1.90 14.21 -4.38
C SER C 78 -2.42 14.43 -2.97
N GLY C 79 -1.87 15.41 -2.25
CA GLY C 79 -2.48 15.94 -1.06
C GLY C 79 -2.93 17.36 -1.32
N PRO C 80 -3.47 18.04 -0.31
CA PRO C 80 -3.90 19.43 -0.50
C PRO C 80 -2.71 20.36 -0.63
N CYS C 81 -2.80 21.28 -1.58
CA CYS C 81 -1.80 22.31 -1.78
C CYS C 81 -2.19 23.56 -1.02
N ARG C 82 -1.15 24.23 -0.48
CA ARG C 82 -1.35 25.51 0.23
C ARG C 82 -1.29 26.60 -0.82
N ARG C 83 -2.16 27.58 -0.71
CA ARG C 83 -2.20 28.66 -1.70
C ARG C 83 -1.14 29.69 -1.36
N LEU C 84 -0.44 30.18 -2.39
CA LEU C 84 0.62 31.17 -2.20
C LEU C 84 0.23 32.56 -2.65
N GLY C 85 -0.41 32.71 -3.81
CA GLY C 85 -0.85 34.02 -4.26
C GLY C 85 -1.73 33.93 -5.48
N HIS C 86 -2.38 35.05 -5.81
CA HIS C 86 -3.35 35.07 -6.89
C HIS C 86 -3.61 36.50 -7.39
N LYS C 87 -3.56 36.64 -8.72
CA LYS C 87 -4.24 37.73 -9.44
C LYS C 87 -4.72 37.15 -10.76
N GLY C 88 -6.02 37.15 -10.99
CA GLY C 88 -6.52 37.00 -12.34
C GLY C 88 -6.35 35.59 -12.88
N TYR C 89 -5.74 35.50 -14.06
CA TYR C 89 -5.66 34.25 -14.81
C TYR C 89 -4.60 33.30 -14.26
N PHE C 90 -3.86 33.70 -13.23
CA PHE C 90 -2.64 33.03 -12.80
C PHE C 90 -2.75 32.64 -11.33
N LEU C 91 -2.03 31.58 -10.94
CA LEU C 91 -1.99 31.14 -9.55
C LEU C 91 -0.56 30.97 -9.07
N LEU C 92 -0.45 30.53 -7.81
CA LEU C 92 0.80 30.03 -7.25
C LEU C 92 0.44 29.11 -6.08
N ALA C 93 1.05 27.92 -6.05
CA ALA C 93 0.76 26.95 -5.02
C ALA C 93 1.96 26.03 -4.81
N GLN C 94 2.18 25.66 -3.55
CA GLN C 94 3.20 24.68 -3.18
C GLN C 94 2.52 23.33 -3.02
N CYS C 95 3.02 22.32 -3.73
CA CYS C 95 2.29 21.08 -3.85
C CYS C 95 3.16 19.87 -3.54
N PRO C 96 2.57 18.80 -3.02
CA PRO C 96 3.30 17.52 -2.91
C PRO C 96 3.51 16.89 -4.27
N PRO C 97 4.42 15.92 -4.39
CA PRO C 97 4.60 15.22 -5.67
C PRO C 97 3.36 14.43 -6.06
N GLY C 98 3.16 14.29 -7.37
CA GLY C 98 1.99 13.63 -7.90
C GLY C 98 2.10 13.48 -9.40
N ASP C 99 0.97 13.16 -10.02
CA ASP C 99 0.92 12.93 -11.46
C ASP C 99 0.08 13.95 -12.22
N SER C 100 -0.81 14.67 -11.55
CA SER C 100 -1.67 15.65 -12.20
C SER C 100 -2.05 16.72 -11.20
N VAL C 101 -2.46 17.88 -11.72
CA VAL C 101 -2.86 19.02 -10.89
C VAL C 101 -4.37 19.18 -10.97
N THR C 102 -4.95 19.76 -9.93
CA THR C 102 -6.41 19.93 -9.82
C THR C 102 -6.70 21.15 -8.95
N VAL C 103 -7.53 22.06 -9.49
CA VAL C 103 -8.12 23.14 -8.71
C VAL C 103 -9.61 22.85 -8.58
N SER C 104 -10.23 23.39 -7.55
CA SER C 104 -11.65 23.14 -7.32
C SER C 104 -12.27 24.27 -6.50
N ILE C 105 -13.51 24.61 -6.83
CA ILE C 105 -14.32 25.52 -6.04
C ILE C 105 -15.40 24.71 -5.33
N THR C 106 -15.55 24.93 -4.03
CA THR C 106 -16.51 24.21 -3.21
C THR C 106 -17.70 25.13 -2.94
N SER C 107 -18.63 25.16 -3.89
CA SER C 107 -19.83 25.99 -3.82
C SER C 107 -20.93 25.20 -3.13
N GLY C 108 -20.74 24.96 -1.83
CA GLY C 108 -21.71 24.18 -1.08
C GLY C 108 -21.59 22.71 -1.46
N ALA C 109 -22.65 22.16 -2.05
CA ALA C 109 -22.60 20.81 -2.57
C ALA C 109 -22.03 20.75 -3.98
N SER C 110 -21.83 21.88 -4.64
CA SER C 110 -21.33 21.90 -6.01
C SER C 110 -19.82 21.70 -5.96
N GLU C 111 -19.38 20.46 -6.17
CA GLU C 111 -17.96 20.12 -6.17
C GLU C 111 -17.41 20.25 -7.58
N ASN C 112 -17.24 21.50 -7.99
CA ASN C 112 -16.79 21.82 -9.34
C ASN C 112 -15.27 21.67 -9.39
N SER C 113 -14.78 20.84 -10.30
CA SER C 113 -13.35 20.55 -10.33
C SER C 113 -12.89 20.29 -11.77
N CYS C 114 -11.63 20.66 -12.04
CA CYS C 114 -10.97 20.41 -13.31
C CYS C 114 -9.59 19.84 -13.05
N THR C 115 -9.16 18.90 -13.91
CA THR C 115 -7.87 18.23 -13.77
C THR C 115 -7.23 18.10 -15.14
N VAL C 116 -5.98 18.53 -15.25
CA VAL C 116 -5.17 18.31 -16.46
C VAL C 116 -3.90 17.57 -16.06
N GLU C 117 -3.18 17.05 -17.05
CA GLU C 117 -1.99 16.26 -16.76
C GLU C 117 -0.77 17.17 -16.63
N LYS C 118 -0.06 17.02 -15.52
CA LYS C 118 1.32 17.48 -15.42
C LYS C 118 2.03 16.57 -14.42
N LYS C 119 2.97 15.76 -14.91
CA LYS C 119 3.71 14.87 -14.04
C LYS C 119 4.70 15.71 -13.24
N ILE C 120 4.30 16.12 -12.04
CA ILE C 120 5.12 16.97 -11.19
C ILE C 120 6.14 16.10 -10.46
N ARG C 121 7.41 16.46 -10.61
CA ARG C 121 8.51 15.78 -9.94
C ARG C 121 9.13 16.72 -8.91
N ARG C 122 9.42 16.15 -7.75
CA ARG C 122 10.07 16.93 -6.67
C ARG C 122 11.51 17.14 -7.09
N LYS C 123 11.97 18.38 -7.03
CA LYS C 123 13.32 18.70 -7.47
C LYS C 123 14.07 19.46 -6.37
N PHE C 124 15.39 19.43 -6.49
CA PHE C 124 16.28 20.07 -5.52
C PHE C 124 17.34 20.86 -6.29
N VAL C 125 18.19 21.56 -5.54
CA VAL C 125 19.30 22.30 -6.11
C VAL C 125 20.56 21.92 -5.33
N GLY C 126 21.69 21.92 -6.00
CA GLY C 126 22.94 21.50 -5.42
C GLY C 126 23.37 20.12 -5.89
N ARG C 127 24.20 19.48 -5.09
CA ARG C 127 24.69 18.14 -5.38
C ARG C 127 24.30 17.13 -4.30
N GLU C 128 23.40 17.53 -3.39
CA GLU C 128 22.81 16.61 -2.43
C GLU C 128 21.30 16.77 -2.49
N GLU C 129 20.58 15.66 -2.53
CA GLU C 129 19.13 15.71 -2.47
C GLU C 129 18.66 15.75 -1.02
N TYR C 130 17.52 16.38 -0.80
CA TYR C 130 17.05 16.61 0.56
C TYR C 130 15.53 16.66 0.55
N LEU C 131 14.95 16.20 1.66
CA LEU C 131 13.50 16.31 1.85
C LEU C 131 13.08 17.72 2.24
N PHE C 132 13.91 18.43 3.00
CA PHE C 132 13.60 19.78 3.45
C PHE C 132 14.85 20.65 3.41
N PRO C 133 14.70 21.96 3.24
CA PRO C 133 15.84 22.87 3.39
C PRO C 133 16.35 22.85 4.83
N PRO C 134 17.63 22.56 5.02
CA PRO C 134 18.15 22.34 6.37
C PRO C 134 18.34 23.66 7.12
N VAL C 135 18.52 23.53 8.44
CA VAL C 135 18.73 24.70 9.28
C VAL C 135 20.17 25.19 9.16
N HIS C 136 21.07 24.35 8.67
CA HIS C 136 22.48 24.68 8.53
C HIS C 136 22.96 24.33 7.13
N GLY C 137 23.78 25.20 6.56
CA GLY C 137 24.43 24.90 5.29
C GLY C 137 25.01 26.16 4.71
N LYS C 138 25.60 26.01 3.53
CA LYS C 138 26.11 27.18 2.82
C LYS C 138 24.97 27.93 2.15
N LEU C 139 25.29 29.09 1.62
CA LEU C 139 24.32 29.97 0.99
C LEU C 139 24.67 30.06 -0.50
N VAL C 140 23.82 29.45 -1.34
CA VAL C 140 24.15 29.22 -2.73
C VAL C 140 23.15 29.90 -3.65
N LYS C 141 23.34 29.74 -4.96
CA LYS C 141 22.60 30.47 -5.97
C LYS C 141 21.61 29.55 -6.67
N CYS C 142 20.34 29.63 -6.28
CA CYS C 142 19.27 29.00 -7.04
C CYS C 142 18.27 30.09 -7.44
N HIS C 143 17.10 29.66 -7.88
CA HIS C 143 16.08 30.55 -8.42
C HIS C 143 14.73 30.23 -7.80
N VAL C 144 13.99 31.27 -7.41
CA VAL C 144 12.73 31.12 -6.71
C VAL C 144 11.65 31.85 -7.49
N TYR C 145 10.40 31.41 -7.32
CA TYR C 145 9.27 32.23 -7.72
C TYR C 145 9.12 33.37 -6.73
N ASP C 146 8.82 34.57 -7.24
CA ASP C 146 8.66 35.73 -6.36
C ASP C 146 7.30 35.66 -5.66
N HIS C 147 7.31 35.87 -4.35
CA HIS C 147 6.08 35.93 -3.58
C HIS C 147 5.40 37.28 -3.68
N LEU C 148 6.11 38.31 -4.15
CA LEU C 148 5.53 39.63 -4.31
C LEU C 148 4.57 39.60 -5.51
N LYS C 149 3.36 40.11 -5.32
CA LYS C 149 2.29 39.87 -6.28
C LYS C 149 2.31 40.82 -7.48
N GLU C 150 2.92 42.00 -7.40
CA GLU C 150 2.97 42.92 -8.52
C GLU C 150 4.24 42.77 -9.36
N THR C 151 4.75 41.56 -9.49
CA THR C 151 5.93 41.31 -10.33
C THR C 151 5.50 41.21 -11.80
N SER C 152 6.46 40.89 -12.68
CA SER C 152 6.17 40.73 -14.10
C SER C 152 7.21 39.77 -14.69
N ALA C 153 6.73 38.63 -15.21
CA ALA C 153 7.59 37.68 -15.89
C ALA C 153 7.47 37.73 -17.41
N GLY C 154 6.39 38.32 -17.92
CA GLY C 154 6.16 38.37 -19.36
C GLY C 154 4.85 39.06 -19.69
N TYR C 155 4.18 38.61 -20.76
CA TYR C 155 2.91 39.21 -21.12
C TYR C 155 2.02 38.16 -21.77
N ILE C 156 0.71 38.41 -21.70
CA ILE C 156 -0.30 37.61 -22.38
C ILE C 156 -1.13 38.54 -23.25
N THR C 157 -1.70 37.99 -24.31
CA THR C 157 -2.50 38.80 -25.23
C THR C 157 -3.95 38.35 -25.23
N MET C 158 -4.87 39.31 -25.30
CA MET C 158 -6.29 39.04 -25.35
C MET C 158 -6.93 39.72 -26.56
N HIS C 159 -8.06 39.17 -26.99
CA HIS C 159 -8.85 39.72 -28.09
C HIS C 159 -10.32 39.76 -27.68
N ARG C 160 -11.16 40.23 -28.60
CA ARG C 160 -12.60 40.32 -28.38
C ARG C 160 -13.24 38.94 -28.44
N PRO C 161 -14.29 38.69 -27.63
CA PRO C 161 -14.97 37.39 -27.70
C PRO C 161 -15.76 37.21 -28.99
N GLY C 162 -15.91 35.96 -29.39
CA GLY C 162 -16.58 35.62 -30.61
C GLY C 162 -18.05 35.28 -30.43
N PRO C 163 -18.65 34.63 -31.42
CA PRO C 163 -20.08 34.30 -31.36
C PRO C 163 -20.34 33.12 -30.43
N HIS C 164 -21.08 33.38 -29.35
CA HIS C 164 -21.42 32.35 -28.36
C HIS C 164 -22.93 32.14 -28.49
N ALA C 165 -23.32 31.22 -29.38
CA ALA C 165 -24.73 30.99 -29.65
C ALA C 165 -25.36 30.11 -28.59
N TYR C 166 -26.69 30.06 -28.61
CA TYR C 166 -27.47 29.30 -27.64
C TYR C 166 -28.70 28.72 -28.34
N LYS C 167 -29.28 27.68 -27.72
CA LYS C 167 -30.51 27.12 -28.25
C LYS C 167 -31.76 27.58 -27.50
N SER C 168 -31.62 28.11 -26.29
CA SER C 168 -32.80 28.61 -25.57
C SER C 168 -33.17 30.01 -26.04
N TYR C 169 -32.26 30.68 -26.76
CA TYR C 169 -32.62 31.94 -27.41
C TYR C 169 -33.65 31.72 -28.51
N LEU C 170 -33.66 30.52 -29.11
CA LEU C 170 -34.70 30.09 -30.02
C LEU C 170 -35.74 29.27 -29.26
N GLU C 171 -36.91 29.12 -29.86
CA GLU C 171 -37.90 28.15 -29.44
C GLU C 171 -38.74 27.75 -30.65
N GLU C 172 -39.18 26.50 -30.65
CA GLU C 172 -39.92 25.93 -31.78
C GLU C 172 -41.39 25.78 -31.40
N ALA C 173 -42.28 26.26 -32.27
CA ALA C 173 -43.72 26.17 -32.02
C ALA C 173 -44.42 26.09 -33.37
N SER C 174 -45.19 25.01 -33.56
CA SER C 174 -45.99 24.76 -34.77
C SER C 174 -45.14 24.76 -36.04
N GLY C 175 -43.92 24.20 -35.95
CA GLY C 175 -43.05 24.15 -37.10
C GLY C 175 -42.48 25.48 -37.51
N GLU C 176 -42.40 26.43 -36.58
CA GLU C 176 -41.89 27.76 -36.87
C GLU C 176 -40.90 28.15 -35.79
N VAL C 177 -39.99 29.07 -36.13
CA VAL C 177 -38.94 29.52 -35.24
C VAL C 177 -39.30 30.90 -34.69
N TYR C 178 -38.89 31.15 -33.46
CA TYR C 178 -39.01 32.46 -32.84
C TYR C 178 -37.73 32.76 -32.07
N ILE C 179 -37.42 34.04 -31.91
CA ILE C 179 -36.25 34.49 -31.16
C ILE C 179 -36.73 35.16 -29.88
N LYS C 180 -36.28 34.64 -28.73
CA LYS C 180 -36.64 35.18 -27.42
C LYS C 180 -35.36 35.64 -26.73
N PRO C 181 -34.99 36.90 -26.90
CA PRO C 181 -33.83 37.42 -26.18
C PRO C 181 -34.18 37.68 -24.74
N PRO C 182 -33.18 37.71 -23.85
CA PRO C 182 -33.42 38.22 -22.50
C PRO C 182 -33.73 39.72 -22.53
N SER C 183 -34.51 40.15 -21.55
CA SER C 183 -35.05 41.51 -21.55
C SER C 183 -33.96 42.53 -21.23
N GLY C 184 -34.02 43.67 -21.91
CA GLY C 184 -33.17 44.81 -21.64
C GLY C 184 -31.85 44.83 -22.38
N LYS C 185 -31.55 43.84 -23.20
CA LYS C 185 -30.29 43.78 -23.94
C LYS C 185 -30.57 43.36 -25.39
N ASN C 186 -29.77 43.89 -26.31
CA ASN C 186 -29.96 43.56 -27.76
C ASN C 186 -29.17 42.31 -28.13
N VAL C 187 -29.80 41.37 -28.84
CA VAL C 187 -29.23 40.09 -29.22
C VAL C 187 -29.16 40.05 -30.75
N THR C 188 -27.96 39.81 -31.28
CA THR C 188 -27.78 39.63 -32.72
C THR C 188 -28.28 38.26 -33.13
N TYR C 189 -29.09 38.20 -34.18
CA TYR C 189 -29.58 36.93 -34.69
C TYR C 189 -29.07 36.75 -36.12
N GLU C 190 -28.88 35.49 -36.50
CA GLU C 190 -28.49 35.16 -37.85
C GLU C 190 -29.12 33.81 -38.19
N CYS C 191 -29.65 33.69 -39.39
CA CYS C 191 -30.29 32.45 -39.78
C CYS C 191 -30.21 32.30 -41.30
N LYS C 192 -30.24 31.05 -41.75
CA LYS C 192 -30.20 30.74 -43.18
C LYS C 192 -31.28 29.70 -43.47
N CYS C 193 -32.28 30.10 -44.25
CA CYS C 193 -33.35 29.24 -44.70
C CYS C 193 -33.55 29.43 -46.20
N GLY C 194 -32.45 29.35 -46.94
CA GLY C 194 -32.43 29.80 -48.32
C GLY C 194 -31.48 30.96 -48.48
N ASP C 195 -32.01 32.17 -48.64
CA ASP C 195 -31.19 33.37 -48.75
C ASP C 195 -30.52 33.67 -47.42
N TYR C 196 -29.28 34.18 -47.49
CA TYR C 196 -28.52 34.51 -46.29
C TYR C 196 -29.07 35.81 -45.69
N SER C 197 -29.37 35.77 -44.39
CA SER C 197 -30.04 36.90 -43.76
C SER C 197 -29.48 37.15 -42.37
N THR C 198 -29.18 38.42 -42.07
CA THR C 198 -28.70 38.87 -40.78
C THR C 198 -29.70 39.88 -40.20
N GLY C 199 -29.33 40.48 -39.08
CA GLY C 199 -30.14 41.53 -38.50
C GLY C 199 -29.93 41.64 -37.00
N ILE C 200 -30.71 42.54 -36.40
CA ILE C 200 -30.68 42.78 -34.97
C ILE C 200 -32.10 42.75 -34.42
N VAL C 201 -32.27 42.13 -33.26
CA VAL C 201 -33.55 42.10 -32.54
C VAL C 201 -33.31 42.40 -31.08
N SER C 202 -34.38 42.82 -30.39
CA SER C 202 -34.34 43.01 -28.96
C SER C 202 -35.57 42.45 -28.26
N THR C 203 -36.62 42.07 -29.00
CA THR C 203 -37.86 41.57 -28.43
C THR C 203 -38.27 40.28 -29.12
N ARG C 204 -39.49 39.84 -28.86
CA ARG C 204 -40.03 38.60 -29.40
C ARG C 204 -40.28 38.76 -30.90
N THR C 205 -39.51 38.05 -31.72
CA THR C 205 -39.49 38.28 -33.16
C THR C 205 -39.76 36.98 -33.92
N LYS C 206 -40.66 37.05 -34.89
CA LYS C 206 -40.95 35.93 -35.77
C LYS C 206 -40.04 35.96 -36.99
N MET C 207 -39.45 34.80 -37.30
CA MET C 207 -38.67 34.61 -38.52
C MET C 207 -39.41 33.62 -39.42
N ASN C 208 -39.53 33.98 -40.70
CA ASN C 208 -40.35 33.22 -41.64
C ASN C 208 -39.49 32.25 -42.45
N GLY C 209 -40.17 31.25 -43.01
CA GLY C 209 -39.55 30.31 -43.93
C GLY C 209 -38.66 29.26 -43.31
N CYS C 210 -38.77 29.01 -42.00
CA CYS C 210 -37.89 28.07 -41.31
C CYS C 210 -38.76 27.06 -40.56
N THR C 211 -38.37 25.79 -40.62
CA THR C 211 -39.15 24.70 -40.04
C THR C 211 -38.49 24.01 -38.86
N LYS C 212 -37.16 23.95 -38.82
CA LYS C 212 -36.43 23.28 -37.76
C LYS C 212 -35.63 24.28 -36.94
N ALA C 213 -35.14 23.84 -35.78
CA ALA C 213 -34.40 24.73 -34.89
C ALA C 213 -32.90 24.68 -35.11
N LYS C 214 -32.42 23.84 -36.02
CA LYS C 214 -30.99 23.61 -36.21
C LYS C 214 -30.37 24.50 -37.28
N GLN C 215 -31.10 25.49 -37.80
CA GLN C 215 -30.55 26.34 -38.86
C GLN C 215 -30.59 27.83 -38.55
N CYS C 216 -30.87 28.22 -37.31
CA CYS C 216 -30.84 29.63 -36.93
C CYS C 216 -29.98 29.75 -35.66
N ILE C 217 -29.25 30.86 -35.54
CA ILE C 217 -28.41 31.10 -34.36
C ILE C 217 -28.70 32.49 -33.82
N ALA C 218 -28.34 32.71 -32.55
CA ALA C 218 -28.53 33.99 -31.89
C ALA C 218 -27.54 34.17 -30.75
N TYR C 219 -27.03 35.39 -30.59
CA TYR C 219 -26.06 35.71 -29.55
C TYR C 219 -26.12 37.21 -29.29
N LYS C 220 -25.91 37.62 -28.03
CA LYS C 220 -25.88 39.05 -27.79
C LYS C 220 -24.52 39.63 -28.17
N SER C 221 -24.53 40.90 -28.55
CA SER C 221 -23.31 41.62 -28.91
C SER C 221 -22.55 41.95 -27.64
N ASP C 222 -21.52 41.17 -27.36
CA ASP C 222 -20.70 41.33 -26.16
C ASP C 222 -19.32 41.85 -26.58
N GLN C 223 -19.20 43.17 -26.65
CA GLN C 223 -17.92 43.82 -26.93
C GLN C 223 -17.30 44.46 -25.70
N THR C 224 -17.85 44.21 -24.52
CA THR C 224 -17.39 44.87 -23.30
C THR C 224 -16.49 43.94 -22.48
N LYS C 225 -15.91 42.94 -23.12
CA LYS C 225 -15.07 41.97 -22.42
C LYS C 225 -13.84 41.67 -23.25
N TRP C 226 -12.86 41.04 -22.60
CA TRP C 226 -11.62 40.62 -23.24
C TRP C 226 -11.37 39.17 -22.89
N VAL C 227 -10.90 38.39 -23.88
CA VAL C 227 -10.78 36.95 -23.75
C VAL C 227 -9.41 36.51 -24.26
N PHE C 228 -8.81 35.55 -23.56
CA PHE C 228 -7.47 35.07 -23.90
C PHE C 228 -7.54 34.11 -25.09
N ASN C 229 -6.41 33.94 -25.78
CA ASN C 229 -6.26 32.99 -26.85
C ASN C 229 -6.27 31.54 -26.34
N SER C 230 -7.45 31.04 -25.97
CA SER C 230 -7.63 29.65 -25.56
C SER C 230 -8.03 28.80 -26.76
N PRO C 231 -7.52 27.57 -26.88
CA PRO C 231 -7.84 26.74 -28.05
C PRO C 231 -9.23 26.12 -28.04
N ASP C 232 -10.03 26.34 -27.00
CA ASP C 232 -11.35 25.71 -26.89
C ASP C 232 -12.48 26.66 -27.20
N LEU C 233 -12.18 27.85 -27.73
CA LEU C 233 -13.21 28.86 -27.97
C LEU C 233 -13.08 29.44 -29.37
N ILE C 234 -14.22 29.78 -29.95
CA ILE C 234 -14.32 30.39 -31.27
C ILE C 234 -13.86 31.85 -31.16
N ARG C 235 -13.36 32.41 -32.25
CA ARG C 235 -12.84 33.77 -32.23
C ARG C 235 -13.67 34.70 -33.10
N HIS C 236 -13.41 36.00 -32.94
CA HIS C 236 -14.06 37.02 -33.74
C HIS C 236 -13.44 37.09 -35.13
N THR C 237 -14.12 37.80 -36.03
CA THR C 237 -13.60 38.00 -37.38
C THR C 237 -12.36 38.88 -37.36
N ASP C 238 -12.41 40.00 -36.63
CA ASP C 238 -11.26 40.89 -36.47
C ASP C 238 -10.48 40.41 -35.26
N HIS C 239 -9.53 39.49 -35.51
CA HIS C 239 -8.74 38.89 -34.44
C HIS C 239 -7.40 39.60 -34.28
N SER C 240 -7.48 40.89 -33.99
CA SER C 240 -6.30 41.70 -33.74
C SER C 240 -5.98 41.72 -32.24
N VAL C 241 -4.78 42.20 -31.92
CA VAL C 241 -4.36 42.34 -30.53
C VAL C 241 -5.10 43.52 -29.92
N GLN C 242 -5.81 43.30 -28.83
CA GLN C 242 -6.66 44.32 -28.21
C GLN C 242 -6.46 44.39 -26.69
N GLY C 243 -5.33 43.91 -26.19
CA GLY C 243 -5.06 43.97 -24.76
C GLY C 243 -3.79 43.24 -24.36
N LYS C 244 -3.27 43.56 -23.17
CA LYS C 244 -2.05 42.94 -22.68
C LYS C 244 -2.05 43.01 -21.16
N LEU C 245 -2.24 41.85 -20.51
CA LEU C 245 -1.96 41.76 -19.09
C LEU C 245 -0.54 41.24 -18.85
N HIS C 246 -0.05 41.47 -17.65
CA HIS C 246 1.27 41.00 -17.28
C HIS C 246 1.23 39.56 -16.79
N ILE C 247 2.39 38.95 -16.71
CA ILE C 247 2.53 37.64 -16.08
C ILE C 247 3.25 37.87 -14.76
N PRO C 248 2.55 37.93 -13.63
CA PRO C 248 3.23 38.11 -12.34
C PRO C 248 3.91 36.84 -11.87
N PHE C 249 4.42 36.89 -10.63
CA PHE C 249 5.06 35.77 -9.93
C PHE C 249 6.32 35.34 -10.68
N ARG C 250 7.17 36.33 -10.95
CA ARG C 250 8.34 36.15 -11.80
C ARG C 250 9.40 35.32 -11.11
N LEU C 251 10.07 34.45 -11.87
CA LEU C 251 11.22 33.71 -11.39
C LEU C 251 12.35 34.69 -11.11
N THR C 252 12.61 34.94 -9.83
CA THR C 252 13.62 35.89 -9.39
C THR C 252 14.78 35.16 -8.71
N PRO C 253 16.02 35.63 -8.90
CA PRO C 253 17.15 35.01 -8.19
C PRO C 253 17.19 35.41 -6.73
N THR C 254 17.75 34.52 -5.92
CA THR C 254 17.80 34.73 -4.47
C THR C 254 19.03 33.98 -3.93
N VAL C 255 19.18 33.99 -2.60
CA VAL C 255 20.15 33.16 -1.91
C VAL C 255 19.44 31.91 -1.42
N CYS C 256 20.18 30.79 -1.28
CA CYS C 256 19.56 29.47 -1.12
C CYS C 256 20.33 28.61 -0.13
N PRO C 257 19.64 27.91 0.78
CA PRO C 257 20.31 26.96 1.66
C PRO C 257 20.34 25.55 1.06
N VAL C 258 21.49 24.90 1.14
CA VAL C 258 21.65 23.49 0.77
C VAL C 258 22.41 22.80 1.89
N PRO C 259 22.20 21.50 2.13
CA PRO C 259 22.96 20.81 3.18
C PRO C 259 24.36 20.45 2.72
N LEU C 260 25.18 20.09 3.70
CA LEU C 260 26.55 19.62 3.47
C LEU C 260 26.68 18.22 4.08
N ALA C 261 27.30 17.31 3.32
CA ALA C 261 27.48 15.95 3.80
C ALA C 261 28.68 15.87 4.73
N HIS C 262 28.92 14.67 5.27
CA HIS C 262 30.05 14.45 6.16
C HIS C 262 31.35 14.45 5.37
N THR C 263 32.40 14.98 5.99
CA THR C 263 33.71 14.98 5.36
C THR C 263 34.27 13.56 5.30
N PRO C 264 34.70 13.09 4.14
CA PRO C 264 35.23 11.73 4.05
C PRO C 264 36.56 11.56 4.77
N THR C 265 36.83 10.32 5.17
CA THR C 265 38.10 9.95 5.77
C THR C 265 39.02 9.46 4.66
N VAL C 266 40.16 10.12 4.50
CA VAL C 266 41.07 9.85 3.40
C VAL C 266 42.17 8.91 3.88
N THR C 267 42.33 7.79 3.16
CA THR C 267 43.40 6.83 3.43
C THR C 267 44.37 6.89 2.28
N LYS C 268 45.64 7.17 2.57
CA LYS C 268 46.66 7.34 1.55
C LYS C 268 47.44 6.05 1.33
N TRP C 269 47.80 5.82 0.07
CA TRP C 269 48.67 4.71 -0.29
C TRP C 269 49.46 5.13 -1.52
N PHE C 270 50.29 4.20 -2.02
CA PHE C 270 51.27 4.50 -3.05
C PHE C 270 50.60 4.78 -4.40
N LYS C 271 50.62 6.05 -4.81
CA LYS C 271 49.96 6.57 -6.01
C LYS C 271 48.47 6.24 -6.00
N GLY C 272 47.82 6.60 -4.91
CA GLY C 272 46.40 6.35 -4.77
C GLY C 272 45.82 6.76 -3.43
N ILE C 273 44.53 7.06 -3.40
CA ILE C 273 43.82 7.41 -2.18
C ILE C 273 42.56 6.57 -2.06
N THR C 274 42.06 6.46 -0.84
CA THR C 274 40.86 5.70 -0.52
C THR C 274 39.88 6.60 0.21
N LEU C 275 38.66 6.69 -0.31
CA LEU C 275 37.64 7.56 0.26
C LEU C 275 36.74 6.74 1.17
N HIS C 276 36.84 6.98 2.48
CA HIS C 276 35.91 6.40 3.45
C HIS C 276 34.76 7.36 3.65
N LEU C 277 33.59 6.99 3.14
CA LEU C 277 32.45 7.88 2.97
C LEU C 277 31.26 7.42 3.79
N THR C 278 30.45 8.38 4.22
CA THR C 278 29.10 8.10 4.70
C THR C 278 28.14 9.12 4.08
N ALA C 279 26.97 8.64 3.66
CA ALA C 279 25.95 9.48 3.05
C ALA C 279 24.61 8.78 3.17
N THR C 280 23.65 9.42 3.85
CA THR C 280 22.33 8.82 3.98
C THR C 280 21.49 9.06 2.73
N ARG C 281 21.82 10.06 1.92
CA ARG C 281 21.08 10.45 0.74
C ARG C 281 22.00 10.40 -0.48
N PRO C 282 21.43 10.26 -1.70
CA PRO C 282 22.25 10.36 -2.92
C PRO C 282 22.95 11.69 -3.09
N THR C 283 24.29 11.65 -3.14
CA THR C 283 25.12 12.83 -3.29
C THR C 283 26.10 12.62 -4.43
N LEU C 284 26.61 13.70 -5.01
CA LEU C 284 27.45 13.61 -6.18
C LEU C 284 28.92 13.76 -5.85
N LEU C 285 29.75 12.93 -6.49
CA LEU C 285 31.20 13.05 -6.43
C LEU C 285 31.73 13.13 -7.85
N THR C 286 32.41 14.23 -8.17
CA THR C 286 33.03 14.41 -9.48
C THR C 286 34.53 14.54 -9.29
N THR C 287 35.29 13.66 -9.94
CA THR C 287 36.73 13.60 -9.80
C THR C 287 37.39 13.84 -11.15
N ARG C 288 38.56 14.48 -11.13
CA ARG C 288 39.31 14.69 -12.35
C ARG C 288 40.80 14.79 -12.03
N LYS C 289 41.63 14.37 -12.98
CA LYS C 289 43.07 14.51 -12.86
C LYS C 289 43.51 15.90 -13.29
N LEU C 290 44.80 16.16 -13.18
CA LEU C 290 45.41 17.41 -13.62
C LEU C 290 46.44 17.16 -14.72
N GLY C 291 46.20 16.16 -15.57
CA GLY C 291 47.16 15.81 -16.59
C GLY C 291 46.65 16.07 -18.00
N LEU C 292 47.17 15.31 -18.97
CA LEU C 292 46.69 15.43 -20.34
C LEU C 292 45.25 14.93 -20.46
N ARG C 293 44.92 13.83 -19.81
CA ARG C 293 43.58 13.27 -19.80
C ARG C 293 43.02 13.58 -18.41
N ALA C 294 41.85 14.22 -18.36
CA ALA C 294 41.29 14.63 -17.08
C ALA C 294 40.73 13.44 -16.30
N ASP C 295 40.25 12.41 -17.01
CA ASP C 295 39.64 11.19 -16.45
C ASP C 295 38.45 11.54 -15.55
N ALA C 296 37.44 12.18 -16.14
CA ALA C 296 36.30 12.65 -15.37
C ALA C 296 35.36 11.51 -15.00
N THR C 297 35.24 11.25 -13.71
CA THR C 297 34.34 10.23 -13.18
C THR C 297 33.30 10.88 -12.29
N ALA C 298 32.03 10.56 -12.53
CA ALA C 298 30.93 11.11 -11.76
C ALA C 298 29.92 10.02 -11.45
N GLU C 299 29.63 9.84 -10.16
CA GLU C 299 28.70 8.80 -9.74
C GLU C 299 27.89 9.34 -8.57
N TRP C 300 26.67 8.82 -8.40
CA TRP C 300 25.80 9.17 -7.28
C TRP C 300 25.80 8.04 -6.26
N ILE C 301 26.04 8.38 -5.00
CA ILE C 301 26.37 7.42 -3.95
C ILE C 301 25.21 7.32 -2.97
N THR C 302 24.70 6.11 -2.75
CA THR C 302 23.78 5.79 -1.68
C THR C 302 24.48 4.90 -0.66
N GLY C 303 24.22 5.17 0.62
CA GLY C 303 24.78 4.36 1.69
C GLY C 303 26.26 4.61 1.90
N THR C 304 26.91 3.62 2.52
CA THR C 304 28.34 3.68 2.84
C THR C 304 29.10 2.61 2.10
N THR C 305 30.23 2.99 1.53
CA THR C 305 31.12 2.09 0.81
C THR C 305 32.52 2.71 0.83
N SER C 306 33.44 2.11 0.08
CA SER C 306 34.79 2.66 -0.03
C SER C 306 35.19 2.68 -1.50
N ARG C 307 35.71 3.82 -1.93
CA ARG C 307 36.13 4.03 -3.31
C ARG C 307 37.63 4.27 -3.35
N ASN C 308 38.31 3.62 -4.29
CA ASN C 308 39.74 3.76 -4.47
C ASN C 308 40.01 4.49 -5.78
N PHE C 309 40.75 5.60 -5.71
CA PHE C 309 41.18 6.35 -6.88
C PHE C 309 42.69 6.49 -6.84
N SER C 310 43.33 6.23 -7.99
CA SER C 310 44.77 6.39 -8.11
C SER C 310 45.12 7.85 -8.36
N VAL C 311 46.10 8.37 -7.60
CA VAL C 311 46.52 9.76 -7.69
C VAL C 311 47.90 9.79 -8.34
N GLY C 312 48.03 10.54 -9.43
CA GLY C 312 49.27 10.68 -10.14
C GLY C 312 50.11 11.84 -9.62
N ARG C 313 51.28 12.00 -10.25
CA ARG C 313 52.18 13.10 -9.89
C ARG C 313 51.61 14.45 -10.32
N GLU C 314 50.79 14.47 -11.39
CA GLU C 314 50.19 15.71 -11.84
C GLU C 314 49.12 16.21 -10.87
N GLY C 315 48.50 15.30 -10.11
CA GLY C 315 47.55 15.66 -9.09
C GLY C 315 46.17 15.18 -9.44
N LEU C 316 45.23 15.41 -8.52
CA LEU C 316 43.85 15.01 -8.69
C LEU C 316 42.97 15.99 -7.93
N GLU C 317 41.75 16.17 -8.42
CA GLU C 317 40.76 17.01 -7.78
C GLU C 317 39.48 16.21 -7.59
N TYR C 318 38.98 16.17 -6.36
CA TYR C 318 37.69 15.56 -6.06
C TYR C 318 36.78 16.61 -5.42
N VAL C 319 35.51 16.59 -5.83
CA VAL C 319 34.48 17.48 -5.27
C VAL C 319 33.42 16.61 -4.64
N TRP C 320 33.37 16.61 -3.31
CA TRP C 320 32.44 15.78 -2.55
C TRP C 320 31.22 16.60 -2.17
N GLY C 321 30.11 16.36 -2.88
CA GLY C 321 28.90 17.12 -2.64
C GLY C 321 29.08 18.59 -2.99
N ASN C 322 28.61 19.46 -2.11
CA ASN C 322 28.77 20.89 -2.28
C ASN C 322 30.00 21.44 -1.59
N HIS C 323 30.86 20.58 -1.03
CA HIS C 323 32.06 21.02 -0.35
C HIS C 323 33.05 21.63 -1.33
N GLU C 324 34.01 22.38 -0.78
CA GLU C 324 35.06 22.98 -1.57
C GLU C 324 35.94 21.90 -2.20
N PRO C 325 36.38 22.09 -3.44
CA PRO C 325 37.28 21.10 -4.07
C PRO C 325 38.63 21.04 -3.36
N VAL C 326 38.89 19.89 -2.75
CA VAL C 326 40.11 19.65 -1.99
C VAL C 326 41.13 19.06 -2.94
N ARG C 327 42.28 19.72 -3.05
CA ARG C 327 43.27 19.44 -4.08
C ARG C 327 44.36 18.54 -3.49
N VAL C 328 44.72 17.49 -4.21
CA VAL C 328 45.75 16.55 -3.74
C VAL C 328 46.81 16.35 -4.81
N TRP C 329 48.00 15.94 -4.39
CA TRP C 329 49.06 15.46 -5.26
C TRP C 329 49.70 14.23 -4.65
N SER D 96 45.92 33.24 -14.05
CA SER D 96 45.92 33.11 -15.49
C SER D 96 44.52 33.38 -16.04
N GLU D 97 44.48 33.89 -17.27
CA GLU D 97 43.19 34.17 -17.93
C GLU D 97 43.31 33.73 -19.39
N LEU D 98 42.97 32.48 -19.64
CA LEU D 98 42.90 31.94 -21.01
C LEU D 98 41.48 32.14 -21.50
N THR D 99 41.28 33.16 -22.34
CA THR D 99 39.96 33.48 -22.85
C THR D 99 39.95 33.46 -24.38
N PRO D 100 38.90 32.93 -25.01
CA PRO D 100 38.80 32.99 -26.47
C PRO D 100 38.02 34.21 -26.94
N SER D 101 37.86 34.32 -28.26
CA SER D 101 36.98 35.32 -28.86
C SER D 101 35.75 34.59 -29.40
N THR D 102 34.58 34.95 -28.88
CA THR D 102 33.35 34.20 -29.12
C THR D 102 32.28 35.10 -29.70
N ASN D 103 31.33 34.46 -30.38
CA ASN D 103 30.17 35.14 -30.96
C ASN D 103 28.89 34.37 -30.62
N LYS D 104 27.77 35.07 -30.61
CA LYS D 104 26.48 34.46 -30.25
C LYS D 104 25.74 34.08 -31.53
N GLU D 105 25.42 32.79 -31.67
CA GLU D 105 24.64 32.35 -32.82
C GLU D 105 23.14 32.44 -32.54
N TYR D 106 22.67 31.76 -31.50
CA TYR D 106 21.24 31.78 -31.17
C TYR D 106 21.06 31.49 -29.69
N VAL D 107 19.81 31.56 -29.24
CA VAL D 107 19.42 31.19 -27.89
C VAL D 107 18.29 30.16 -27.98
N THR D 108 18.18 29.34 -26.94
CA THR D 108 17.15 28.31 -26.91
C THR D 108 16.75 28.05 -25.47
N CYS D 109 15.53 27.55 -25.31
CA CYS D 109 14.90 27.27 -24.02
C CYS D 109 13.70 26.39 -24.27
N ARG D 110 12.93 26.15 -23.21
CA ARG D 110 11.67 25.39 -23.39
C ARG D 110 10.74 26.24 -24.23
N PHE D 111 9.86 25.61 -25.00
CA PHE D 111 8.98 26.34 -25.90
C PHE D 111 7.57 26.40 -25.33
N HIS D 112 6.89 27.51 -25.60
CA HIS D 112 5.48 27.67 -25.26
C HIS D 112 4.70 27.38 -26.52
N THR D 113 3.99 26.26 -26.54
CA THR D 113 3.11 25.91 -27.65
C THR D 113 1.78 26.63 -27.42
N VAL D 114 1.71 27.87 -27.88
CA VAL D 114 0.46 28.64 -27.82
C VAL D 114 -0.42 28.12 -28.94
N ILE D 115 -1.74 28.20 -28.75
CA ILE D 115 -2.64 27.86 -29.84
C ILE D 115 -3.58 29.04 -30.06
N PRO D 116 -3.65 29.59 -31.27
CA PRO D 116 -4.67 30.60 -31.56
C PRO D 116 -6.05 29.98 -31.52
N SER D 117 -7.04 30.83 -31.23
CA SER D 117 -8.42 30.38 -31.15
C SER D 117 -8.90 29.91 -32.53
N PRO D 118 -9.53 28.74 -32.62
CA PRO D 118 -9.98 28.25 -33.93
C PRO D 118 -11.07 29.13 -34.53
N GLN D 119 -11.07 29.21 -35.86
CA GLN D 119 -12.04 29.99 -36.59
C GLN D 119 -12.85 29.06 -37.48
N VAL D 120 -14.14 29.35 -37.58
CA VAL D 120 -15.01 28.43 -38.36
C VAL D 120 -15.86 29.21 -39.37
N LYS D 121 -15.76 28.84 -40.65
CA LYS D 121 -16.70 29.46 -41.61
C LYS D 121 -17.93 28.57 -41.45
N CYS D 122 -19.04 29.16 -41.01
CA CYS D 122 -20.21 28.30 -40.71
C CYS D 122 -20.66 27.56 -41.94
N CYS D 123 -20.77 28.27 -43.06
CA CYS D 123 -21.33 27.57 -44.22
C CYS D 123 -20.46 27.84 -45.43
N GLY D 124 -19.19 28.18 -45.21
CA GLY D 124 -18.41 28.46 -46.40
C GLY D 124 -17.15 27.62 -46.60
N SER D 125 -16.09 28.25 -47.10
CA SER D 125 -14.85 27.55 -47.42
C SER D 125 -13.67 28.41 -47.03
N LEU D 126 -12.58 27.76 -46.65
CA LEU D 126 -11.37 28.43 -46.18
C LEU D 126 -10.13 28.01 -46.93
N GLU D 127 -9.15 28.91 -46.95
CA GLU D 127 -7.83 28.66 -47.50
C GLU D 127 -6.79 29.03 -46.45
N CYS D 128 -5.81 28.15 -46.27
CA CYS D 128 -4.77 28.34 -45.27
C CYS D 128 -3.82 29.44 -45.73
N LYS D 129 -3.48 30.33 -44.79
CA LYS D 129 -2.60 31.46 -45.15
C LYS D 129 -1.16 31.09 -44.88
N ALA D 130 -0.23 32.01 -45.17
CA ALA D 130 1.20 31.75 -45.05
C ALA D 130 1.80 32.83 -44.15
N SER D 131 1.86 32.55 -42.85
CA SER D 131 2.44 33.47 -41.89
C SER D 131 3.92 33.18 -41.70
N SER D 132 4.60 34.09 -41.02
CA SER D 132 6.04 34.00 -40.79
C SER D 132 6.34 33.75 -39.31
N LYS D 133 5.52 32.95 -38.65
CA LYS D 133 5.70 32.66 -37.25
C LYS D 133 6.68 31.49 -37.09
N ALA D 134 7.03 31.17 -35.84
CA ALA D 134 7.93 30.06 -35.56
C ALA D 134 7.17 28.74 -35.63
N ASP D 135 7.55 27.90 -36.60
CA ASP D 135 6.89 26.61 -36.89
C ASP D 135 5.40 26.80 -37.15
N TYR D 136 5.08 27.72 -38.04
CA TYR D 136 3.68 27.98 -38.38
C TYR D 136 3.11 26.84 -39.21
N THR D 137 2.01 26.27 -38.73
CA THR D 137 1.37 25.15 -39.41
C THR D 137 -0.14 25.37 -39.36
N CYS D 138 -0.73 25.58 -40.53
CA CYS D 138 -2.17 25.80 -40.64
C CYS D 138 -2.72 24.96 -41.79
N ARG D 139 -3.70 24.12 -41.47
CA ARG D 139 -4.34 23.26 -42.46
C ARG D 139 -5.84 23.28 -42.18
N VAL D 140 -6.63 23.05 -43.23
CA VAL D 140 -8.07 23.32 -43.22
C VAL D 140 -8.82 21.99 -43.26
N PHE D 141 -9.89 21.89 -42.45
CA PHE D 141 -10.69 20.68 -42.35
C PHE D 141 -12.07 20.91 -42.97
N GLY D 142 -12.91 19.87 -42.93
CA GLY D 142 -14.27 19.96 -43.42
C GLY D 142 -15.27 20.31 -42.34
N GLY D 143 -16.54 19.95 -42.56
CA GLY D 143 -17.60 20.21 -41.61
C GLY D 143 -17.47 19.45 -40.30
N VAL D 144 -17.46 20.17 -39.18
CA VAL D 144 -17.28 19.58 -37.85
C VAL D 144 -18.54 19.73 -37.00
N TYR D 145 -19.30 20.83 -37.20
CA TYR D 145 -20.48 21.26 -36.44
C TYR D 145 -20.21 21.32 -34.94
N PRO D 146 -19.43 22.29 -34.47
CA PRO D 146 -19.06 22.32 -33.05
C PRO D 146 -20.15 22.92 -32.17
N PHE D 147 -20.03 22.65 -30.86
CA PHE D 147 -20.91 23.20 -29.84
C PHE D 147 -20.09 24.07 -28.92
N MET D 148 -20.72 25.09 -28.31
CA MET D 148 -20.02 25.95 -27.35
C MET D 148 -20.52 25.72 -25.93
N TRP D 149 -21.77 26.05 -25.64
CA TRP D 149 -22.43 25.64 -24.40
C TRP D 149 -23.89 25.25 -24.60
N GLY D 150 -24.57 25.78 -25.60
CA GLY D 150 -25.97 25.54 -25.88
C GLY D 150 -26.25 24.60 -27.03
N GLY D 151 -25.25 23.84 -27.48
CA GLY D 151 -25.46 22.87 -28.53
C GLY D 151 -25.64 23.44 -29.92
N ALA D 152 -25.16 24.65 -30.18
CA ALA D 152 -25.27 25.25 -31.51
C ALA D 152 -24.18 26.29 -31.69
N GLN D 153 -23.49 26.20 -32.83
CA GLN D 153 -22.58 27.25 -33.27
C GLN D 153 -22.75 27.60 -34.74
N CYS D 154 -23.25 26.68 -35.57
CA CYS D 154 -23.56 26.96 -36.97
C CYS D 154 -24.88 26.35 -37.37
N PHE D 155 -25.22 26.57 -38.64
CA PHE D 155 -26.53 26.32 -39.21
C PHE D 155 -26.44 25.43 -40.44
N CYS D 156 -25.27 24.84 -40.68
CA CYS D 156 -25.02 24.04 -41.88
C CYS D 156 -24.33 22.77 -41.41
N ASP D 157 -25.00 21.63 -41.59
CA ASP D 157 -24.44 20.34 -41.17
C ASP D 157 -23.23 19.95 -41.99
N SER D 158 -23.27 20.16 -43.30
CA SER D 158 -22.11 20.06 -44.18
C SER D 158 -21.64 21.46 -44.54
N GLU D 159 -20.55 21.51 -45.30
CA GLU D 159 -19.80 22.73 -45.68
C GLU D 159 -19.63 23.70 -44.47
N ASN D 160 -19.14 23.13 -43.39
CA ASN D 160 -19.00 23.80 -42.09
C ASN D 160 -17.54 23.77 -41.67
N THR D 161 -16.67 24.22 -42.57
CA THR D 161 -15.22 24.05 -42.47
C THR D 161 -14.64 24.84 -41.29
N GLN D 162 -13.45 24.41 -40.87
CA GLN D 162 -12.78 24.90 -39.68
C GLN D 162 -11.30 25.15 -40.01
N LEU D 163 -10.76 26.21 -39.41
CA LEU D 163 -9.37 26.61 -39.63
C LEU D 163 -8.59 26.32 -38.35
N SER D 164 -7.65 25.37 -38.42
CA SER D 164 -6.81 25.02 -37.28
C SER D 164 -5.45 25.69 -37.42
N GLU D 165 -5.02 26.35 -36.36
CA GLU D 165 -3.79 27.15 -36.37
C GLU D 165 -2.95 26.82 -35.15
N ALA D 166 -1.63 26.73 -35.34
CA ALA D 166 -0.71 26.41 -34.25
C ALA D 166 0.69 26.89 -34.60
N TYR D 167 1.34 27.55 -33.63
CA TYR D 167 2.74 27.92 -33.72
C TYR D 167 3.25 28.16 -32.29
N VAL D 168 4.55 28.45 -32.19
CA VAL D 168 5.21 28.57 -30.88
C VAL D 168 5.96 29.89 -30.81
N GLU D 169 6.31 30.29 -29.58
CA GLU D 169 7.30 31.32 -29.34
C GLU D 169 8.19 30.84 -28.20
N PHE D 170 8.94 31.77 -27.61
CA PHE D 170 9.62 31.52 -26.36
C PHE D 170 8.61 31.40 -25.23
N ALA D 171 8.91 30.55 -24.25
CA ALA D 171 8.13 30.51 -23.03
C ALA D 171 8.46 31.75 -22.18
N PRO D 172 7.52 32.19 -21.33
CA PRO D 172 7.76 33.44 -20.58
C PRO D 172 8.88 33.37 -19.55
N ASP D 173 9.32 32.18 -19.14
CA ASP D 173 10.37 32.06 -18.15
C ASP D 173 11.77 32.08 -18.76
N CYS D 174 11.87 32.24 -20.09
CA CYS D 174 13.09 31.95 -20.83
C CYS D 174 14.21 32.94 -20.59
N THR D 175 13.96 34.04 -19.88
CA THR D 175 15.02 35.02 -19.64
C THR D 175 16.04 34.54 -18.60
N ILE D 176 15.81 33.41 -17.94
CA ILE D 176 16.76 32.86 -16.99
C ILE D 176 17.28 31.49 -17.43
N ASP D 177 16.39 30.49 -17.56
CA ASP D 177 16.83 29.12 -17.82
C ASP D 177 16.89 28.87 -19.33
N HIS D 178 17.90 29.47 -19.95
CA HIS D 178 18.10 29.38 -21.38
C HIS D 178 19.55 29.03 -21.69
N ALA D 179 19.76 28.30 -22.78
CA ALA D 179 21.07 27.91 -23.24
C ALA D 179 21.45 28.68 -24.49
N VAL D 180 22.69 29.18 -24.52
CA VAL D 180 23.16 30.05 -25.58
C VAL D 180 24.31 29.34 -26.30
N ALA D 181 24.25 29.31 -27.63
CA ALA D 181 25.22 28.61 -28.46
C ALA D 181 26.37 29.54 -28.80
N LEU D 182 27.60 29.10 -28.54
CA LEU D 182 28.78 29.90 -28.80
C LEU D 182 29.78 29.10 -29.65
N LYS D 183 30.51 29.83 -30.50
CA LYS D 183 31.60 29.28 -31.28
C LYS D 183 32.87 30.05 -30.94
N VAL D 184 33.97 29.32 -30.78
CA VAL D 184 35.19 29.90 -30.25
C VAL D 184 36.22 30.03 -31.37
N HIS D 185 37.29 30.78 -31.06
CA HIS D 185 38.43 30.93 -31.94
C HIS D 185 39.71 30.66 -31.16
N THR D 186 40.85 31.04 -31.72
CA THR D 186 42.13 30.95 -31.01
C THR D 186 42.09 31.80 -29.75
N ALA D 187 42.44 31.19 -28.62
CA ALA D 187 42.24 31.78 -27.31
C ALA D 187 43.48 32.53 -26.86
N ALA D 188 43.29 33.67 -26.21
CA ALA D 188 44.37 34.50 -25.70
C ALA D 188 44.57 34.23 -24.22
N PHE D 230 47.18 24.95 -25.91
CA PHE D 230 46.06 24.07 -25.61
C PHE D 230 44.84 24.93 -25.30
N SER D 231 43.69 24.48 -25.76
CA SER D 231 42.42 25.10 -25.40
C SER D 231 41.49 24.01 -24.88
N PRO D 232 41.02 24.13 -23.62
CA PRO D 232 40.10 23.11 -23.09
C PRO D 232 38.72 23.14 -23.71
N PHE D 233 38.36 24.23 -24.38
CA PHE D 233 37.06 24.33 -25.03
C PHE D 233 37.10 23.62 -26.38
N ASP D 234 35.99 22.98 -26.74
CA ASP D 234 35.84 22.49 -28.11
C ASP D 234 35.41 23.63 -29.02
N HIS D 235 35.25 23.31 -30.31
CA HIS D 235 34.92 24.34 -31.30
C HIS D 235 33.49 24.86 -31.12
N LYS D 236 32.62 24.06 -30.52
CA LYS D 236 31.24 24.45 -30.25
C LYS D 236 30.94 24.26 -28.77
N VAL D 237 30.63 25.35 -28.07
CA VAL D 237 30.39 25.30 -26.63
C VAL D 237 29.00 25.86 -26.32
N VAL D 238 28.42 25.38 -25.23
CA VAL D 238 27.08 25.74 -24.78
C VAL D 238 27.16 26.25 -23.35
N ILE D 239 26.57 27.41 -23.09
CA ILE D 239 26.50 28.00 -21.75
C ILE D 239 25.05 27.97 -21.28
N ARG D 240 24.83 27.50 -20.05
CA ARG D 240 23.51 27.52 -19.43
C ARG D 240 23.69 27.71 -17.93
N LYS D 241 23.31 28.91 -17.44
CA LYS D 241 23.27 29.27 -16.02
C LYS D 241 24.63 29.10 -15.34
N GLY D 242 25.69 29.46 -16.05
CA GLY D 242 27.04 29.39 -15.53
C GLY D 242 27.76 28.08 -15.83
N LEU D 243 27.02 27.04 -16.20
CA LEU D 243 27.64 25.77 -16.52
C LEU D 243 27.95 25.69 -18.01
N VAL D 244 29.20 25.35 -18.33
CA VAL D 244 29.67 25.31 -19.70
C VAL D 244 29.74 23.86 -20.16
N TYR D 245 29.22 23.59 -21.36
CA TYR D 245 29.26 22.28 -21.98
C TYR D 245 30.00 22.38 -23.30
N ASN D 246 30.71 21.32 -23.66
CA ASN D 246 31.34 21.20 -24.97
C ASN D 246 30.48 20.34 -25.89
N TYR D 247 29.36 20.92 -26.33
CA TYR D 247 28.36 20.19 -27.11
C TYR D 247 28.32 20.71 -28.54
N ASP D 248 28.29 19.79 -29.49
CA ASP D 248 28.26 20.12 -30.92
C ASP D 248 26.82 20.32 -31.38
N PHE D 249 26.32 21.53 -31.16
CA PHE D 249 24.99 21.90 -31.59
C PHE D 249 24.90 22.05 -33.11
N PRO D 250 23.73 21.79 -33.70
CA PRO D 250 23.55 22.05 -35.13
C PRO D 250 23.54 23.54 -35.44
N GLU D 251 23.90 23.86 -36.68
CA GLU D 251 24.09 25.23 -37.10
C GLU D 251 22.75 25.95 -37.27
N TYR D 252 22.84 27.25 -37.52
CA TYR D 252 21.66 28.08 -37.64
C TYR D 252 20.95 27.78 -38.95
N GLY D 253 19.92 26.93 -38.87
CA GLY D 253 19.16 26.51 -40.02
C GLY D 253 19.18 25.02 -40.29
N ALA D 254 20.13 24.29 -39.73
CA ALA D 254 20.24 22.84 -39.95
C ALA D 254 19.39 22.08 -38.92
N MET D 255 18.08 22.13 -39.12
CA MET D 255 17.14 21.75 -38.06
C MET D 255 16.42 20.44 -38.32
N LYS D 256 16.46 19.58 -37.30
CA LYS D 256 15.61 18.42 -37.14
C LYS D 256 15.07 18.51 -35.71
N PRO D 257 13.84 18.08 -35.45
CA PRO D 257 13.30 18.23 -34.09
C PRO D 257 13.81 17.16 -33.15
N GLY D 258 13.46 17.30 -31.88
CA GLY D 258 13.69 16.27 -30.89
C GLY D 258 15.01 16.32 -30.15
N ALA D 259 15.86 17.30 -30.43
CA ALA D 259 17.16 17.41 -29.80
C ALA D 259 17.43 18.86 -29.41
N PHE D 260 18.68 19.13 -29.01
CA PHE D 260 19.09 20.47 -28.61
C PHE D 260 19.08 21.43 -29.80
N GLY D 261 18.79 22.69 -29.50
CA GLY D 261 18.76 23.73 -30.52
C GLY D 261 17.49 23.75 -31.33
N ASP D 262 16.42 23.17 -30.81
CA ASP D 262 15.19 23.04 -31.59
C ASP D 262 14.44 24.36 -31.75
N ILE D 263 14.85 25.41 -31.04
CA ILE D 263 14.31 26.75 -31.21
C ILE D 263 15.48 27.71 -31.39
N GLN D 264 15.43 28.51 -32.45
CA GLN D 264 16.42 29.55 -32.65
C GLN D 264 15.79 30.93 -32.78
N ALA D 265 16.39 31.88 -32.05
CA ALA D 265 16.17 33.30 -32.27
C ALA D 265 17.45 34.00 -31.87
N SER D 266 17.66 35.20 -32.43
CA SER D 266 18.93 35.90 -32.22
C SER D 266 19.05 36.42 -30.79
N SER D 267 17.93 36.74 -30.15
CA SER D 267 17.94 37.22 -28.79
C SER D 267 16.68 36.75 -28.09
N LEU D 268 16.58 37.05 -26.80
CA LEU D 268 15.39 36.72 -26.02
C LEU D 268 14.18 37.53 -26.47
N ASP D 269 14.39 38.81 -26.78
CA ASP D 269 13.31 39.68 -27.23
C ASP D 269 13.20 39.75 -28.75
N ALA D 270 13.96 38.94 -29.47
CA ALA D 270 13.92 38.96 -30.93
C ALA D 270 12.61 38.37 -31.44
N THR D 271 12.01 39.05 -32.43
CA THR D 271 10.74 38.63 -32.99
C THR D 271 10.88 37.74 -34.21
N ASP D 272 12.09 37.53 -34.70
CA ASP D 272 12.32 36.68 -35.88
C ASP D 272 12.64 35.25 -35.45
N ILE D 273 11.72 34.67 -34.68
CA ILE D 273 11.91 33.31 -34.18
C ILE D 273 11.54 32.31 -35.27
N VAL D 274 12.42 31.35 -35.50
CA VAL D 274 12.18 30.24 -36.43
C VAL D 274 12.28 28.94 -35.64
N ALA D 275 11.38 28.00 -35.94
CA ALA D 275 11.35 26.75 -35.20
C ALA D 275 10.92 25.63 -36.14
N ARG D 276 11.38 24.41 -35.83
CA ARG D 276 10.92 23.19 -36.50
C ARG D 276 10.78 22.12 -35.42
N THR D 277 9.60 22.07 -34.81
CA THR D 277 9.30 21.11 -33.76
C THR D 277 8.14 20.19 -34.12
N ASP D 278 8.11 19.72 -35.39
CA ASP D 278 7.21 18.72 -36.01
C ASP D 278 5.77 18.74 -35.49
N ILE D 279 5.18 19.93 -35.43
CA ILE D 279 3.81 20.08 -34.94
C ILE D 279 2.83 19.69 -36.03
N ARG D 280 1.90 18.80 -35.68
CA ARG D 280 0.87 18.33 -36.59
C ARG D 280 -0.48 18.44 -35.90
N LEU D 281 -1.46 19.01 -36.62
CA LEU D 281 -2.81 19.19 -36.13
C LEU D 281 -3.71 18.08 -36.66
N LEU D 282 -4.51 17.51 -35.77
CA LEU D 282 -5.34 16.35 -36.09
C LEU D 282 -6.79 16.80 -36.29
N LYS D 283 -7.57 15.91 -36.87
CA LYS D 283 -8.99 16.17 -37.09
C LYS D 283 -9.74 16.05 -35.76
N PRO D 284 -10.63 16.99 -35.44
CA PRO D 284 -11.42 16.89 -34.20
C PRO D 284 -12.45 15.78 -34.31
N SER D 285 -12.51 14.91 -33.30
CA SER D 285 -13.36 13.73 -33.32
C SER D 285 -14.66 13.92 -32.53
N VAL D 286 -14.58 14.44 -31.30
CA VAL D 286 -15.78 14.56 -30.47
C VAL D 286 -16.59 15.76 -30.95
N LYS D 287 -17.90 15.72 -30.65
CA LYS D 287 -18.83 16.75 -31.11
C LYS D 287 -18.51 18.11 -30.50
N ASN D 288 -18.08 18.14 -29.24
CA ASN D 288 -17.65 19.39 -28.63
C ASN D 288 -16.33 19.85 -29.25
N ILE D 289 -16.12 21.17 -29.21
CA ILE D 289 -15.03 21.76 -29.97
C ILE D 289 -13.71 21.58 -29.21
N HIS D 290 -12.66 21.21 -29.94
CA HIS D 290 -11.28 21.32 -29.51
C HIS D 290 -10.43 21.31 -30.76
N VAL D 291 -9.19 21.72 -30.64
CA VAL D 291 -8.17 21.45 -31.66
C VAL D 291 -7.13 20.51 -31.06
N PRO D 292 -6.89 19.35 -31.65
CA PRO D 292 -5.88 18.44 -31.13
C PRO D 292 -4.54 18.59 -31.84
N TYR D 293 -3.49 18.16 -31.14
CA TYR D 293 -2.15 18.18 -31.72
C TYR D 293 -1.32 17.09 -31.06
N THR D 294 -0.54 16.40 -31.89
CA THR D 294 0.48 15.47 -31.43
C THR D 294 1.84 16.04 -31.76
N GLN D 295 2.68 16.20 -30.74
CA GLN D 295 3.93 16.91 -30.90
C GLN D 295 4.98 16.26 -30.00
N ALA D 296 6.24 16.35 -30.43
CA ALA D 296 7.34 15.67 -29.76
C ALA D 296 7.64 16.31 -28.41
N VAL D 297 8.48 15.64 -27.62
CA VAL D 297 8.88 16.18 -26.33
C VAL D 297 9.88 17.32 -26.54
N SER D 298 10.17 18.02 -25.46
CA SER D 298 11.11 19.13 -25.52
C SER D 298 12.53 18.61 -25.70
N GLY D 299 13.18 19.03 -26.78
CA GLY D 299 14.58 18.69 -26.96
C GLY D 299 15.49 19.42 -25.99
N TYR D 300 15.03 20.57 -25.49
CA TYR D 300 15.72 21.26 -24.41
C TYR D 300 15.73 20.43 -23.14
N GLU D 301 14.57 19.86 -22.78
CA GLU D 301 14.48 19.03 -21.58
C GLU D 301 15.17 17.69 -21.79
N MET D 302 15.12 17.15 -23.01
CA MET D 302 15.81 15.89 -23.30
C MET D 302 17.32 16.06 -23.23
N TRP D 303 17.83 17.18 -23.77
CA TRP D 303 19.25 17.49 -23.66
C TRP D 303 19.64 17.80 -22.22
N LYS D 304 18.71 18.39 -21.49
CA LYS D 304 18.97 18.69 -20.06
C LYS D 304 19.12 17.35 -19.35
N ASN D 305 18.23 16.41 -19.68
CA ASN D 305 18.30 15.06 -19.05
C ASN D 305 19.62 14.42 -19.44
N ASN D 306 20.01 14.56 -20.71
CA ASN D 306 21.25 13.92 -21.20
C ASN D 306 22.36 14.97 -21.24
N SER D 307 22.51 15.73 -20.15
CA SER D 307 23.48 16.82 -20.17
C SER D 307 24.91 16.33 -19.93
N GLY D 308 25.10 15.45 -18.96
CA GLY D 308 26.43 15.07 -18.54
C GLY D 308 26.99 16.08 -17.55
N ARG D 309 28.31 16.07 -17.46
CA ARG D 309 28.94 16.97 -16.50
C ARG D 309 29.59 18.16 -17.20
N PRO D 310 29.56 19.34 -16.56
CA PRO D 310 30.15 20.53 -17.19
C PRO D 310 31.66 20.54 -17.15
N LEU D 311 32.28 21.48 -17.88
CA LEU D 311 33.72 21.52 -18.05
C LEU D 311 34.46 22.07 -16.84
N GLN D 312 33.74 22.56 -15.82
CA GLN D 312 34.41 23.01 -14.60
C GLN D 312 35.04 21.86 -13.83
N GLU D 313 34.54 20.63 -14.01
CA GLU D 313 35.16 19.43 -13.46
C GLU D 313 35.53 18.43 -14.56
N THR D 314 35.59 18.89 -15.80
CA THR D 314 35.90 18.01 -16.93
C THR D 314 37.11 18.49 -17.73
N ALA D 315 37.43 19.78 -17.72
CA ALA D 315 38.61 20.28 -18.42
C ALA D 315 39.87 19.83 -17.70
N PRO D 316 40.91 19.42 -18.43
CA PRO D 316 42.14 18.94 -17.79
C PRO D 316 43.04 20.10 -17.37
N PHE D 317 44.24 19.74 -16.90
CA PHE D 317 45.33 20.66 -16.52
C PHE D 317 44.95 21.59 -15.36
N GLY D 318 43.94 21.22 -14.58
CA GLY D 318 43.55 21.97 -13.39
C GLY D 318 43.07 23.38 -13.66
N CYS D 319 42.28 23.58 -14.71
CA CYS D 319 41.89 24.91 -15.13
C CYS D 319 40.45 25.19 -14.69
N LYS D 320 40.27 26.26 -13.93
CA LYS D 320 38.97 26.63 -13.38
C LYS D 320 38.25 27.51 -14.40
N ILE D 321 37.11 27.02 -14.89
CA ILE D 321 36.38 27.74 -15.91
C ILE D 321 35.47 28.79 -15.27
N GLU D 322 35.47 30.00 -15.83
CA GLU D 322 34.64 31.08 -15.35
C GLU D 322 33.95 31.74 -16.53
N VAL D 323 32.85 32.44 -16.23
CA VAL D 323 32.01 33.06 -17.24
C VAL D 323 32.04 34.57 -17.05
N GLU D 324 31.35 35.27 -17.97
CA GLU D 324 31.19 36.73 -18.13
C GLU D 324 32.51 37.50 -17.97
N PRO D 325 33.39 37.47 -19.00
CA PRO D 325 33.32 36.74 -20.27
C PRO D 325 33.80 35.31 -20.11
N LEU D 326 33.58 34.48 -21.13
CA LEU D 326 33.99 33.08 -21.08
C LEU D 326 35.52 32.99 -21.08
N ARG D 327 36.06 32.24 -20.14
CA ARG D 327 37.50 32.22 -19.88
C ARG D 327 37.83 30.96 -19.11
N ALA D 328 39.14 30.72 -18.97
CA ALA D 328 39.66 29.62 -18.17
C ALA D 328 40.69 30.18 -17.21
N SER D 329 40.39 30.16 -15.92
CA SER D 329 41.23 30.77 -14.89
C SER D 329 42.09 29.71 -14.21
N ASN D 330 43.31 30.11 -13.85
CA ASN D 330 44.30 29.29 -13.15
C ASN D 330 44.62 28.00 -13.91
N CYS D 331 44.83 28.15 -15.22
CA CYS D 331 45.12 27.02 -16.09
C CYS D 331 46.63 26.79 -16.11
N PRO E 1 7.50 23.42 29.02
CA PRO E 1 7.08 23.67 27.63
C PRO E 1 7.80 24.86 27.02
N TYR E 2 9.02 24.63 26.52
CA TYR E 2 9.77 25.69 25.88
C TYR E 2 9.36 25.82 24.42
N LEU E 3 10.04 26.71 23.70
CA LEU E 3 9.87 26.85 22.27
C LEU E 3 11.17 26.43 21.59
N GLY E 4 11.05 25.75 20.46
CA GLY E 4 12.21 25.27 19.74
C GLY E 4 12.26 25.73 18.31
N PHE E 5 13.44 25.65 17.69
CA PHE E 5 13.65 26.08 16.32
C PHE E 5 13.32 24.89 15.43
N CYS E 6 12.07 24.85 14.97
CA CYS E 6 11.58 23.76 14.13
C CYS E 6 12.26 23.78 12.76
N PRO E 7 12.71 22.63 12.24
CA PRO E 7 13.43 22.65 10.95
C PRO E 7 12.53 22.95 9.76
N TYR E 8 11.21 22.79 9.88
CA TYR E 8 10.28 23.14 8.81
C TYR E 8 8.98 23.63 9.43
N CYS E 9 8.78 24.94 9.41
CA CYS E 9 7.56 25.55 9.92
C CYS E 9 6.46 25.47 8.85
N ARG E 10 5.36 26.16 9.10
CA ARG E 10 4.19 25.99 8.21
C ARG E 10 4.44 26.46 6.77
N HIS E 11 5.01 27.65 6.57
CA HIS E 11 5.06 28.13 5.18
C HIS E 11 6.19 27.48 4.37
N SER E 12 7.44 27.87 4.59
CA SER E 12 8.59 27.16 4.01
C SER E 12 9.78 27.11 4.96
N ALA E 13 10.00 28.22 5.66
CA ALA E 13 11.28 28.47 6.31
C ALA E 13 11.25 27.93 7.73
N PRO E 14 12.42 27.54 8.28
CA PRO E 14 12.47 27.19 9.71
C PRO E 14 12.22 28.40 10.59
N CYS E 15 11.57 28.16 11.72
CA CYS E 15 11.24 29.24 12.65
C CYS E 15 11.12 28.66 14.05
N PHE E 16 10.67 29.50 14.98
CA PHE E 16 10.52 29.08 16.37
C PHE E 16 9.07 28.68 16.62
N SER E 17 8.86 27.46 17.07
CA SER E 17 7.54 26.91 17.33
C SER E 17 7.55 26.20 18.67
N PRO E 18 6.41 26.18 19.38
CA PRO E 18 6.34 25.41 20.63
C PRO E 18 6.05 23.92 20.44
N ILE E 19 6.01 23.44 19.20
CA ILE E 19 5.67 22.05 18.90
C ILE E 19 6.81 21.34 18.17
N LYS E 20 8.04 21.76 18.45
CA LYS E 20 9.21 21.20 17.77
C LYS E 20 9.45 19.75 18.18
N ILE E 21 9.60 18.89 17.18
CA ILE E 21 9.99 17.49 17.40
C ILE E 21 11.51 17.46 17.54
N GLU E 22 12.00 16.86 18.62
CA GLU E 22 13.45 16.71 18.75
C GLU E 22 13.95 15.44 18.08
N ASN E 23 13.26 14.31 18.29
CA ASN E 23 13.67 13.04 17.70
C ASN E 23 12.48 12.11 17.57
N VAL E 24 12.63 11.08 16.75
CA VAL E 24 11.53 10.21 16.33
C VAL E 24 11.93 8.76 16.60
N TRP E 25 11.07 8.02 17.30
CA TRP E 25 11.27 6.61 17.59
C TRP E 25 10.28 5.79 16.78
N ASP E 26 10.80 4.87 15.96
CA ASP E 26 9.97 4.04 15.09
C ASP E 26 10.46 2.58 15.09
N GLU E 27 10.70 2.04 16.28
CA GLU E 27 11.23 0.69 16.42
C GLU E 27 10.17 -0.36 16.71
N SER E 28 8.90 0.03 16.84
CA SER E 28 7.87 -0.93 17.19
C SER E 28 7.49 -1.81 16.00
N ASP E 29 7.17 -3.07 16.29
CA ASP E 29 6.93 -4.06 15.25
C ASP E 29 5.61 -3.86 14.52
N ASP E 30 4.61 -3.23 15.13
CA ASP E 30 3.30 -3.05 14.50
C ASP E 30 3.24 -1.85 13.57
N GLY E 31 4.26 -0.99 13.59
CA GLY E 31 4.24 0.24 12.82
C GLY E 31 3.75 1.45 13.58
N SER E 32 3.80 1.43 14.91
CA SER E 32 3.45 2.61 15.70
C SER E 32 4.69 3.47 15.92
N ILE E 33 4.48 4.78 15.99
CA ILE E 33 5.57 5.74 16.12
C ILE E 33 5.26 6.65 17.29
N ARG E 34 6.22 6.79 18.21
CA ARG E 34 6.09 7.68 19.36
C ARG E 34 6.98 8.91 19.12
N ILE E 35 6.44 10.09 19.44
CA ILE E 35 7.03 11.37 19.10
C ILE E 35 7.30 12.18 20.36
N GLN E 36 8.54 12.65 20.50
CA GLN E 36 8.89 13.66 21.50
C GLN E 36 8.63 15.05 20.93
N VAL E 37 7.70 15.77 21.56
CA VAL E 37 7.37 17.12 21.14
C VAL E 37 7.89 18.04 22.23
N SER E 38 8.08 19.33 21.92
CA SER E 38 8.61 20.28 22.89
C SER E 38 7.54 20.88 23.80
N ALA E 39 6.28 20.47 23.64
CA ALA E 39 5.22 20.89 24.54
C ALA E 39 4.83 19.75 25.47
N GLN E 40 4.12 20.10 26.54
CA GLN E 40 3.65 19.12 27.53
C GLN E 40 2.19 18.78 27.25
N PHE E 41 1.89 17.49 27.22
CA PHE E 41 0.58 16.98 26.86
C PHE E 41 -0.07 16.29 28.04
N GLY E 42 -1.29 16.70 28.36
CA GLY E 42 -2.07 16.07 29.40
C GLY E 42 -2.11 16.76 30.75
N TYR E 43 -1.77 18.05 30.81
CA TYR E 43 -1.83 18.80 32.06
C TYR E 43 -2.52 20.14 31.83
N ASN E 44 -3.15 20.65 32.89
CA ASN E 44 -3.80 21.95 32.87
C ASN E 44 -2.81 23.06 33.23
N GLN E 45 -3.33 24.25 33.51
CA GLN E 45 -2.47 25.39 33.83
C GLN E 45 -1.79 25.23 35.18
N ALA E 46 -2.54 24.80 36.19
CA ALA E 46 -2.01 24.75 37.55
C ALA E 46 -1.04 23.59 37.77
N GLY E 47 -1.21 22.49 37.06
CA GLY E 47 -0.37 21.33 37.25
C GLY E 47 -1.11 20.03 37.50
N THR E 48 -2.43 20.05 37.45
CA THR E 48 -3.20 18.83 37.63
C THR E 48 -3.33 18.09 36.30
N ALA E 49 -3.01 16.79 36.33
CA ALA E 49 -3.04 15.99 35.11
C ALA E 49 -4.48 15.71 34.69
N ASP E 50 -4.83 16.17 33.49
CA ASP E 50 -6.16 15.93 32.93
C ASP E 50 -6.02 15.60 31.46
N VAL E 51 -6.77 14.60 31.00
CA VAL E 51 -6.59 14.06 29.66
C VAL E 51 -7.04 15.03 28.58
N THR E 52 -8.12 15.77 28.83
CA THR E 52 -8.82 16.49 27.77
C THR E 52 -8.11 17.75 27.28
N LYS E 53 -7.05 18.20 27.93
CA LYS E 53 -6.40 19.44 27.53
C LYS E 53 -4.92 19.41 27.90
N PHE E 54 -4.15 20.25 27.22
CA PHE E 54 -2.70 20.31 27.36
C PHE E 54 -2.25 21.75 27.51
N ARG E 55 -0.93 21.93 27.57
CA ARG E 55 -0.33 23.25 27.73
C ARG E 55 0.77 23.45 26.68
N TYR E 56 1.05 24.72 26.37
CA TYR E 56 2.15 25.08 25.48
C TYR E 56 2.62 26.49 25.83
N MET E 57 3.54 27.01 25.03
CA MET E 57 4.18 28.30 25.26
C MET E 57 3.58 29.32 24.30
N SER E 58 3.05 30.41 24.85
CA SER E 58 2.20 31.32 24.08
C SER E 58 3.03 32.35 23.32
N PHE E 59 2.50 32.76 22.17
CA PHE E 59 3.14 33.76 21.30
C PHE E 59 2.90 35.18 21.81
N ASP E 60 3.47 35.52 22.95
CA ASP E 60 3.36 36.85 23.54
C ASP E 60 4.62 37.18 24.34
N HIS E 61 4.65 38.41 24.86
CA HIS E 61 5.89 38.97 25.41
C HIS E 61 6.06 38.74 26.91
N ASP E 62 5.12 38.09 27.58
CA ASP E 62 5.35 37.68 28.96
C ASP E 62 5.50 36.17 29.12
N HIS E 63 5.46 35.43 27.99
CA HIS E 63 5.66 33.98 27.87
C HIS E 63 4.87 33.16 28.90
N ASP E 64 3.60 33.54 29.07
CA ASP E 64 2.72 32.79 29.94
C ASP E 64 2.31 31.46 29.28
N ILE E 65 1.84 30.53 30.10
CA ILE E 65 1.47 29.21 29.61
C ILE E 65 0.01 29.23 29.19
N LYS E 66 -0.25 28.89 27.93
CA LYS E 66 -1.59 28.93 27.35
C LYS E 66 -2.00 27.50 26.99
N GLU E 67 -3.30 27.24 27.04
CA GLU E 67 -3.82 25.88 27.02
C GLU E 67 -4.84 25.69 25.91
N ASP E 68 -4.74 24.55 25.21
CA ASP E 68 -5.71 24.11 24.22
C ASP E 68 -6.14 22.68 24.52
N SER E 69 -7.09 22.20 23.73
CA SER E 69 -7.69 20.90 23.97
C SER E 69 -7.17 19.84 23.00
N MET E 70 -7.63 18.60 23.19
CA MET E 70 -7.20 17.46 22.38
C MET E 70 -7.71 17.50 20.95
N ASP E 71 -8.88 18.12 20.72
CA ASP E 71 -9.54 18.01 19.42
C ASP E 71 -8.88 18.85 18.33
N LYS E 72 -7.92 19.72 18.67
CA LYS E 72 -7.33 20.61 17.68
C LYS E 72 -5.94 20.18 17.24
N ILE E 73 -5.40 19.08 17.77
CA ILE E 73 -4.09 18.61 17.35
C ILE E 73 -4.25 17.53 16.28
N ALA E 74 -3.18 17.30 15.52
CA ALA E 74 -3.22 16.32 14.44
C ALA E 74 -1.81 15.80 14.17
N ILE E 75 -1.73 14.53 13.80
CA ILE E 75 -0.49 13.88 13.39
C ILE E 75 -0.68 13.40 11.95
N SER E 76 0.31 13.62 11.11
CA SER E 76 0.21 13.19 9.72
C SER E 76 1.59 12.93 9.15
N THR E 77 1.68 11.93 8.27
CA THR E 77 2.87 11.68 7.46
C THR E 77 2.59 11.90 5.98
N SER E 78 1.64 11.16 5.43
CA SER E 78 1.05 11.41 4.12
C SER E 78 -0.46 11.50 4.18
N GLY E 79 -1.09 10.67 5.00
CA GLY E 79 -2.47 10.83 5.38
C GLY E 79 -2.57 11.17 6.84
N PRO E 80 -3.78 11.18 7.40
CA PRO E 80 -3.93 11.55 8.80
C PRO E 80 -3.71 10.38 9.76
N CYS E 81 -2.69 10.54 10.61
CA CYS E 81 -2.37 9.54 11.63
C CYS E 81 -3.34 9.66 12.80
N ARG E 82 -3.73 8.51 13.34
CA ARG E 82 -4.65 8.48 14.47
C ARG E 82 -3.87 8.43 15.78
N ARG E 83 -4.41 9.09 16.80
CA ARG E 83 -3.69 9.14 18.10
C ARG E 83 -4.11 7.93 18.93
N LEU E 84 -3.18 7.39 19.69
CA LEU E 84 -3.42 6.25 20.56
C LEU E 84 -3.04 6.50 22.01
N GLY E 85 -2.11 7.43 22.26
CA GLY E 85 -1.69 7.71 23.62
C GLY E 85 -0.83 8.95 23.69
N HIS E 86 -0.81 9.55 24.88
CA HIS E 86 -0.08 10.79 25.11
C HIS E 86 0.15 10.96 26.60
N LYS E 87 1.37 11.35 26.97
CA LYS E 87 1.69 11.66 28.36
C LYS E 87 2.90 12.57 28.38
N GLY E 88 2.74 13.77 28.93
CA GLY E 88 3.83 14.70 29.11
C GLY E 88 4.44 15.22 27.82
N TYR E 89 5.73 15.00 27.65
CA TYR E 89 6.47 15.51 26.50
C TYR E 89 6.37 14.61 25.27
N PHE E 90 5.65 13.49 25.38
CA PHE E 90 5.70 12.42 24.38
C PHE E 90 4.34 12.14 23.79
N LEU E 91 4.34 11.51 22.62
CA LEU E 91 3.12 11.07 21.92
C LEU E 91 3.22 9.59 21.60
N LEU E 92 2.18 9.09 20.92
CA LEU E 92 2.22 7.81 20.22
C LEU E 92 1.13 7.87 19.16
N ALA E 93 1.42 7.36 17.96
CA ALA E 93 0.46 7.38 16.88
C ALA E 93 0.72 6.22 15.92
N GLN E 94 -0.35 5.81 15.23
CA GLN E 94 -0.25 4.84 14.15
C GLN E 94 -0.25 5.60 12.83
N CYS E 95 0.76 5.36 12.01
CA CYS E 95 0.97 6.20 10.84
C CYS E 95 1.14 5.38 9.56
N PRO E 96 0.67 5.90 8.43
CA PRO E 96 1.03 5.30 7.14
C PRO E 96 2.48 5.59 6.80
N PRO E 97 3.08 4.81 5.90
CA PRO E 97 4.47 5.09 5.49
C PRO E 97 4.59 6.41 4.74
N GLY E 98 5.75 7.04 4.90
CA GLY E 98 5.97 8.34 4.29
C GLY E 98 7.43 8.72 4.37
N ASP E 99 7.69 10.02 4.29
CA ASP E 99 9.05 10.53 4.36
C ASP E 99 9.26 11.52 5.50
N SER E 100 8.21 11.94 6.18
CA SER E 100 8.33 12.89 7.28
C SER E 100 7.15 12.73 8.23
N VAL E 101 7.27 13.29 9.42
CA VAL E 101 6.22 13.26 10.43
C VAL E 101 5.87 14.69 10.81
N THR E 102 4.57 14.95 11.02
CA THR E 102 4.08 16.28 11.34
C THR E 102 3.28 16.26 12.62
N VAL E 103 3.33 17.37 13.36
CA VAL E 103 2.35 17.71 14.38
C VAL E 103 1.82 19.10 14.04
N SER E 104 0.53 19.31 14.25
CA SER E 104 -0.09 20.58 13.91
C SER E 104 -1.26 20.85 14.84
N ILE E 105 -1.30 22.05 15.40
CA ILE E 105 -2.41 22.51 16.22
C ILE E 105 -3.28 23.42 15.37
N THR E 106 -4.59 23.30 15.53
CA THR E 106 -5.57 24.06 14.74
C THR E 106 -6.32 24.98 15.71
N SER E 107 -5.74 26.14 15.98
CA SER E 107 -6.35 27.12 16.88
C SER E 107 -7.28 28.02 16.07
N GLY E 108 -8.37 27.44 15.60
CA GLY E 108 -9.31 28.14 14.74
C GLY E 108 -8.72 28.42 13.37
N ALA E 109 -8.49 29.69 13.08
CA ALA E 109 -7.83 30.10 11.84
C ALA E 109 -6.32 30.26 12.00
N SER E 110 -5.79 30.04 13.19
CA SER E 110 -4.35 30.16 13.47
C SER E 110 -3.76 28.75 13.43
N GLU E 111 -2.93 28.49 12.42
CA GLU E 111 -2.35 27.18 12.20
C GLU E 111 -0.85 27.23 12.44
N ASN E 112 -0.36 26.30 13.26
CA ASN E 112 1.07 26.13 13.51
C ASN E 112 1.42 24.66 13.34
N SER E 113 2.39 24.38 12.47
CA SER E 113 2.78 23.02 12.15
C SER E 113 4.30 22.89 12.13
N CYS E 114 4.80 21.80 12.69
CA CYS E 114 6.22 21.49 12.69
C CYS E 114 6.43 20.12 12.02
N THR E 115 7.45 20.04 11.16
CA THR E 115 7.76 18.83 10.43
C THR E 115 9.27 18.59 10.48
N VAL E 116 9.66 17.34 10.75
CA VAL E 116 11.07 16.96 10.87
C VAL E 116 11.29 15.78 9.92
N GLU E 117 12.54 15.61 9.47
CA GLU E 117 12.88 14.53 8.54
C GLU E 117 13.01 13.23 9.33
N LYS E 118 12.30 12.20 8.89
CA LYS E 118 12.53 10.83 9.34
C LYS E 118 12.01 9.87 8.28
N LYS E 119 12.88 8.96 7.84
CA LYS E 119 12.52 7.95 6.85
C LYS E 119 11.72 6.86 7.55
N ILE E 120 10.40 7.01 7.54
CA ILE E 120 9.50 6.02 8.11
C ILE E 120 9.12 5.01 7.03
N ARG E 121 9.30 3.73 7.33
CA ARG E 121 8.95 2.65 6.41
C ARG E 121 8.13 1.60 7.15
N ARG E 122 7.25 0.95 6.41
CA ARG E 122 6.42 -0.10 6.99
C ARG E 122 7.28 -1.33 7.28
N LYS E 123 6.98 -2.00 8.39
CA LYS E 123 7.77 -3.16 8.82
C LYS E 123 6.83 -4.24 9.35
N PHE E 124 7.32 -5.47 9.34
CA PHE E 124 6.54 -6.65 9.63
C PHE E 124 7.32 -7.56 10.57
N VAL E 125 6.68 -8.66 10.97
CA VAL E 125 7.31 -9.72 11.75
C VAL E 125 7.09 -11.02 10.99
N GLY E 126 8.05 -11.94 11.09
CA GLY E 126 7.97 -13.20 10.39
C GLY E 126 8.84 -13.20 9.15
N ARG E 127 8.48 -14.08 8.21
CA ARG E 127 9.26 -14.29 7.00
C ARG E 127 8.46 -14.01 5.72
N GLU E 128 7.32 -13.35 5.83
CA GLU E 128 6.55 -12.89 4.68
C GLU E 128 5.93 -11.55 5.02
N GLU E 129 5.84 -10.66 4.03
CA GLU E 129 5.22 -9.38 4.31
C GLU E 129 3.71 -9.54 4.35
N TYR E 130 3.08 -8.76 5.21
CA TYR E 130 1.63 -8.78 5.39
C TYR E 130 1.19 -7.38 5.77
N LEU E 131 0.00 -7.01 5.32
CA LEU E 131 -0.50 -5.66 5.55
C LEU E 131 -1.22 -5.55 6.88
N PHE E 132 -2.15 -6.46 7.14
CA PHE E 132 -2.93 -6.42 8.36
C PHE E 132 -2.86 -7.77 9.06
N PRO E 133 -2.96 -7.81 10.39
CA PRO E 133 -2.90 -9.10 11.12
C PRO E 133 -4.08 -9.98 10.77
N PRO E 134 -3.83 -11.18 10.24
CA PRO E 134 -4.93 -12.02 9.74
C PRO E 134 -5.74 -12.65 10.86
N VAL E 135 -6.93 -13.13 10.49
CA VAL E 135 -7.80 -13.82 11.43
C VAL E 135 -7.17 -15.14 11.85
N HIS E 136 -6.65 -15.91 10.90
CA HIS E 136 -6.08 -17.22 11.15
C HIS E 136 -4.56 -17.16 11.06
N GLY E 137 -3.90 -17.83 11.99
CA GLY E 137 -2.47 -17.94 11.92
C GLY E 137 -1.88 -18.38 13.24
N LYS E 138 -0.62 -18.82 13.18
CA LYS E 138 0.10 -19.16 14.39
C LYS E 138 0.62 -17.90 15.08
N LEU E 139 1.20 -18.11 16.25
CA LEU E 139 1.50 -17.01 17.17
C LEU E 139 2.99 -17.01 17.47
N VAL E 140 3.66 -15.90 17.15
CA VAL E 140 5.10 -15.77 17.31
C VAL E 140 5.44 -14.60 18.23
N LYS E 141 6.73 -14.40 18.48
CA LYS E 141 7.21 -13.40 19.44
C LYS E 141 7.35 -12.05 18.74
N CYS E 142 6.79 -11.00 19.34
CA CYS E 142 6.91 -9.64 18.83
C CYS E 142 7.09 -8.67 19.99
N HIS E 143 7.42 -7.42 19.65
CA HIS E 143 7.60 -6.36 20.63
C HIS E 143 6.85 -5.12 20.14
N VAL E 144 5.95 -4.60 20.99
CA VAL E 144 5.10 -3.48 20.63
C VAL E 144 5.28 -2.41 21.71
N TYR E 145 5.02 -1.15 21.34
CA TYR E 145 4.85 -0.09 22.32
C TYR E 145 3.71 -0.44 23.27
N ASP E 146 3.94 -0.23 24.57
CA ASP E 146 2.90 -0.43 25.56
C ASP E 146 1.91 0.73 25.47
N HIS E 147 0.62 0.42 25.36
CA HIS E 147 -0.39 1.45 25.19
C HIS E 147 -0.68 2.19 26.49
N LEU E 148 -0.38 1.58 27.64
CA LEU E 148 -0.62 2.23 28.93
C LEU E 148 0.48 3.25 29.18
N LYS E 149 0.09 4.45 29.64
CA LYS E 149 1.05 5.52 29.83
C LYS E 149 1.76 5.45 31.18
N GLU E 150 1.29 4.58 32.09
CA GLU E 150 1.90 4.46 33.41
C GLU E 150 3.00 3.39 33.44
N THR E 151 3.96 3.52 32.52
CA THR E 151 5.06 2.59 32.36
C THR E 151 6.31 3.46 32.09
N SER E 152 7.50 2.92 32.37
CA SER E 152 8.73 3.69 32.19
C SER E 152 9.67 2.95 31.25
N ALA E 153 10.05 3.61 30.16
CA ALA E 153 11.03 3.09 29.21
C ALA E 153 12.41 3.70 29.38
N GLY E 154 12.56 4.69 30.23
CA GLY E 154 13.83 5.36 30.42
C GLY E 154 13.62 6.68 31.14
N TYR E 155 14.74 7.37 31.36
CA TYR E 155 14.75 8.65 32.06
C TYR E 155 15.28 9.74 31.14
N ILE E 156 14.57 10.86 31.10
CA ILE E 156 15.03 12.06 30.43
C ILE E 156 15.53 13.04 31.48
N THR E 157 16.51 13.86 31.10
CA THR E 157 17.16 14.77 32.03
C THR E 157 16.86 16.20 31.65
N MET E 158 16.30 16.97 32.59
CA MET E 158 15.98 18.37 32.40
C MET E 158 16.56 19.22 33.52
N HIS E 159 16.82 20.49 33.21
CA HIS E 159 17.52 21.39 34.11
C HIS E 159 16.80 22.74 34.17
N ARG E 160 17.46 23.71 34.80
CA ARG E 160 16.95 25.07 34.96
C ARG E 160 17.13 25.87 33.67
N PRO E 161 16.17 26.71 33.32
CA PRO E 161 16.31 27.58 32.13
C PRO E 161 17.44 28.58 32.28
N GLY E 162 17.99 29.00 31.15
CA GLY E 162 18.99 30.04 31.13
C GLY E 162 18.40 31.42 30.92
N PRO E 163 19.25 32.41 30.63
CA PRO E 163 18.78 33.79 30.42
C PRO E 163 18.18 33.94 29.03
N HIS E 164 16.86 34.13 28.98
CA HIS E 164 16.14 34.11 27.71
C HIS E 164 15.69 35.54 27.42
N ALA E 165 16.45 36.22 26.57
CA ALA E 165 16.31 37.66 26.40
C ALA E 165 15.23 38.00 25.36
N TYR E 166 14.63 39.17 25.53
CA TYR E 166 13.59 39.68 24.66
C TYR E 166 14.00 41.04 24.13
N LYS E 167 13.23 41.55 23.17
CA LYS E 167 13.37 42.93 22.71
C LYS E 167 12.29 43.85 23.25
N SER E 168 11.18 43.32 23.74
CA SER E 168 10.07 44.15 24.18
C SER E 168 10.31 44.72 25.58
N TYR E 169 11.24 44.14 26.34
CA TYR E 169 11.51 44.64 27.68
C TYR E 169 12.27 45.96 27.64
N LEU E 170 13.07 46.17 26.59
CA LEU E 170 13.91 47.35 26.49
C LEU E 170 13.51 48.21 25.30
N GLU E 171 13.52 49.53 25.49
CA GLU E 171 13.26 50.49 24.43
C GLU E 171 14.28 51.61 24.51
N GLU E 172 14.57 52.23 23.37
CA GLU E 172 15.52 53.32 23.27
C GLU E 172 14.80 54.60 22.85
N ALA E 173 14.97 55.66 23.63
CA ALA E 173 14.33 56.93 23.33
C ALA E 173 15.17 58.06 23.90
N SER E 174 15.38 59.08 23.07
CA SER E 174 16.13 60.31 23.39
C SER E 174 17.55 60.00 23.86
N GLY E 175 18.17 59.01 23.22
CA GLY E 175 19.51 58.61 23.58
C GLY E 175 19.63 57.87 24.89
N GLU E 176 18.53 57.40 25.44
CA GLU E 176 18.50 56.71 26.72
C GLU E 176 17.81 55.37 26.56
N VAL E 177 18.12 54.44 27.45
CA VAL E 177 17.49 53.13 27.45
C VAL E 177 16.61 53.01 28.68
N TYR E 178 15.63 52.11 28.60
CA TYR E 178 14.68 51.89 29.69
C TYR E 178 14.33 50.41 29.74
N ILE E 179 13.96 49.93 30.92
CA ILE E 179 13.53 48.55 31.12
C ILE E 179 12.13 48.60 31.75
N LYS E 180 11.18 47.89 31.14
CA LYS E 180 9.79 47.87 31.60
C LYS E 180 9.52 46.44 32.03
N PRO E 181 9.54 46.15 33.33
CA PRO E 181 9.06 44.87 33.82
C PRO E 181 7.54 44.84 33.84
N PRO E 182 6.92 43.66 33.86
CA PRO E 182 5.47 43.57 34.02
C PRO E 182 5.05 43.84 35.46
N SER E 183 3.76 43.70 35.72
CA SER E 183 3.18 44.06 37.01
C SER E 183 3.59 43.06 38.08
N GLY E 184 4.48 43.48 38.98
CA GLY E 184 4.83 42.71 40.14
C GLY E 184 5.86 41.63 39.94
N LYS E 185 6.37 41.52 38.71
CA LYS E 185 7.39 40.47 38.40
C LYS E 185 8.77 41.12 38.28
N ASN E 186 9.62 40.90 39.30
CA ASN E 186 10.99 41.47 39.28
C ASN E 186 11.72 40.92 38.04
N VAL E 187 12.39 41.79 37.30
CA VAL E 187 13.09 41.34 36.05
C VAL E 187 14.56 41.73 36.17
N THR E 188 15.47 40.76 36.02
CA THR E 188 16.88 41.13 36.03
C THR E 188 17.29 41.81 34.73
N TYR E 189 18.27 42.70 34.82
CA TYR E 189 18.90 43.28 33.65
C TYR E 189 20.41 43.26 33.84
N GLU E 190 21.13 43.09 32.73
CA GLU E 190 22.57 43.11 32.74
C GLU E 190 23.05 43.72 31.44
N CYS E 191 24.00 44.65 31.57
CA CYS E 191 24.44 45.43 30.42
C CYS E 191 25.87 45.90 30.65
N LYS E 192 26.49 46.39 29.58
CA LYS E 192 27.87 46.86 29.62
C LYS E 192 27.92 48.18 28.84
N CYS E 193 27.96 49.29 29.56
CA CYS E 193 28.05 50.61 28.95
C CYS E 193 29.25 51.34 29.54
N GLY E 194 30.39 50.67 29.57
CA GLY E 194 31.53 51.09 30.36
C GLY E 194 31.95 49.96 31.27
N ASP E 195 31.74 50.14 32.57
CA ASP E 195 31.92 49.06 33.54
C ASP E 195 30.74 48.10 33.49
N TYR E 196 30.97 46.86 33.89
CA TYR E 196 29.90 45.87 33.96
C TYR E 196 28.95 46.18 35.11
N SER E 197 27.67 45.90 34.92
CA SER E 197 26.66 46.23 35.92
C SER E 197 25.49 45.26 35.81
N THR E 198 25.05 44.73 36.94
CA THR E 198 23.90 43.86 37.05
C THR E 198 22.85 44.59 37.91
N GLY E 199 21.59 44.20 37.84
CA GLY E 199 20.57 44.86 38.62
C GLY E 199 19.22 44.20 38.45
N ILE E 200 18.39 44.35 39.50
CA ILE E 200 17.04 43.82 39.55
C ILE E 200 16.08 44.96 39.83
N VAL E 201 15.07 45.12 38.96
CA VAL E 201 14.02 46.11 39.16
C VAL E 201 12.66 45.45 38.94
N SER E 202 11.61 46.15 39.35
CA SER E 202 10.24 45.71 39.16
C SER E 202 9.42 46.78 38.44
N THR E 203 9.89 48.01 38.47
CA THR E 203 9.23 49.14 37.82
C THR E 203 10.13 49.69 36.73
N ARG E 204 9.62 50.71 36.03
CA ARG E 204 10.32 51.34 34.91
C ARG E 204 11.54 52.11 35.41
N THR E 205 12.73 51.72 34.97
CA THR E 205 13.99 52.24 35.50
C THR E 205 14.91 52.62 34.36
N LYS E 206 15.54 53.79 34.48
CA LYS E 206 16.50 54.25 33.48
C LYS E 206 17.91 53.75 33.82
N MET E 207 18.67 53.46 32.77
CA MET E 207 20.09 53.13 32.91
C MET E 207 20.91 54.23 32.24
N ASN E 208 21.92 54.73 32.96
CA ASN E 208 22.77 55.80 32.48
C ASN E 208 23.88 55.26 31.58
N GLY E 209 24.38 56.13 30.70
CA GLY E 209 25.55 55.83 29.90
C GLY E 209 25.34 54.91 28.73
N CYS E 210 24.10 54.59 28.37
CA CYS E 210 23.80 53.67 27.29
C CYS E 210 23.14 54.42 26.13
N THR E 211 23.54 54.09 24.91
CA THR E 211 23.05 54.79 23.73
C THR E 211 22.62 53.85 22.60
N LYS E 212 22.87 52.55 22.71
CA LYS E 212 22.51 51.59 21.68
C LYS E 212 21.57 50.54 22.26
N ALA E 213 20.61 50.10 21.44
CA ALA E 213 19.59 49.18 21.92
C ALA E 213 20.05 47.73 21.92
N LYS E 214 21.13 47.41 21.21
CA LYS E 214 21.62 46.04 21.13
C LYS E 214 22.52 45.67 22.31
N GLN E 215 22.80 46.61 23.20
CA GLN E 215 23.91 46.48 24.14
C GLN E 215 23.48 45.91 25.50
N CYS E 216 22.20 45.95 25.83
CA CYS E 216 21.74 45.48 27.13
C CYS E 216 20.84 44.26 26.97
N ILE E 217 20.78 43.47 28.04
CA ILE E 217 19.99 42.25 28.11
C ILE E 217 19.13 42.29 29.36
N ALA E 218 17.82 42.10 29.20
CA ALA E 218 16.90 42.00 30.33
C ALA E 218 16.13 40.69 30.21
N TYR E 219 15.96 39.99 31.33
CA TYR E 219 15.25 38.71 31.33
C TYR E 219 14.69 38.45 32.72
N LYS E 220 13.58 37.72 32.75
CA LYS E 220 12.90 37.38 33.99
C LYS E 220 13.65 36.27 34.73
N SER E 221 13.62 36.34 36.06
CA SER E 221 14.17 35.28 36.92
C SER E 221 13.13 34.17 36.99
N ASP E 222 13.39 33.06 36.30
CA ASP E 222 12.43 31.99 36.13
C ASP E 222 13.05 30.76 36.79
N GLN E 223 12.58 30.44 38.00
CA GLN E 223 13.06 29.29 38.76
C GLN E 223 12.07 28.14 38.77
N THR E 224 10.78 28.40 38.57
CA THR E 224 9.72 27.42 38.79
C THR E 224 9.40 26.58 37.55
N LYS E 225 10.31 26.52 36.58
CA LYS E 225 10.08 25.77 35.35
C LYS E 225 11.33 24.93 35.05
N TRP E 226 11.12 23.79 34.41
CA TRP E 226 12.21 22.91 34.01
C TRP E 226 12.17 22.73 32.50
N VAL E 227 13.35 22.77 31.87
CA VAL E 227 13.45 22.64 30.42
C VAL E 227 14.37 21.46 30.07
N PHE E 228 13.95 20.69 29.07
CA PHE E 228 14.68 19.52 28.61
C PHE E 228 16.01 19.91 27.97
N ASN E 229 16.96 18.98 27.96
CA ASN E 229 18.26 19.18 27.33
C ASN E 229 18.16 19.19 25.81
N SER E 230 17.62 20.28 25.26
CA SER E 230 17.51 20.56 23.84
C SER E 230 18.66 21.46 23.41
N PRO E 231 19.19 21.31 22.19
CA PRO E 231 20.26 22.19 21.72
C PRO E 231 19.78 23.54 21.20
N ASP E 232 18.52 23.90 21.41
CA ASP E 232 17.95 25.13 20.89
C ASP E 232 17.72 26.18 21.97
N LEU E 233 18.43 26.09 23.09
CA LEU E 233 18.28 27.04 24.17
C LEU E 233 19.64 27.30 24.83
N ILE E 234 19.79 28.47 25.40
CA ILE E 234 20.95 28.79 26.21
C ILE E 234 20.78 28.17 27.59
N ARG E 235 21.81 27.49 28.07
CA ARG E 235 21.73 26.76 29.32
C ARG E 235 22.11 27.66 30.50
N HIS E 236 21.73 27.23 31.70
CA HIS E 236 22.12 27.93 32.91
C HIS E 236 23.60 27.65 33.21
N THR E 237 24.20 28.51 34.03
CA THR E 237 25.59 28.34 34.42
C THR E 237 25.79 27.06 35.23
N ASP E 238 24.92 26.81 36.19
CA ASP E 238 24.95 25.56 36.97
C ASP E 238 24.08 24.54 36.27
N HIS E 239 24.65 23.91 35.24
CA HIS E 239 23.95 22.89 34.47
C HIS E 239 24.21 21.49 35.00
N SER E 240 24.00 21.31 36.31
CA SER E 240 24.16 20.00 36.93
C SER E 240 22.83 19.24 36.89
N VAL E 241 22.91 17.94 37.19
CA VAL E 241 21.73 17.07 37.10
C VAL E 241 20.74 17.43 38.21
N GLN E 242 19.47 17.60 37.83
CA GLN E 242 18.45 18.11 38.74
C GLN E 242 17.23 17.22 38.87
N GLY E 243 16.74 16.60 37.79
CA GLY E 243 15.54 15.80 37.87
C GLY E 243 15.47 14.81 36.73
N LYS E 244 14.76 13.70 36.97
CA LYS E 244 14.54 12.66 35.98
C LYS E 244 13.05 12.33 35.93
N LEU E 245 12.44 12.50 34.75
CA LEU E 245 11.07 12.07 34.53
C LEU E 245 11.05 10.86 33.59
N HIS E 246 9.94 10.14 33.63
CA HIS E 246 9.84 8.85 32.97
C HIS E 246 9.62 9.00 31.46
N ILE E 247 9.90 7.92 30.74
CA ILE E 247 9.53 7.78 29.34
C ILE E 247 8.44 6.73 29.24
N PRO E 248 7.19 7.10 28.98
CA PRO E 248 6.13 6.10 28.78
C PRO E 248 6.27 5.32 27.47
N PHE E 249 5.31 4.42 27.26
CA PHE E 249 5.17 3.59 26.04
C PHE E 249 6.40 2.71 25.84
N ARG E 250 6.63 1.84 26.82
CA ARG E 250 7.74 0.90 26.78
C ARG E 250 7.52 -0.18 25.73
N LEU E 251 8.62 -0.73 25.21
CA LEU E 251 8.55 -1.90 24.35
C LEU E 251 8.15 -3.09 25.20
N THR E 252 6.91 -3.57 25.02
CA THR E 252 6.64 -4.75 25.82
C THR E 252 6.74 -6.01 24.97
N PRO E 253 7.30 -7.09 25.51
CA PRO E 253 7.32 -8.34 24.75
C PRO E 253 5.99 -9.06 24.86
N THR E 254 5.37 -9.29 23.71
CA THR E 254 4.06 -9.92 23.65
C THR E 254 4.05 -10.87 22.46
N VAL E 255 2.87 -11.34 22.08
CA VAL E 255 2.72 -12.36 21.05
C VAL E 255 1.94 -11.76 19.88
N CYS E 256 2.27 -12.20 18.66
CA CYS E 256 1.68 -11.63 17.47
C CYS E 256 1.30 -12.71 16.47
N PRO E 257 0.23 -12.52 15.70
CA PRO E 257 -0.14 -13.50 14.67
C PRO E 257 0.52 -13.22 13.34
N VAL E 258 0.93 -14.29 12.66
CA VAL E 258 1.44 -14.23 11.29
C VAL E 258 0.63 -15.20 10.43
N PRO E 259 0.43 -14.94 9.14
CA PRO E 259 -0.39 -15.85 8.32
C PRO E 259 0.35 -17.12 7.96
N LEU E 260 -0.41 -18.07 7.41
CA LEU E 260 0.11 -19.29 6.82
C LEU E 260 0.19 -19.13 5.31
N ALA E 261 1.38 -19.31 4.74
CA ALA E 261 1.52 -19.33 3.30
C ALA E 261 1.09 -20.69 2.75
N HIS E 262 1.04 -20.78 1.42
CA HIS E 262 0.62 -22.01 0.77
C HIS E 262 1.72 -23.06 0.87
N THR E 263 1.37 -24.25 1.36
CA THR E 263 2.33 -25.33 1.44
C THR E 263 2.64 -25.86 0.04
N PRO E 264 3.91 -26.05 -0.32
CA PRO E 264 4.25 -26.43 -1.70
C PRO E 264 3.89 -27.88 -1.99
N THR E 265 3.74 -28.17 -3.28
CA THR E 265 3.48 -29.52 -3.77
C THR E 265 4.80 -30.16 -4.18
N VAL E 266 5.05 -31.37 -3.70
CA VAL E 266 6.34 -32.04 -3.83
C VAL E 266 6.38 -32.82 -5.13
N THR E 267 7.49 -32.68 -5.86
CA THR E 267 7.78 -33.47 -7.06
C THR E 267 9.09 -34.21 -6.83
N LYS E 268 9.08 -35.51 -7.03
CA LYS E 268 10.23 -36.36 -6.73
C LYS E 268 10.93 -36.79 -8.02
N TRP E 269 12.25 -36.63 -8.05
CA TRP E 269 13.10 -37.21 -9.08
C TRP E 269 14.39 -37.71 -8.42
N PHE E 270 15.31 -38.22 -9.24
CA PHE E 270 16.50 -38.90 -8.72
C PHE E 270 17.53 -37.94 -8.13
N LYS E 271 17.76 -38.07 -6.82
CA LYS E 271 18.72 -37.28 -6.04
C LYS E 271 18.45 -35.78 -6.17
N GLY E 272 17.18 -35.43 -6.02
CA GLY E 272 16.75 -34.05 -6.14
C GLY E 272 15.24 -33.90 -6.12
N ILE E 273 14.76 -32.72 -5.73
CA ILE E 273 13.32 -32.44 -5.60
C ILE E 273 13.03 -31.12 -6.30
N THR E 274 11.87 -31.08 -6.97
CA THR E 274 11.33 -29.85 -7.55
C THR E 274 10.17 -29.39 -6.70
N LEU E 275 10.21 -28.13 -6.23
CA LEU E 275 9.17 -27.57 -5.40
C LEU E 275 8.35 -26.58 -6.22
N HIS E 276 7.04 -26.79 -6.27
CA HIS E 276 6.12 -25.87 -6.92
C HIS E 276 5.50 -24.95 -5.88
N LEU E 277 5.62 -23.64 -6.10
CA LEU E 277 5.20 -22.65 -5.10
C LEU E 277 4.14 -21.73 -5.69
N THR E 278 3.19 -21.33 -4.85
CA THR E 278 2.27 -20.23 -5.14
C THR E 278 2.36 -19.24 -3.99
N ALA E 279 2.50 -17.95 -4.32
CA ALA E 279 2.65 -16.92 -3.29
C ALA E 279 2.15 -15.60 -3.85
N THR E 280 1.10 -15.04 -3.23
CA THR E 280 0.62 -13.72 -3.63
C THR E 280 1.54 -12.60 -3.13
N ARG E 281 2.30 -12.86 -2.07
CA ARG E 281 3.27 -11.94 -1.51
C ARG E 281 4.63 -12.64 -1.42
N PRO E 282 5.75 -11.88 -1.46
CA PRO E 282 7.07 -12.50 -1.33
C PRO E 282 7.30 -13.21 0.00
N THR E 283 7.63 -14.49 -0.05
CA THR E 283 7.80 -15.30 1.15
C THR E 283 9.17 -15.98 1.10
N LEU E 284 9.87 -15.94 2.23
CA LEU E 284 11.24 -16.41 2.32
C LEU E 284 11.30 -17.94 2.34
N LEU E 285 12.21 -18.50 1.55
CA LEU E 285 12.49 -19.93 1.53
C LEU E 285 13.94 -20.14 1.94
N THR E 286 14.16 -20.94 2.97
CA THR E 286 15.50 -21.23 3.49
C THR E 286 15.76 -22.72 3.39
N THR E 287 16.78 -23.09 2.63
CA THR E 287 17.19 -24.48 2.45
C THR E 287 18.61 -24.66 2.95
N ARG E 288 18.85 -25.80 3.59
CA ARG E 288 20.19 -26.16 4.06
C ARG E 288 20.33 -27.67 4.09
N LYS E 289 21.51 -28.16 3.75
CA LYS E 289 21.77 -29.59 3.80
C LYS E 289 22.07 -30.03 5.22
N LEU E 290 21.92 -31.34 5.45
CA LEU E 290 22.04 -31.92 6.78
C LEU E 290 23.37 -32.64 6.97
N GLY E 291 24.40 -32.26 6.21
CA GLY E 291 25.68 -32.90 6.29
C GLY E 291 26.80 -31.99 6.75
N LEU E 292 27.99 -32.19 6.19
CA LEU E 292 29.13 -31.34 6.56
C LEU E 292 29.00 -29.95 5.95
N ARG E 293 28.50 -29.87 4.71
CA ARG E 293 28.32 -28.61 4.02
C ARG E 293 26.86 -28.21 4.09
N ALA E 294 26.60 -26.99 4.56
CA ALA E 294 25.22 -26.52 4.70
C ALA E 294 24.59 -26.21 3.35
N ASP E 295 25.34 -25.52 2.47
CA ASP E 295 24.90 -25.06 1.14
C ASP E 295 23.62 -24.22 1.24
N ALA E 296 23.71 -23.09 1.92
CA ALA E 296 22.56 -22.24 2.15
C ALA E 296 22.19 -21.45 0.90
N THR E 297 20.89 -21.48 0.57
CA THR E 297 20.34 -20.71 -0.53
C THR E 297 19.24 -19.79 0.00
N ALA E 298 19.28 -18.53 -0.42
CA ALA E 298 18.35 -17.53 0.07
C ALA E 298 17.68 -16.83 -1.10
N GLU E 299 16.35 -16.78 -1.07
CA GLU E 299 15.57 -16.17 -2.15
C GLU E 299 14.23 -15.69 -1.61
N TRP E 300 13.75 -14.58 -2.16
CA TRP E 300 12.40 -14.10 -1.91
C TRP E 300 11.54 -14.44 -3.12
N ILE E 301 10.48 -15.22 -2.91
CA ILE E 301 9.70 -15.81 -3.98
C ILE E 301 8.30 -15.20 -3.99
N THR E 302 7.96 -14.57 -5.11
CA THR E 302 6.62 -14.03 -5.33
C THR E 302 6.04 -14.63 -6.60
N GLY E 303 4.72 -14.58 -6.70
CA GLY E 303 4.05 -15.20 -7.84
C GLY E 303 4.06 -16.73 -7.71
N THR E 304 3.82 -17.38 -8.85
CA THR E 304 3.87 -18.83 -8.94
C THR E 304 5.04 -19.24 -9.83
N THR E 305 5.87 -20.13 -9.32
CA THR E 305 7.08 -20.56 -10.01
C THR E 305 7.47 -21.94 -9.47
N SER E 306 8.58 -22.47 -9.97
CA SER E 306 9.09 -23.76 -9.51
C SER E 306 10.59 -23.65 -9.27
N ARG E 307 11.04 -24.24 -8.16
CA ARG E 307 12.45 -24.27 -7.78
C ARG E 307 12.93 -25.71 -7.76
N ASN E 308 14.14 -25.93 -8.30
CA ASN E 308 14.74 -27.30 -8.28
C ASN E 308 15.82 -27.30 -7.19
N PHE E 309 15.83 -28.31 -6.31
CA PHE E 309 16.80 -28.48 -5.24
C PHE E 309 17.34 -29.90 -5.27
N SER E 310 18.67 -30.01 -5.25
CA SER E 310 19.33 -31.31 -5.24
C SER E 310 19.42 -31.83 -3.80
N VAL E 311 19.08 -33.10 -3.60
CA VAL E 311 19.06 -33.72 -2.28
C VAL E 311 20.09 -34.83 -2.26
N GLY E 312 20.97 -34.80 -1.25
CA GLY E 312 21.94 -35.87 -1.07
C GLY E 312 21.43 -36.97 -0.16
N ARG E 313 22.31 -37.94 0.12
CA ARG E 313 21.96 -39.02 1.03
C ARG E 313 21.87 -38.52 2.47
N GLU E 314 22.73 -37.56 2.84
CA GLU E 314 22.76 -37.06 4.21
C GLU E 314 21.50 -36.26 4.57
N GLY E 315 20.80 -35.73 3.57
CA GLY E 315 19.52 -35.10 3.78
C GLY E 315 19.51 -33.65 3.36
N LEU E 316 18.32 -33.05 3.47
CA LEU E 316 18.10 -31.66 3.13
C LEU E 316 16.89 -31.18 3.93
N GLU E 317 16.98 -29.95 4.45
CA GLU E 317 15.88 -29.34 5.18
C GLU E 317 15.53 -28.01 4.53
N TYR E 318 14.25 -27.87 4.16
CA TYR E 318 13.74 -26.63 3.60
C TYR E 318 12.63 -26.10 4.50
N VAL E 319 12.66 -24.78 4.73
CA VAL E 319 11.64 -24.11 5.51
C VAL E 319 10.98 -23.08 4.60
N TRP E 320 9.66 -23.20 4.42
CA TRP E 320 8.90 -22.30 3.56
C TRP E 320 8.16 -21.32 4.46
N GLY E 321 8.69 -20.10 4.55
CA GLY E 321 8.11 -19.09 5.41
C GLY E 321 8.31 -19.40 6.88
N ASN E 322 7.25 -19.18 7.64
CA ASN E 322 7.26 -19.41 9.08
C ASN E 322 6.86 -20.83 9.46
N HIS E 323 6.83 -21.76 8.50
CA HIS E 323 6.37 -23.11 8.74
C HIS E 323 7.39 -23.93 9.54
N GLU E 324 6.96 -25.09 10.00
CA GLU E 324 7.82 -26.03 10.69
C GLU E 324 8.84 -26.59 9.69
N PRO E 325 10.10 -26.76 10.11
CA PRO E 325 11.14 -27.25 9.19
C PRO E 325 10.91 -28.70 8.77
N VAL E 326 10.84 -28.91 7.47
CA VAL E 326 10.60 -30.23 6.89
C VAL E 326 11.94 -30.76 6.40
N ARG E 327 12.36 -31.90 6.94
CA ARG E 327 13.60 -32.54 6.56
C ARG E 327 13.31 -33.72 5.63
N VAL E 328 14.11 -33.85 4.59
CA VAL E 328 13.86 -34.84 3.55
C VAL E 328 15.18 -35.52 3.19
N TRP E 329 15.09 -36.80 2.81
CA TRP E 329 16.25 -37.62 2.48
C TRP E 329 16.05 -38.29 1.14
N ALA E 330 17.14 -38.34 0.36
CA ALA E 330 17.12 -38.95 -0.97
C ALA E 330 17.54 -40.41 -0.89
N GLN E 331 16.85 -41.25 -1.64
CA GLN E 331 17.16 -42.68 -1.72
C GLN E 331 18.13 -42.93 -2.86
N GLU E 332 18.34 -44.21 -3.19
CA GLU E 332 19.27 -44.63 -4.23
C GLU E 332 18.53 -45.23 -5.42
N SER E 333 17.41 -44.62 -5.79
CA SER E 333 16.58 -45.12 -6.89
C SER E 333 17.10 -44.62 -8.24
N ALA E 334 18.23 -45.18 -8.65
CA ALA E 334 18.86 -44.82 -9.91
C ALA E 334 18.23 -45.60 -11.06
N SER F 96 19.42 -33.90 22.91
CA SER F 96 20.84 -33.66 23.05
C SER F 96 21.09 -32.16 22.97
N GLU F 97 21.77 -31.62 23.99
CA GLU F 97 22.01 -30.18 24.09
C GLU F 97 23.51 -29.92 24.12
N LEU F 98 24.00 -29.15 23.15
CA LEU F 98 25.41 -28.78 23.07
C LEU F 98 25.55 -27.30 23.39
N THR F 99 26.09 -26.99 24.58
CA THR F 99 26.25 -25.61 25.00
C THR F 99 27.71 -25.29 25.26
N PRO F 100 28.19 -24.10 24.87
CA PRO F 100 29.58 -23.73 25.14
C PRO F 100 29.73 -22.98 26.46
N SER F 101 30.96 -22.55 26.75
CA SER F 101 31.24 -21.68 27.88
C SER F 101 31.14 -20.23 27.41
N THR F 102 30.27 -19.46 28.07
CA THR F 102 29.91 -18.14 27.60
C THR F 102 30.25 -17.08 28.64
N ASN F 103 30.77 -15.95 28.16
CA ASN F 103 30.96 -14.75 28.96
C ASN F 103 30.68 -13.53 28.10
N LYS F 104 30.09 -12.49 28.70
CA LYS F 104 29.63 -11.34 27.95
C LYS F 104 30.72 -10.28 27.90
N GLU F 105 31.07 -9.84 26.69
CA GLU F 105 32.09 -8.80 26.53
C GLU F 105 31.47 -7.41 26.55
N TYR F 106 30.55 -7.14 25.62
CA TYR F 106 29.84 -5.87 25.62
C TYR F 106 28.46 -6.08 25.00
N VAL F 107 27.61 -5.08 25.17
CA VAL F 107 26.30 -5.02 24.52
C VAL F 107 26.28 -3.77 23.64
N THR F 108 25.59 -3.87 22.50
CA THR F 108 25.54 -2.76 21.56
C THR F 108 24.15 -2.65 20.96
N CYS F 109 23.83 -1.44 20.52
CA CYS F 109 22.55 -1.12 19.90
C CYS F 109 22.74 0.14 19.07
N ARG F 110 21.64 0.67 18.55
CA ARG F 110 21.74 1.90 17.77
C ARG F 110 21.90 3.08 18.72
N PHE F 111 22.79 4.00 18.39
CA PHE F 111 23.19 5.02 19.35
C PHE F 111 22.36 6.29 19.19
N HIS F 112 22.05 6.91 20.32
CA HIS F 112 21.33 8.16 20.38
C HIS F 112 22.32 9.28 20.65
N THR F 113 22.41 10.23 19.73
CA THR F 113 23.30 11.38 19.87
C THR F 113 22.56 12.45 20.65
N VAL F 114 22.79 12.49 21.95
CA VAL F 114 22.22 13.52 22.80
C VAL F 114 23.11 14.75 22.75
N ILE F 115 22.50 15.92 22.65
CA ILE F 115 23.28 17.16 22.56
C ILE F 115 22.96 18.04 23.76
N PRO F 116 23.94 18.37 24.59
CA PRO F 116 23.72 19.35 25.65
C PRO F 116 23.48 20.74 25.06
N SER F 117 22.76 21.56 25.83
CA SER F 117 22.47 22.91 25.40
C SER F 117 23.75 23.75 25.35
N PRO F 118 23.98 24.52 24.29
CA PRO F 118 25.21 25.31 24.20
C PRO F 118 25.22 26.45 25.20
N GLN F 119 26.42 26.83 25.63
CA GLN F 119 26.63 27.94 26.54
C GLN F 119 27.52 28.98 25.86
N VAL F 120 27.23 30.26 26.12
CA VAL F 120 27.89 31.37 25.45
C VAL F 120 28.51 32.28 26.50
N LYS F 121 29.83 32.41 26.47
CA LYS F 121 30.51 33.49 27.17
C LYS F 121 30.37 34.74 26.32
N CYS F 122 30.14 35.88 26.98
CA CYS F 122 29.71 37.09 26.29
C CYS F 122 30.78 37.65 25.35
N CYS F 123 31.88 38.14 25.89
CA CYS F 123 33.10 38.30 25.10
C CYS F 123 34.33 37.98 25.95
N GLY F 124 34.23 36.91 26.73
CA GLY F 124 35.37 36.39 27.46
C GLY F 124 36.05 35.27 26.70
N SER F 125 36.35 34.17 27.38
CA SER F 125 37.01 33.04 26.73
C SER F 125 36.68 31.76 27.49
N LEU F 126 36.07 30.80 26.80
CA LEU F 126 35.81 29.50 27.38
C LEU F 126 36.90 28.52 26.93
N GLU F 127 37.05 27.42 27.67
CA GLU F 127 38.13 26.48 27.40
C GLU F 127 37.56 25.07 27.33
N CYS F 128 38.38 24.13 26.83
CA CYS F 128 37.97 22.75 26.65
C CYS F 128 38.21 21.99 27.96
N LYS F 129 37.17 21.37 28.50
CA LYS F 129 37.31 20.54 29.69
C LYS F 129 37.08 19.08 29.33
N ALA F 130 38.02 18.23 29.74
CA ALA F 130 37.96 16.81 29.42
C ALA F 130 36.92 16.12 30.28
N SER F 131 36.13 15.25 29.65
CA SER F 131 35.06 14.51 30.32
C SER F 131 35.27 13.01 30.10
N SER F 132 34.47 12.22 30.82
CA SER F 132 34.51 10.76 30.69
C SER F 132 33.35 10.23 29.87
N LYS F 133 32.63 11.09 29.16
CA LYS F 133 31.52 10.66 28.33
C LYS F 133 32.05 9.97 27.07
N ALA F 134 31.19 9.15 26.47
CA ALA F 134 31.56 8.41 25.27
C ALA F 134 31.59 9.34 24.06
N ASP F 135 32.72 9.29 23.33
CA ASP F 135 32.98 10.08 22.12
C ASP F 135 32.80 11.58 22.39
N TYR F 136 33.44 12.06 23.44
CA TYR F 136 33.27 13.43 23.87
C TYR F 136 34.12 14.37 23.03
N THR F 137 33.50 15.39 22.44
CA THR F 137 34.19 16.29 21.54
C THR F 137 33.84 17.74 21.89
N CYS F 138 34.87 18.57 22.10
CA CYS F 138 34.67 19.97 22.44
C CYS F 138 35.78 20.84 21.88
N ARG F 139 35.45 22.11 21.59
CA ARG F 139 36.31 23.02 20.85
C ARG F 139 35.83 24.46 21.06
N VAL F 140 36.62 25.42 20.57
CA VAL F 140 36.33 26.84 20.69
C VAL F 140 36.14 27.45 19.30
N PHE F 141 34.97 28.07 19.08
CA PHE F 141 34.71 28.92 17.91
C PHE F 141 34.80 30.38 18.30
N GLY F 142 34.84 31.25 17.28
CA GLY F 142 34.86 32.69 17.48
C GLY F 142 33.49 33.30 17.56
N GLY F 143 33.30 34.43 16.87
CA GLY F 143 32.06 35.18 16.89
C GLY F 143 30.86 34.51 16.26
N VAL F 144 29.72 34.49 16.97
CA VAL F 144 28.48 33.90 16.47
C VAL F 144 27.32 34.91 16.50
N TYR F 145 27.20 35.68 17.59
CA TYR F 145 26.12 36.63 17.89
C TYR F 145 24.75 35.98 17.76
N PRO F 146 24.34 35.17 18.74
CA PRO F 146 23.16 34.33 18.58
C PRO F 146 21.84 35.11 18.57
N PHE F 147 20.80 34.42 18.13
CA PHE F 147 19.45 34.98 17.96
C PHE F 147 18.44 33.97 18.47
N MET F 148 17.71 34.34 19.53
CA MET F 148 16.67 33.45 20.07
C MET F 148 15.28 34.03 19.89
N TRP F 149 14.98 35.18 20.48
CA TRP F 149 13.74 35.90 20.16
C TRP F 149 13.88 37.42 20.07
N GLY F 150 14.86 38.03 20.71
CA GLY F 150 14.90 39.48 20.80
C GLY F 150 15.96 40.18 20.00
N GLY F 151 16.86 39.45 19.36
CA GLY F 151 17.92 40.08 18.61
C GLY F 151 19.15 40.45 19.40
N ALA F 152 19.13 40.28 20.72
CA ALA F 152 20.29 40.58 21.55
C ALA F 152 20.30 39.61 22.73
N GLN F 153 21.00 38.50 22.55
CA GLN F 153 21.30 37.58 23.63
C GLN F 153 22.67 37.84 24.25
N CYS F 154 23.41 38.81 23.72
CA CYS F 154 24.84 38.94 24.01
C CYS F 154 25.32 40.31 23.57
N PHE F 155 25.97 41.03 24.49
CA PHE F 155 26.64 42.27 24.10
C PHE F 155 28.08 41.96 23.67
N CYS F 156 28.81 43.02 23.31
CA CYS F 156 30.24 42.99 22.99
C CYS F 156 30.50 42.02 21.83
N ASP F 157 29.99 42.44 20.67
CA ASP F 157 29.71 41.54 19.55
C ASP F 157 30.97 40.87 18.99
N SER F 158 32.06 41.62 18.87
CA SER F 158 33.32 41.03 18.45
C SER F 158 33.87 40.13 19.56
N GLU F 159 34.55 39.06 19.14
CA GLU F 159 35.10 38.02 20.02
C GLU F 159 34.00 37.37 20.88
N ASN F 160 33.10 36.67 20.19
CA ASN F 160 31.85 36.20 20.77
C ASN F 160 31.86 34.68 20.91
N THR F 161 32.93 34.16 21.54
CA THR F 161 33.19 32.73 21.65
C THR F 161 32.02 31.96 22.28
N GLN F 162 31.69 30.84 21.64
CA GLN F 162 30.59 29.98 22.02
C GLN F 162 31.10 28.55 22.15
N LEU F 163 30.72 27.88 23.24
CA LEU F 163 31.19 26.54 23.54
C LEU F 163 30.02 25.58 23.40
N SER F 164 30.17 24.60 22.50
CA SER F 164 29.14 23.60 22.23
C SER F 164 29.64 22.24 22.69
N GLU F 165 28.70 21.40 23.13
CA GLU F 165 29.01 20.11 23.72
C GLU F 165 28.27 19.02 22.96
N ALA F 166 28.88 17.84 22.87
CA ALA F 166 28.26 16.70 22.21
C ALA F 166 28.90 15.41 22.72
N TYR F 167 28.04 14.45 23.03
CA TYR F 167 28.48 13.12 23.47
C TYR F 167 27.37 12.14 23.14
N VAL F 168 27.64 10.86 23.36
CA VAL F 168 26.71 9.80 23.01
C VAL F 168 26.51 8.88 24.21
N GLU F 169 25.29 8.34 24.34
CA GLU F 169 24.94 7.42 25.40
C GLU F 169 23.79 6.55 24.90
N PHE F 170 23.27 5.68 25.77
CA PHE F 170 22.34 4.63 25.39
C PHE F 170 20.95 5.17 25.05
N ALA F 171 20.40 4.68 23.95
CA ALA F 171 19.03 5.01 23.59
C ALA F 171 18.06 4.30 24.53
N PRO F 172 16.90 4.92 24.82
CA PRO F 172 15.97 4.32 25.79
C PRO F 172 15.33 3.01 25.35
N ASP F 173 15.28 2.74 24.04
CA ASP F 173 14.67 1.51 23.55
C ASP F 173 15.64 0.35 23.47
N CYS F 174 16.86 0.50 24.01
CA CYS F 174 17.88 -0.52 23.84
C CYS F 174 17.81 -1.60 24.92
N THR F 175 16.84 -1.53 25.83
CA THR F 175 16.66 -2.59 26.82
C THR F 175 16.22 -3.90 26.20
N ILE F 176 15.56 -3.87 25.04
CA ILE F 176 15.22 -5.08 24.29
C ILE F 176 15.95 -5.12 22.95
N ASP F 177 15.89 -4.04 22.18
CA ASP F 177 16.54 -3.95 20.88
C ASP F 177 18.03 -3.68 21.11
N HIS F 178 18.80 -4.77 21.27
CA HIS F 178 20.23 -4.65 21.47
C HIS F 178 20.91 -5.92 20.99
N ALA F 179 22.19 -5.81 20.64
CA ALA F 179 23.00 -6.94 20.23
C ALA F 179 24.09 -7.18 21.27
N VAL F 180 24.35 -8.45 21.57
CA VAL F 180 25.31 -8.84 22.60
C VAL F 180 26.48 -9.56 21.94
N ALA F 181 27.69 -9.10 22.23
CA ALA F 181 28.91 -9.76 21.80
C ALA F 181 29.34 -10.78 22.85
N LEU F 182 29.77 -11.95 22.40
CA LEU F 182 30.10 -13.05 23.30
C LEU F 182 31.29 -13.85 22.77
N LYS F 183 32.12 -14.29 23.70
CA LYS F 183 33.15 -15.28 23.44
C LYS F 183 32.57 -16.65 23.77
N VAL F 184 32.86 -17.64 22.93
CA VAL F 184 32.47 -19.02 23.19
C VAL F 184 33.71 -19.89 23.21
N HIS F 185 33.66 -20.95 24.02
CA HIS F 185 34.77 -21.86 24.22
C HIS F 185 34.36 -23.26 23.77
N THR F 186 35.20 -24.25 24.11
CA THR F 186 34.94 -25.65 23.78
C THR F 186 33.67 -26.13 24.47
N ALA F 187 32.81 -26.78 23.69
CA ALA F 187 31.47 -27.18 24.14
C ALA F 187 31.42 -28.68 24.37
N ALA F 188 30.89 -29.09 25.51
CA ALA F 188 30.64 -30.49 25.81
C ALA F 188 29.16 -30.81 25.61
N ALA F 228 33.97 -37.66 16.85
CA ALA F 228 34.26 -36.58 15.92
C ALA F 228 33.60 -35.31 16.45
N ALA F 229 34.38 -34.47 17.12
CA ALA F 229 33.85 -33.27 17.75
C ALA F 229 33.43 -32.25 16.68
N PHE F 230 32.28 -31.64 16.89
CA PHE F 230 31.69 -30.73 15.93
C PHE F 230 31.17 -29.49 16.66
N SER F 231 31.44 -28.32 16.09
CA SER F 231 30.95 -27.06 16.64
C SER F 231 30.34 -26.21 15.52
N PRO F 232 29.04 -25.98 15.54
CA PRO F 232 28.43 -25.12 14.50
C PRO F 232 28.79 -23.65 14.67
N PHE F 233 29.10 -23.22 15.89
CA PHE F 233 29.44 -21.83 16.16
C PHE F 233 30.88 -21.55 15.71
N ASP F 234 31.15 -20.30 15.36
CA ASP F 234 32.51 -19.84 15.10
C ASP F 234 33.13 -19.38 16.40
N HIS F 235 34.29 -18.73 16.31
CA HIS F 235 34.92 -18.19 17.51
C HIS F 235 34.18 -16.95 18.02
N LYS F 236 33.66 -16.14 17.11
CA LYS F 236 32.96 -14.91 17.44
C LYS F 236 31.49 -15.02 17.08
N VAL F 237 30.62 -14.67 18.02
CA VAL F 237 29.18 -14.90 17.89
C VAL F 237 28.41 -13.65 18.29
N VAL F 238 27.35 -13.36 17.55
CA VAL F 238 26.48 -12.22 17.81
C VAL F 238 25.04 -12.74 17.94
N ILE F 239 24.36 -12.33 19.02
CA ILE F 239 23.00 -12.78 19.30
C ILE F 239 22.10 -11.55 19.34
N ARG F 240 20.93 -11.65 18.69
CA ARG F 240 19.93 -10.59 18.70
C ARG F 240 18.55 -11.22 18.48
N LYS F 241 17.64 -10.97 19.42
CA LYS F 241 16.22 -11.37 19.35
C LYS F 241 16.04 -12.88 19.21
N GLY F 242 16.99 -13.64 19.77
CA GLY F 242 17.04 -15.07 19.59
C GLY F 242 17.73 -15.53 18.32
N LEU F 243 17.77 -14.68 17.28
CA LEU F 243 18.48 -15.01 16.06
C LEU F 243 19.97 -14.87 16.29
N VAL F 244 20.71 -15.95 16.03
CA VAL F 244 22.12 -16.07 16.39
C VAL F 244 22.96 -15.97 15.12
N TYR F 245 24.07 -15.23 15.20
CA TYR F 245 24.94 -14.97 14.07
C TYR F 245 26.37 -15.23 14.49
N ASN F 246 27.11 -15.99 13.67
CA ASN F 246 28.54 -16.24 13.92
C ASN F 246 29.38 -15.21 13.14
N TYR F 247 29.30 -13.98 13.60
CA TYR F 247 29.84 -12.83 12.89
C TYR F 247 31.05 -12.28 13.64
N ASP F 248 32.11 -11.96 12.91
CA ASP F 248 33.33 -11.41 13.50
C ASP F 248 33.09 -9.96 13.91
N PHE F 249 33.30 -9.67 15.19
CA PHE F 249 33.15 -8.33 15.73
C PHE F 249 34.48 -7.85 16.29
N PRO F 250 34.72 -6.53 16.29
CA PRO F 250 35.97 -6.01 16.86
C PRO F 250 36.01 -6.16 18.38
N GLU F 251 37.22 -6.07 18.93
CA GLU F 251 37.45 -6.24 20.35
C GLU F 251 36.94 -5.01 21.11
N TYR F 252 36.84 -5.14 22.43
CA TYR F 252 36.45 -4.04 23.29
C TYR F 252 37.51 -2.95 23.26
N GLY F 253 37.12 -1.75 22.84
CA GLY F 253 38.03 -0.63 22.69
C GLY F 253 38.64 -0.46 21.31
N ALA F 254 38.55 -1.48 20.46
CA ALA F 254 39.04 -1.39 19.08
C ALA F 254 37.95 -0.85 18.16
N MET F 255 37.66 0.44 18.30
CA MET F 255 36.40 0.99 17.84
C MET F 255 36.38 1.22 16.34
N LYS F 256 35.24 0.94 15.70
CA LYS F 256 35.09 1.14 14.27
C LYS F 256 33.88 2.02 13.99
N PRO F 257 34.06 3.17 13.35
CA PRO F 257 32.90 3.96 12.91
C PRO F 257 32.24 3.33 11.69
N GLY F 258 30.91 3.35 11.67
CA GLY F 258 30.14 2.85 10.55
C GLY F 258 30.06 1.34 10.46
N ALA F 259 30.54 0.62 11.46
CA ALA F 259 30.54 -0.83 11.48
C ALA F 259 29.96 -1.29 12.81
N PHE F 260 29.91 -2.61 12.99
CA PHE F 260 29.35 -3.19 14.20
C PHE F 260 30.24 -2.89 15.41
N GLY F 261 29.61 -2.73 16.57
CA GLY F 261 30.34 -2.35 17.77
C GLY F 261 30.69 -0.89 17.82
N ASP F 262 29.80 -0.02 17.30
CA ASP F 262 30.05 1.42 17.36
C ASP F 262 29.82 2.00 18.74
N ILE F 263 29.15 1.28 19.63
CA ILE F 263 29.09 1.58 21.05
C ILE F 263 29.42 0.31 21.81
N GLN F 264 30.15 0.44 22.91
CA GLN F 264 30.45 -0.68 23.79
C GLN F 264 30.25 -0.29 25.25
N ALA F 265 29.55 -1.15 25.97
CA ALA F 265 29.38 -1.02 27.40
C ALA F 265 29.12 -2.40 27.98
N SER F 266 29.48 -2.57 29.24
CA SER F 266 29.34 -3.86 29.91
C SER F 266 27.89 -4.20 30.25
N SER F 267 27.04 -3.19 30.41
CA SER F 267 25.63 -3.42 30.71
C SER F 267 24.83 -2.25 30.14
N LEU F 268 23.51 -2.43 30.09
CA LEU F 268 22.65 -1.39 29.54
C LEU F 268 22.56 -0.20 30.49
N ASP F 269 22.53 -0.46 31.80
CA ASP F 269 22.50 0.59 32.81
C ASP F 269 23.90 0.98 33.29
N ALA F 270 24.94 0.40 32.71
CA ALA F 270 26.30 0.72 33.12
C ALA F 270 26.69 2.11 32.65
N THR F 271 27.43 2.82 33.51
CA THR F 271 27.88 4.18 33.21
C THR F 271 29.23 4.20 32.49
N ASP F 272 29.85 3.04 32.29
CA ASP F 272 31.14 2.97 31.60
C ASP F 272 30.95 2.76 30.09
N ILE F 273 30.17 3.63 29.47
CA ILE F 273 29.99 3.63 28.03
C ILE F 273 31.24 4.20 27.36
N VAL F 274 31.74 3.53 26.33
CA VAL F 274 32.85 4.00 25.53
C VAL F 274 32.46 3.91 24.06
N ALA F 275 32.79 4.95 23.30
CA ALA F 275 32.42 4.99 21.89
C ALA F 275 33.39 5.88 21.12
N ARG F 276 33.51 5.56 19.82
CA ARG F 276 34.34 6.36 18.88
C ARG F 276 33.75 6.17 17.48
N THR F 277 32.59 6.79 17.22
CA THR F 277 31.89 6.67 15.97
C THR F 277 32.13 7.85 15.03
N ASP F 278 33.24 8.58 15.25
CA ASP F 278 33.70 9.70 14.42
C ASP F 278 32.65 10.81 14.36
N ILE F 279 32.42 11.41 15.53
CA ILE F 279 31.50 12.54 15.68
C ILE F 279 32.29 13.81 15.41
N ARG F 280 32.00 14.47 14.30
CA ARG F 280 32.58 15.78 13.99
C ARG F 280 31.47 16.80 13.83
N LEU F 281 31.62 17.93 14.53
CA LEU F 281 30.66 19.02 14.53
C LEU F 281 31.12 20.09 13.55
N LEU F 282 30.21 21.01 13.24
CA LEU F 282 30.49 22.06 12.27
C LEU F 282 30.27 23.43 12.90
N LYS F 283 30.80 24.43 12.23
CA LYS F 283 30.63 25.82 12.66
C LYS F 283 29.25 26.32 12.28
N PRO F 284 28.50 26.92 13.21
CA PRO F 284 27.22 27.55 12.84
C PRO F 284 27.46 28.81 12.04
N SER F 285 26.55 29.08 11.10
CA SER F 285 26.64 30.28 10.27
C SER F 285 25.35 31.08 10.24
N VAL F 286 24.21 30.43 10.46
CA VAL F 286 22.92 31.12 10.48
C VAL F 286 22.81 31.94 11.77
N LYS F 287 22.06 33.04 11.69
CA LYS F 287 21.98 34.04 12.76
C LYS F 287 21.46 33.45 14.07
N ASN F 288 20.54 32.49 13.99
CA ASN F 288 19.98 31.89 15.19
C ASN F 288 20.98 30.97 15.88
N ILE F 289 20.70 30.65 17.14
CA ILE F 289 21.55 29.71 17.87
C ILE F 289 21.10 28.28 17.60
N HIS F 290 22.03 27.47 17.09
CA HIS F 290 21.85 26.07 16.74
C HIS F 290 23.22 25.49 16.46
N VAL F 291 23.48 24.29 16.97
CA VAL F 291 24.76 23.61 16.74
C VAL F 291 24.59 22.61 15.61
N PRO F 292 25.42 22.65 14.58
CA PRO F 292 25.33 21.65 13.50
C PRO F 292 26.33 20.52 13.66
N TYR F 293 25.98 19.39 13.06
CA TYR F 293 26.87 18.24 13.02
C TYR F 293 26.54 17.38 11.81
N THR F 294 27.56 16.66 11.35
CA THR F 294 27.40 15.58 10.40
C THR F 294 27.81 14.29 11.09
N GLN F 295 27.09 13.22 10.78
CA GLN F 295 27.23 12.01 11.55
C GLN F 295 27.20 10.81 10.62
N ALA F 296 28.05 9.83 10.92
CA ALA F 296 28.01 8.56 10.21
C ALA F 296 26.74 7.80 10.57
N VAL F 297 26.31 6.91 9.67
CA VAL F 297 25.12 6.12 9.92
C VAL F 297 25.44 5.07 10.98
N SER F 298 24.41 4.60 11.68
CA SER F 298 24.57 3.64 12.76
C SER F 298 25.07 2.31 12.21
N GLY F 299 26.25 1.87 12.68
CA GLY F 299 26.77 0.59 12.24
C GLY F 299 25.98 -0.58 12.77
N TYR F 300 25.24 -0.38 13.87
CA TYR F 300 24.24 -1.35 14.27
C TYR F 300 23.14 -1.46 13.24
N GLU F 301 22.68 -0.33 12.70
CA GLU F 301 21.66 -0.33 11.66
C GLU F 301 22.23 -0.88 10.35
N MET F 302 23.49 -0.58 10.05
CA MET F 302 24.15 -1.10 8.86
C MET F 302 24.29 -2.63 8.95
N TRP F 303 24.66 -3.14 10.13
CA TRP F 303 24.76 -4.57 10.32
C TRP F 303 23.38 -5.23 10.34
N LYS F 304 22.36 -4.52 10.81
CA LYS F 304 21.00 -5.04 10.74
C LYS F 304 20.51 -5.11 9.30
N ASN F 305 21.00 -4.21 8.45
CA ASN F 305 20.60 -4.31 7.03
C ASN F 305 21.36 -5.46 6.39
N ASN F 306 22.62 -5.64 6.79
CA ASN F 306 23.45 -6.68 6.17
C ASN F 306 23.87 -7.77 7.14
N SER F 307 22.93 -8.29 7.93
CA SER F 307 23.23 -9.41 8.80
C SER F 307 23.30 -10.73 8.03
N GLY F 308 22.52 -10.87 6.98
CA GLY F 308 22.44 -12.13 6.27
C GLY F 308 21.61 -13.15 7.01
N ARG F 309 21.82 -14.41 6.66
CA ARG F 309 21.06 -15.50 7.26
C ARG F 309 21.59 -15.80 8.65
N PRO F 310 20.71 -15.86 9.66
CA PRO F 310 21.14 -16.28 11.00
C PRO F 310 21.47 -17.77 11.07
N LEU F 311 22.14 -18.19 12.14
CA LEU F 311 22.68 -19.54 12.22
C LEU F 311 21.62 -20.60 12.52
N GLN F 312 20.37 -20.19 12.80
CA GLN F 312 19.33 -21.17 13.10
C GLN F 312 18.94 -22.02 11.88
N GLU F 313 18.99 -21.46 10.68
CA GLU F 313 18.62 -22.20 9.48
C GLU F 313 19.79 -22.36 8.50
N THR F 314 21.03 -22.21 8.96
CA THR F 314 22.18 -22.56 8.14
C THR F 314 23.24 -23.36 8.90
N ALA F 315 22.98 -23.75 10.15
CA ALA F 315 23.91 -24.60 10.87
C ALA F 315 23.91 -26.00 10.27
N PRO F 316 25.06 -26.65 10.12
CA PRO F 316 25.07 -28.01 9.59
C PRO F 316 24.55 -29.04 10.59
N PHE F 317 24.33 -30.26 10.09
CA PHE F 317 23.83 -31.43 10.82
C PHE F 317 22.41 -31.24 11.36
N GLY F 318 21.69 -30.25 10.85
CA GLY F 318 20.26 -30.09 11.09
C GLY F 318 19.80 -29.88 12.52
N CYS F 319 20.09 -28.73 13.12
CA CYS F 319 19.69 -28.46 14.48
C CYS F 319 19.42 -26.99 14.74
N LYS F 320 18.30 -26.74 15.42
CA LYS F 320 17.87 -25.41 15.81
C LYS F 320 18.76 -24.92 16.95
N ILE F 321 19.03 -23.61 16.95
CA ILE F 321 19.82 -23.03 18.03
C ILE F 321 18.90 -22.28 18.98
N GLU F 322 18.94 -22.66 20.26
CA GLU F 322 18.06 -22.11 21.27
C GLU F 322 18.87 -21.25 22.23
N VAL F 323 18.24 -20.19 22.74
CA VAL F 323 18.90 -19.21 23.57
C VAL F 323 18.42 -19.36 25.01
N GLU F 324 19.09 -18.62 25.91
CA GLU F 324 18.96 -18.56 27.37
C GLU F 324 18.85 -19.95 28.01
N PRO F 325 19.96 -20.70 28.10
CA PRO F 325 21.33 -20.41 27.63
C PRO F 325 21.51 -20.77 26.15
N LEU F 326 22.58 -20.29 25.54
CA LEU F 326 22.85 -20.58 24.14
C LEU F 326 23.28 -22.04 23.98
N ARG F 327 22.52 -22.79 23.18
CA ARG F 327 22.78 -24.22 23.01
C ARG F 327 22.18 -24.68 21.69
N ALA F 328 22.60 -25.86 21.26
CA ALA F 328 22.10 -26.50 20.04
C ALA F 328 21.35 -27.77 20.44
N SER F 329 20.12 -27.90 19.97
CA SER F 329 19.22 -28.95 20.42
C SER F 329 19.01 -30.00 19.34
N ASN F 330 19.19 -31.27 19.73
CA ASN F 330 18.91 -32.46 18.91
C ASN F 330 19.68 -32.45 17.60
N CYS F 331 21.00 -32.50 17.70
CA CYS F 331 21.88 -32.20 16.58
C CYS F 331 22.69 -33.45 16.27
N ALA F 332 22.40 -34.06 15.12
CA ALA F 332 22.84 -35.42 14.83
C ALA F 332 24.19 -35.41 14.13
N TYR F 333 25.20 -35.96 14.81
CA TYR F 333 26.53 -36.15 14.22
C TYR F 333 27.24 -37.24 15.01
N GLU G 1 -27.12 -41.26 22.68
CA GLU G 1 -26.53 -42.58 22.79
C GLU G 1 -27.05 -43.47 21.67
N VAL G 2 -26.16 -44.21 21.03
CA VAL G 2 -26.52 -45.15 19.97
C VAL G 2 -26.47 -46.56 20.54
N GLN G 3 -27.58 -47.27 20.45
CA GLN G 3 -27.70 -48.61 21.03
C GLN G 3 -27.50 -49.65 19.93
N LEU G 4 -26.56 -50.56 20.13
CA LEU G 4 -26.26 -51.63 19.21
C LEU G 4 -26.15 -52.93 19.99
N VAL G 5 -27.03 -53.89 19.69
CA VAL G 5 -27.09 -55.17 20.40
C VAL G 5 -26.89 -56.30 19.40
N GLU G 6 -26.17 -57.34 19.81
CA GLU G 6 -25.91 -58.49 18.97
C GLU G 6 -26.66 -59.72 19.51
N SER G 7 -27.15 -60.54 18.59
CA SER G 7 -27.87 -61.76 18.96
C SER G 7 -27.83 -62.72 17.78
N GLY G 8 -28.11 -63.99 18.07
CA GLY G 8 -28.23 -65.01 17.04
C GLY G 8 -27.03 -65.92 16.87
N ALA G 9 -25.95 -65.70 17.62
CA ALA G 9 -24.75 -66.52 17.48
C ALA G 9 -24.82 -67.74 18.38
N GLY G 10 -24.04 -68.75 18.04
CA GLY G 10 -24.02 -69.97 18.82
C GLY G 10 -23.12 -71.01 18.19
N LEU G 11 -23.29 -72.25 18.65
CA LEU G 11 -22.51 -73.39 18.15
C LEU G 11 -23.17 -73.94 16.89
N VAL G 12 -22.43 -73.93 15.78
CA VAL G 12 -22.93 -74.38 14.49
C VAL G 12 -21.91 -75.33 13.86
N GLN G 13 -22.38 -76.08 12.86
CA GLN G 13 -21.60 -77.01 12.06
C GLN G 13 -20.72 -76.24 11.08
N PRO G 14 -19.46 -76.63 10.90
CA PRO G 14 -18.63 -76.00 9.85
C PRO G 14 -19.14 -76.34 8.46
N GLY G 15 -18.90 -75.42 7.54
CA GLY G 15 -19.45 -75.52 6.19
C GLY G 15 -20.95 -75.36 6.14
N GLY G 16 -21.51 -74.50 6.98
CA GLY G 16 -22.93 -74.25 7.00
C GLY G 16 -23.28 -72.78 6.88
N SER G 17 -24.37 -72.37 7.50
CA SER G 17 -24.81 -70.98 7.45
C SER G 17 -25.65 -70.65 8.67
N LEU G 18 -25.64 -69.37 9.06
CA LEU G 18 -26.50 -68.87 10.11
C LEU G 18 -26.89 -67.44 9.78
N ARG G 19 -27.71 -66.83 10.63
CA ARG G 19 -28.12 -65.44 10.43
C ARG G 19 -28.16 -64.76 11.79
N LEU G 20 -27.29 -63.78 11.99
CA LEU G 20 -27.29 -62.99 13.21
C LEU G 20 -27.95 -61.63 12.94
N SER G 21 -28.17 -60.88 14.02
CA SER G 21 -28.89 -59.63 13.92
C SER G 21 -28.23 -58.55 14.77
N CYS G 22 -28.17 -57.34 14.23
CA CYS G 22 -27.73 -56.15 14.97
C CYS G 22 -28.82 -55.09 14.83
N ALA G 23 -29.65 -54.95 15.86
CA ALA G 23 -30.77 -54.01 15.85
C ALA G 23 -30.24 -52.63 16.20
N ALA G 24 -30.19 -51.77 15.19
CA ALA G 24 -29.68 -50.41 15.37
C ALA G 24 -30.80 -49.48 15.80
N SER G 25 -30.52 -48.63 16.78
CA SER G 25 -31.50 -47.67 17.28
C SER G 25 -30.79 -46.48 17.89
N GLY G 26 -31.34 -45.30 17.70
CA GLY G 26 -30.81 -44.09 18.30
C GLY G 26 -30.32 -43.05 17.31
N PHE G 27 -30.59 -43.27 16.03
CA PHE G 27 -30.08 -42.39 14.98
C PHE G 27 -30.98 -42.54 13.75
N THR G 28 -30.72 -41.69 12.76
CA THR G 28 -31.43 -41.79 11.47
C THR G 28 -30.85 -42.94 10.66
N PHE G 29 -31.64 -43.99 10.49
CA PHE G 29 -31.13 -45.25 9.94
C PHE G 29 -30.87 -45.19 8.44
N SER G 30 -31.58 -44.32 7.72
CA SER G 30 -31.52 -44.32 6.26
C SER G 30 -30.28 -43.67 5.70
N ASP G 31 -29.48 -42.96 6.51
CA ASP G 31 -28.33 -42.24 5.99
C ASP G 31 -27.06 -42.45 6.82
N SER G 32 -26.82 -43.67 7.29
CA SER G 32 -25.66 -43.97 8.10
C SER G 32 -24.95 -45.19 7.54
N TRP G 33 -23.62 -45.19 7.62
CA TRP G 33 -22.81 -46.28 7.09
C TRP G 33 -22.59 -47.32 8.18
N MET G 34 -22.81 -48.59 7.86
CA MET G 34 -22.64 -49.69 8.80
C MET G 34 -21.40 -50.49 8.43
N SER G 35 -20.59 -50.83 9.43
CA SER G 35 -19.41 -51.65 9.23
C SER G 35 -19.40 -52.77 10.28
N TRP G 36 -18.57 -53.79 10.03
CA TRP G 36 -18.53 -54.94 10.91
C TRP G 36 -17.07 -55.21 11.29
N VAL G 37 -16.86 -55.58 12.56
CA VAL G 37 -15.53 -55.69 13.13
C VAL G 37 -15.35 -57.11 13.68
N ARG G 38 -14.25 -57.75 13.33
CA ARG G 38 -13.97 -59.13 13.70
C ARG G 38 -12.67 -59.21 14.49
N GLN G 39 -12.68 -60.01 15.56
CA GLN G 39 -11.56 -60.09 16.50
C GLN G 39 -11.09 -61.53 16.61
N SER G 40 -9.78 -61.75 16.50
CA SER G 40 -9.20 -63.08 16.55
C SER G 40 -8.49 -63.32 17.87
N PRO G 41 -8.54 -64.56 18.37
CA PRO G 41 -7.74 -64.92 19.56
C PRO G 41 -6.30 -65.19 19.15
N GLY G 42 -5.38 -64.34 19.61
CA GLY G 42 -3.99 -64.41 19.27
C GLY G 42 -3.56 -63.42 18.21
N LYS G 43 -4.50 -62.87 17.45
CA LYS G 43 -4.24 -61.82 16.49
C LYS G 43 -4.98 -60.56 16.88
N GLY G 44 -4.91 -59.55 16.01
CA GLY G 44 -5.53 -58.28 16.30
C GLY G 44 -6.99 -58.19 15.90
N LEU G 45 -7.37 -57.06 15.30
CA LEU G 45 -8.73 -56.79 14.89
C LEU G 45 -8.82 -56.79 13.37
N GLU G 46 -9.91 -57.35 12.84
CA GLU G 46 -10.06 -57.53 11.40
C GLU G 46 -11.34 -56.88 10.92
N TRP G 47 -11.26 -56.19 9.77
CA TRP G 47 -12.43 -55.60 9.14
C TRP G 47 -13.11 -56.60 8.21
N VAL G 48 -14.44 -56.55 8.15
CA VAL G 48 -15.24 -57.47 7.36
C VAL G 48 -15.80 -56.79 6.10
N GLY G 49 -16.64 -55.76 6.27
CA GLY G 49 -17.27 -55.12 5.15
C GLY G 49 -17.94 -53.82 5.53
N ARG G 50 -18.29 -53.03 4.52
CA ARG G 50 -18.99 -51.76 4.73
C ARG G 50 -20.18 -51.71 3.78
N ILE G 51 -21.26 -51.06 4.22
CA ILE G 51 -22.40 -50.75 3.37
C ILE G 51 -22.70 -49.25 3.49
N LYS G 52 -23.37 -48.72 2.48
CA LYS G 52 -23.67 -47.30 2.40
C LYS G 52 -25.17 -47.06 2.56
N GLY G 53 -25.55 -45.78 2.52
CA GLY G 53 -26.93 -45.39 2.77
C GLY G 53 -27.84 -45.56 1.57
N LYS G 54 -29.11 -45.23 1.80
CA LYS G 54 -30.18 -45.31 0.79
C LYS G 54 -29.97 -44.42 -0.44
N PRO G 55 -29.53 -43.15 -0.35
CA PRO G 55 -29.22 -42.42 -1.59
C PRO G 55 -28.03 -42.96 -2.37
N ASP G 56 -27.16 -43.74 -1.73
CA ASP G 56 -26.01 -44.33 -2.43
C ASP G 56 -26.36 -45.60 -3.20
N GLY G 57 -27.42 -46.30 -2.82
CA GLY G 57 -27.85 -47.49 -3.52
C GLY G 57 -27.66 -48.79 -2.75
N GLU G 58 -27.29 -48.72 -1.46
CA GLU G 58 -27.03 -49.87 -0.59
C GLU G 58 -25.97 -50.81 -1.17
N THR G 59 -24.93 -50.23 -1.77
CA THR G 59 -23.82 -51.04 -2.26
C THR G 59 -22.93 -51.47 -1.09
N ALA G 60 -22.13 -52.51 -1.33
CA ALA G 60 -21.38 -53.14 -0.25
C ALA G 60 -19.95 -53.39 -0.67
N ALA G 61 -19.01 -52.97 0.17
CA ALA G 61 -17.61 -53.33 0.02
C ALA G 61 -17.27 -54.49 0.94
N TYR G 62 -16.11 -55.10 0.71
CA TYR G 62 -15.74 -56.31 1.44
C TYR G 62 -14.23 -56.38 1.56
N ALA G 63 -13.78 -57.26 2.47
CA ALA G 63 -12.36 -57.53 2.66
C ALA G 63 -11.87 -58.54 1.63
N ALA G 64 -10.62 -59.00 1.81
CA ALA G 64 -10.01 -59.88 0.82
C ALA G 64 -10.56 -61.29 0.90
N SER G 65 -10.76 -61.82 2.11
CA SER G 65 -11.12 -63.22 2.28
C SER G 65 -12.62 -63.45 2.39
N VAL G 66 -13.44 -62.40 2.30
CA VAL G 66 -14.88 -62.53 2.51
C VAL G 66 -15.67 -62.19 1.24
N LYS G 67 -15.01 -62.01 0.12
CA LYS G 67 -15.70 -61.68 -1.13
C LYS G 67 -16.40 -62.91 -1.69
N GLY G 68 -17.68 -62.76 -2.03
CA GLY G 68 -18.45 -63.82 -2.63
C GLY G 68 -19.04 -64.81 -1.65
N ARG G 69 -18.74 -64.68 -0.36
CA ARG G 69 -19.24 -65.60 0.66
C ARG G 69 -20.10 -64.93 1.72
N PHE G 70 -19.94 -63.64 1.96
CA PHE G 70 -20.70 -62.92 2.97
C PHE G 70 -21.73 -62.02 2.29
N SER G 71 -22.90 -61.88 2.92
CA SER G 71 -23.99 -61.09 2.36
C SER G 71 -24.58 -60.23 3.46
N ILE G 72 -24.41 -58.91 3.33
CA ILE G 72 -25.03 -57.96 4.26
C ILE G 72 -26.36 -57.53 3.66
N SER G 73 -27.44 -57.66 4.41
CA SER G 73 -28.78 -57.29 3.96
C SER G 73 -29.41 -56.36 4.99
N ARG G 74 -29.46 -55.08 4.69
CA ARG G 74 -30.11 -54.10 5.55
C ARG G 74 -31.56 -53.88 5.10
N ASP G 75 -32.35 -53.33 6.01
CA ASP G 75 -33.75 -53.03 5.71
C ASP G 75 -34.19 -51.87 6.58
N ASP G 76 -34.85 -50.88 5.97
CA ASP G 76 -35.22 -49.66 6.68
C ASP G 76 -36.54 -49.77 7.42
N SER G 77 -37.32 -50.83 7.19
CA SER G 77 -38.63 -50.92 7.84
C SER G 77 -38.54 -51.33 9.31
N LYS G 78 -37.54 -52.14 9.67
CA LYS G 78 -37.41 -52.61 11.04
C LYS G 78 -36.08 -52.24 11.70
N ASN G 79 -35.15 -51.62 10.98
CA ASN G 79 -33.91 -51.03 11.50
C ASN G 79 -33.01 -52.06 12.20
N THR G 80 -32.57 -53.04 11.41
CA THR G 80 -31.68 -54.08 11.92
C THR G 80 -30.62 -54.40 10.88
N LEU G 81 -29.51 -54.97 11.33
CA LEU G 81 -28.41 -55.35 10.45
C LEU G 81 -28.28 -56.87 10.42
N TYR G 82 -28.28 -57.44 9.22
CA TYR G 82 -28.15 -58.88 9.02
C TYR G 82 -26.86 -59.20 8.27
N LEU G 83 -26.44 -60.46 8.42
CA LEU G 83 -25.24 -60.95 7.74
C LEU G 83 -25.48 -62.42 7.40
N GLN G 84 -25.68 -62.69 6.10
CA GLN G 84 -25.80 -64.06 5.62
C GLN G 84 -24.41 -64.54 5.25
N MET G 85 -23.77 -65.28 6.15
CA MET G 85 -22.47 -65.86 5.88
C MET G 85 -22.64 -67.33 5.47
N ASN G 86 -21.91 -67.72 4.42
CA ASN G 86 -21.93 -69.08 3.90
C ASN G 86 -20.50 -69.60 3.84
N SER G 87 -20.39 -70.93 3.81
CA SER G 87 -19.12 -71.68 3.75
C SER G 87 -18.22 -71.30 4.92
N LEU G 88 -18.67 -71.68 6.12
CA LEU G 88 -17.96 -71.40 7.36
C LEU G 88 -16.65 -72.18 7.40
N LYS G 89 -15.54 -71.45 7.29
CA LYS G 89 -14.21 -72.07 7.36
C LYS G 89 -13.80 -72.21 8.82
N THR G 90 -12.59 -72.71 9.05
CA THR G 90 -12.04 -72.84 10.39
C THR G 90 -11.44 -71.55 10.92
N GLU G 91 -11.32 -70.52 10.09
CA GLU G 91 -10.79 -69.24 10.49
C GLU G 91 -11.87 -68.21 10.79
N ASP G 92 -13.14 -68.63 10.87
CA ASP G 92 -14.22 -67.70 11.14
C ASP G 92 -14.72 -67.76 12.58
N THR G 93 -14.11 -68.60 13.42
CA THR G 93 -14.48 -68.66 14.84
C THR G 93 -13.93 -67.42 15.53
N ALA G 94 -14.83 -66.49 15.89
CA ALA G 94 -14.40 -65.18 16.35
C ALA G 94 -15.50 -64.52 17.16
N VAL G 95 -15.23 -63.28 17.56
CA VAL G 95 -16.20 -62.42 18.23
C VAL G 95 -16.49 -61.25 17.29
N TYR G 96 -17.75 -61.05 16.94
CA TYR G 96 -18.11 -60.06 15.94
C TYR G 96 -18.71 -58.82 16.59
N TYR G 97 -18.52 -57.68 15.91
CA TYR G 97 -19.06 -56.41 16.32
C TYR G 97 -19.79 -55.75 15.16
N CYS G 98 -20.83 -54.99 15.46
CA CYS G 98 -21.51 -54.15 14.49
C CYS G 98 -21.33 -52.69 14.89
N THR G 99 -21.00 -51.86 13.91
CA THR G 99 -20.60 -50.47 14.16
C THR G 99 -21.40 -49.51 13.31
N ARG G 100 -21.49 -48.27 13.77
CA ARG G 100 -22.07 -47.17 13.02
C ARG G 100 -20.97 -46.22 12.60
N ASP G 101 -20.97 -45.82 11.33
CA ASP G 101 -19.95 -44.91 10.80
C ASP G 101 -20.61 -43.58 10.49
N ASP G 102 -20.21 -42.55 11.22
CA ASP G 102 -20.50 -41.18 10.79
C ASP G 102 -19.37 -40.67 9.89
N ARG G 103 -19.73 -39.88 8.88
CA ARG G 103 -18.73 -39.38 7.95
C ARG G 103 -18.15 -38.08 8.48
N THR G 104 -16.83 -37.93 8.36
CA THR G 104 -16.13 -36.77 8.87
C THR G 104 -15.66 -35.83 7.78
N SER G 105 -15.42 -36.33 6.58
CA SER G 105 -14.97 -35.50 5.48
C SER G 105 -15.40 -36.16 4.17
N CYS G 106 -15.92 -35.36 3.25
CA CYS G 106 -16.27 -35.82 1.91
C CYS G 106 -15.49 -34.96 0.92
N ARG G 107 -14.24 -35.41 0.72
CA ARG G 107 -13.37 -34.71 -0.23
C ARG G 107 -13.80 -35.13 -1.63
N ARG G 108 -14.14 -34.14 -2.42
CA ARG G 108 -14.61 -34.28 -3.81
C ARG G 108 -15.44 -35.54 -4.01
N GLY G 109 -16.53 -35.58 -3.24
CA GLY G 109 -17.56 -36.58 -3.44
C GLY G 109 -17.50 -37.84 -2.63
N VAL G 110 -16.34 -38.51 -2.59
CA VAL G 110 -16.21 -39.75 -1.84
C VAL G 110 -16.11 -39.41 -0.36
N CYS G 111 -16.78 -40.19 0.48
CA CYS G 111 -16.83 -39.89 1.90
C CYS G 111 -16.06 -40.95 2.69
N TYR G 112 -15.20 -40.48 3.57
CA TYR G 112 -14.33 -41.35 4.36
C TYR G 112 -14.77 -41.27 5.81
N ALA G 113 -15.09 -42.42 6.40
CA ALA G 113 -15.74 -42.48 7.70
C ALA G 113 -14.93 -43.34 8.66
N ALA G 114 -14.89 -42.93 9.92
CA ALA G 114 -14.25 -43.72 10.97
C ALA G 114 -15.31 -44.61 11.65
N PHE G 115 -14.92 -45.28 12.72
CA PHE G 115 -15.81 -46.20 13.45
C PHE G 115 -16.27 -45.48 14.70
N HIS G 116 -17.56 -45.11 14.74
CA HIS G 116 -18.05 -44.24 15.80
C HIS G 116 -18.71 -45.03 16.93
N SER G 117 -19.67 -45.90 16.60
CA SER G 117 -20.40 -46.65 17.59
C SER G 117 -19.96 -48.12 17.60
N TRP G 118 -20.46 -48.85 18.60
CA TRP G 118 -20.04 -50.26 18.77
C TRP G 118 -21.12 -51.04 19.52
N GLY G 119 -21.17 -52.36 19.33
CA GLY G 119 -22.01 -53.23 20.11
C GLY G 119 -21.23 -53.90 21.23
N GLN G 120 -21.94 -54.72 22.01
CA GLN G 120 -21.29 -55.41 23.12
C GLN G 120 -20.45 -56.60 22.62
N GLY G 121 -20.73 -57.10 21.42
CA GLY G 121 -19.98 -58.21 20.89
C GLY G 121 -20.52 -59.57 21.28
N VAL G 122 -20.72 -60.43 20.30
CA VAL G 122 -21.18 -61.79 20.55
C VAL G 122 -20.18 -62.75 19.92
N LEU G 123 -20.07 -63.95 20.51
CA LEU G 123 -19.08 -64.93 20.10
C LEU G 123 -19.73 -66.04 19.30
N VAL G 124 -19.08 -66.45 18.22
CA VAL G 124 -19.52 -67.56 17.40
C VAL G 124 -18.44 -68.63 17.41
N THR G 125 -18.85 -69.90 17.45
CA THR G 125 -17.93 -71.04 17.51
C THR G 125 -18.21 -71.93 16.31
N VAL G 126 -17.23 -72.06 15.42
CA VAL G 126 -17.32 -72.91 14.25
C VAL G 126 -16.33 -74.06 14.48
N SER G 127 -16.85 -75.17 15.01
CA SER G 127 -16.04 -76.34 15.31
C SER G 127 -16.94 -77.56 15.30
N SER G 128 -16.36 -78.73 15.59
CA SER G 128 -17.11 -79.97 15.63
C SER G 128 -16.65 -80.87 16.77
N ASP H 1 -3.74 -52.58 0.45
CA ASP H 1 -3.54 -52.72 1.89
C ASP H 1 -2.47 -51.76 2.38
N ILE H 2 -2.75 -51.10 3.50
CA ILE H 2 -1.84 -50.14 4.11
C ILE H 2 -1.43 -50.68 5.48
N GLN H 3 -0.13 -50.85 5.69
CA GLN H 3 0.36 -51.51 6.89
C GLN H 3 0.44 -50.52 8.04
N MET H 4 0.00 -50.96 9.22
CA MET H 4 0.03 -50.18 10.46
C MET H 4 1.11 -50.71 11.39
N THR H 5 1.94 -49.80 11.89
CA THR H 5 2.92 -50.13 12.90
C THR H 5 2.55 -49.44 14.21
N GLN H 6 2.89 -50.08 15.32
CA GLN H 6 2.54 -49.58 16.65
C GLN H 6 3.80 -49.66 17.52
N SER H 7 4.50 -48.54 17.64
CA SER H 7 5.72 -48.47 18.44
C SER H 7 5.59 -47.36 19.48
N PRO H 8 5.89 -47.66 20.76
CA PRO H 8 6.33 -48.94 21.30
C PRO H 8 5.16 -49.86 21.64
N SER H 9 5.46 -51.02 22.25
CA SER H 9 4.44 -51.96 22.69
C SER H 9 4.40 -52.13 24.20
N SER H 10 5.33 -51.52 24.93
CA SER H 10 5.34 -51.64 26.39
C SER H 10 5.86 -50.31 26.94
N LEU H 11 4.96 -49.47 27.42
CA LEU H 11 5.27 -48.13 27.91
C LEU H 11 4.60 -47.87 29.25
N SER H 12 4.77 -48.82 30.17
CA SER H 12 4.24 -48.67 31.52
C SER H 12 4.94 -47.53 32.25
N ALA H 13 4.16 -46.74 32.98
CA ALA H 13 4.69 -45.54 33.62
C ALA H 13 3.88 -45.30 34.90
N SER H 14 3.99 -44.09 35.45
CA SER H 14 3.31 -43.69 36.66
C SER H 14 2.34 -42.56 36.35
N ALA H 15 1.74 -41.99 37.40
CA ALA H 15 0.73 -40.97 37.22
C ALA H 15 1.35 -39.59 37.05
N GLY H 16 0.84 -38.86 36.05
CA GLY H 16 1.18 -37.47 35.85
C GLY H 16 2.46 -37.20 35.09
N ASP H 17 3.14 -38.23 34.59
CA ASP H 17 4.40 -38.03 33.88
C ASP H 17 4.15 -37.87 32.38
N ARG H 18 5.24 -37.91 31.60
CA ARG H 18 5.21 -37.65 30.16
C ARG H 18 5.26 -38.98 29.41
N VAL H 19 4.20 -39.27 28.65
CA VAL H 19 4.11 -40.47 27.82
C VAL H 19 3.69 -40.07 26.42
N THR H 20 4.48 -40.47 25.42
CA THR H 20 4.22 -40.19 24.02
C THR H 20 4.12 -41.50 23.26
N LEU H 21 3.02 -41.66 22.50
CA LEU H 21 2.77 -42.87 21.73
C LEU H 21 2.55 -42.48 20.28
N THR H 22 3.12 -43.27 19.36
CA THR H 22 3.10 -42.98 17.94
C THR H 22 2.49 -44.15 17.17
N CYS H 23 2.04 -43.86 15.95
CA CYS H 23 1.53 -44.88 15.04
C CYS H 23 1.93 -44.45 13.61
N ARG H 24 2.99 -45.05 13.10
CA ARG H 24 3.48 -44.75 11.76
C ARG H 24 2.60 -45.41 10.70
N ALA H 25 2.23 -44.62 9.69
CA ALA H 25 1.55 -45.11 8.50
C ALA H 25 2.55 -45.28 7.37
N SER H 26 2.25 -46.20 6.45
CA SER H 26 3.20 -46.49 5.37
C SER H 26 3.11 -45.48 4.23
N GLN H 27 1.97 -45.42 3.55
CA GLN H 27 1.80 -44.42 2.51
C GLN H 27 1.35 -43.09 3.10
N ALA H 28 1.27 -42.08 2.22
CA ALA H 28 1.07 -40.69 2.63
C ALA H 28 -0.42 -40.45 2.88
N ILE H 29 -0.87 -40.78 4.09
CA ILE H 29 -2.19 -40.38 4.54
C ILE H 29 -2.11 -38.95 5.05
N SER H 30 -3.04 -38.10 4.60
CA SER H 30 -3.00 -36.67 4.93
C SER H 30 -3.17 -36.40 6.42
N PHE H 31 -4.35 -36.67 6.96
CA PHE H 31 -4.53 -36.63 8.41
C PHE H 31 -5.52 -37.67 8.92
N TYR H 32 -5.82 -38.70 8.14
CA TYR H 32 -6.91 -39.63 8.47
C TYR H 32 -6.40 -40.75 9.38
N LEU H 33 -6.19 -40.41 10.64
CA LEU H 33 -5.89 -41.38 11.68
C LEU H 33 -6.87 -41.19 12.83
N ALA H 34 -7.46 -42.27 13.30
CA ALA H 34 -8.38 -42.25 14.42
C ALA H 34 -7.78 -43.02 15.60
N TRP H 35 -7.88 -42.45 16.80
CA TRP H 35 -7.24 -42.97 17.99
C TRP H 35 -8.28 -43.68 18.85
N TYR H 36 -7.99 -44.92 19.23
CA TYR H 36 -8.89 -45.73 20.04
C TYR H 36 -8.16 -46.24 21.29
N GLN H 37 -8.95 -46.83 22.19
CA GLN H 37 -8.45 -47.46 23.41
C GLN H 37 -9.40 -48.60 23.77
N GLN H 38 -8.91 -49.57 24.52
CA GLN H 38 -9.66 -50.79 24.82
C GLN H 38 -9.55 -51.17 26.28
N LYS H 39 -10.64 -51.03 27.02
CA LYS H 39 -10.76 -51.65 28.33
C LYS H 39 -10.82 -53.16 28.21
N PRO H 40 -10.27 -53.89 29.17
CA PRO H 40 -10.35 -55.36 29.13
C PRO H 40 -11.79 -55.83 29.41
N GLY H 41 -12.30 -56.67 28.52
CA GLY H 41 -13.65 -57.17 28.66
C GLY H 41 -14.75 -56.18 28.37
N LYS H 42 -14.46 -55.13 27.59
CA LYS H 42 -15.43 -54.09 27.28
C LYS H 42 -15.40 -53.78 25.79
N ALA H 43 -16.21 -52.80 25.42
CA ALA H 43 -16.23 -52.31 24.05
C ALA H 43 -15.09 -51.32 23.83
N PRO H 44 -14.63 -51.15 22.58
CA PRO H 44 -13.67 -50.08 22.29
C PRO H 44 -14.32 -48.70 22.42
N LYS H 45 -13.47 -47.69 22.57
CA LYS H 45 -13.94 -46.31 22.65
C LYS H 45 -12.99 -45.42 21.85
N ARG H 46 -13.57 -44.53 21.05
CA ARG H 46 -12.78 -43.61 20.25
C ARG H 46 -12.35 -42.42 21.09
N LEU H 47 -11.12 -41.95 20.87
CA LEU H 47 -10.59 -40.83 21.61
C LEU H 47 -10.40 -39.59 20.74
N ILE H 48 -9.63 -39.71 19.66
CA ILE H 48 -9.34 -38.59 18.75
C ILE H 48 -9.51 -39.08 17.33
N TYR H 49 -10.35 -38.39 16.55
CA TYR H 49 -10.46 -38.63 15.12
C TYR H 49 -10.04 -37.38 14.36
N ASP H 50 -9.63 -37.60 13.10
CA ASP H 50 -8.91 -36.65 12.22
C ASP H 50 -7.56 -36.22 12.80
N ALA H 51 -7.04 -36.99 13.77
CA ALA H 51 -5.66 -36.94 14.28
C ALA H 51 -5.24 -35.64 14.95
N SER H 52 -6.15 -34.67 15.07
CA SER H 52 -5.77 -33.38 15.64
C SER H 52 -6.77 -32.85 16.66
N GLU H 53 -8.04 -33.23 16.56
CA GLU H 53 -9.08 -32.61 17.37
C GLU H 53 -9.76 -33.63 18.28
N LEU H 54 -10.25 -33.15 19.41
CA LEU H 54 -10.76 -34.00 20.49
C LEU H 54 -12.24 -34.32 20.28
N GLN H 55 -12.56 -35.61 20.32
CA GLN H 55 -13.95 -36.07 20.23
C GLN H 55 -14.71 -35.73 21.51
N GLY H 56 -16.00 -35.43 21.37
CA GLY H 56 -16.85 -35.23 22.53
C GLY H 56 -17.06 -36.52 23.28
N GLY H 57 -17.03 -36.45 24.61
CA GLY H 57 -17.21 -37.60 25.47
C GLY H 57 -15.98 -38.03 26.23
N VAL H 58 -14.89 -37.27 26.14
CA VAL H 58 -13.61 -37.64 26.73
C VAL H 58 -13.05 -36.39 27.41
N PRO H 59 -12.25 -36.52 28.48
CA PRO H 59 -11.63 -35.33 29.07
C PRO H 59 -10.60 -34.65 28.18
N SER H 60 -10.18 -33.45 28.61
CA SER H 60 -9.34 -32.56 27.82
C SER H 60 -7.84 -32.85 27.97
N ARG H 61 -7.45 -33.87 28.73
CA ARG H 61 -6.04 -34.18 28.93
C ARG H 61 -5.47 -35.04 27.80
N PHE H 62 -6.28 -35.44 26.84
CA PHE H 62 -5.85 -36.17 25.65
C PHE H 62 -5.70 -35.20 24.48
N SER H 63 -4.59 -35.34 23.74
CA SER H 63 -4.32 -34.42 22.64
C SER H 63 -3.46 -35.13 21.60
N GLY H 64 -3.66 -34.77 20.35
CA GLY H 64 -2.93 -35.37 19.25
C GLY H 64 -2.64 -34.37 18.15
N SER H 65 -1.60 -34.67 17.37
CA SER H 65 -1.17 -33.82 16.27
C SER H 65 -0.39 -34.66 15.28
N GLY H 66 -0.18 -34.12 14.09
CA GLY H 66 0.63 -34.78 13.09
C GLY H 66 -0.04 -34.94 11.74
N SER H 67 0.77 -35.03 10.69
CA SER H 67 0.27 -35.23 9.34
C SER H 67 1.33 -35.94 8.53
N GLY H 68 0.90 -36.79 7.60
CA GLY H 68 1.82 -37.53 6.75
C GLY H 68 2.01 -38.97 7.17
N THR H 69 3.21 -39.30 7.64
CA THR H 69 3.51 -40.67 8.06
C THR H 69 3.77 -40.81 9.55
N ASP H 70 3.95 -39.70 10.28
CA ASP H 70 4.22 -39.73 11.71
C ASP H 70 3.13 -38.99 12.45
N PHE H 71 2.55 -39.63 13.46
CA PHE H 71 1.52 -39.03 14.30
C PHE H 71 1.85 -39.32 15.76
N THR H 72 1.20 -38.59 16.66
CA THR H 72 1.46 -38.71 18.09
C THR H 72 0.16 -38.80 18.87
N LEU H 73 0.29 -39.25 20.12
CA LEU H 73 -0.83 -39.30 21.06
C LEU H 73 -0.29 -38.81 22.41
N SER H 74 -0.48 -37.52 22.69
CA SER H 74 0.10 -36.88 23.87
C SER H 74 -0.88 -37.02 25.03
N ILE H 75 -0.40 -37.58 26.13
CA ILE H 75 -1.21 -37.76 27.34
C ILE H 75 -0.70 -36.78 28.39
N ASN H 76 -1.61 -35.95 28.91
CA ASN H 76 -1.20 -34.95 29.90
C ASN H 76 -1.00 -35.53 31.30
N SER H 77 -1.89 -36.40 31.76
CA SER H 77 -1.77 -37.00 33.09
C SER H 77 -2.28 -38.44 33.01
N LEU H 78 -1.47 -39.38 33.50
CA LEU H 78 -1.82 -40.80 33.45
C LEU H 78 -2.62 -41.15 34.70
N GLN H 79 -3.88 -40.75 34.70
CA GLN H 79 -4.80 -41.13 35.76
C GLN H 79 -5.11 -42.62 35.66
N PRO H 80 -5.18 -43.34 36.80
CA PRO H 80 -4.99 -44.80 36.78
C PRO H 80 -6.10 -45.65 36.17
N GLU H 81 -7.14 -45.02 35.63
CA GLU H 81 -8.11 -45.70 34.78
C GLU H 81 -7.81 -45.50 33.30
N ASP H 82 -6.57 -45.19 32.95
CA ASP H 82 -6.11 -45.16 31.56
C ASP H 82 -5.45 -46.47 31.15
N SER H 83 -5.51 -47.50 31.99
CA SER H 83 -4.87 -48.78 31.72
C SER H 83 -5.63 -49.50 30.61
N ALA H 84 -5.10 -49.45 29.39
CA ALA H 84 -5.80 -49.94 28.22
C ALA H 84 -4.78 -50.27 27.14
N THR H 85 -5.28 -50.77 26.01
CA THR H 85 -4.47 -51.08 24.84
C THR H 85 -4.89 -50.12 23.73
N TYR H 86 -4.01 -49.18 23.39
CA TYR H 86 -4.35 -48.11 22.46
C TYR H 86 -4.24 -48.60 21.02
N PHE H 87 -5.19 -48.21 20.18
CA PHE H 87 -5.26 -48.65 18.79
C PHE H 87 -5.30 -47.46 17.85
N CYS H 88 -4.81 -47.67 16.63
CA CYS H 88 -4.80 -46.65 15.59
C CYS H 88 -5.34 -47.23 14.29
N LEU H 89 -6.21 -46.47 13.62
CA LEU H 89 -6.89 -46.89 12.41
C LEU H 89 -6.76 -45.83 11.33
N GLN H 90 -6.46 -46.28 10.11
CA GLN H 90 -6.53 -45.42 8.94
C GLN H 90 -7.87 -45.65 8.26
N TYR H 91 -8.48 -44.56 7.77
CA TYR H 91 -9.77 -44.67 7.10
C TYR H 91 -9.73 -43.89 5.80
N ASP H 92 -8.64 -44.03 5.05
CA ASP H 92 -8.50 -43.40 3.75
C ASP H 92 -8.87 -44.30 2.59
N SER H 93 -8.37 -45.53 2.55
CA SER H 93 -8.63 -46.44 1.44
C SER H 93 -8.92 -47.83 2.00
N PRO H 94 -9.73 -48.64 1.30
CA PRO H 94 -9.94 -50.01 1.77
C PRO H 94 -8.73 -50.87 1.50
N PRO H 95 -8.43 -51.85 2.38
CA PRO H 95 -9.11 -52.16 3.64
C PRO H 95 -8.65 -51.26 4.80
N PHE H 96 -9.50 -51.07 5.80
CA PHE H 96 -9.13 -50.25 6.96
C PHE H 96 -8.37 -51.13 7.95
N THR H 97 -7.13 -50.75 8.26
CA THR H 97 -6.22 -51.59 9.01
C THR H 97 -6.00 -51.02 10.41
N PHE H 98 -6.13 -51.87 11.41
CA PHE H 98 -5.86 -51.55 12.80
C PHE H 98 -4.41 -51.89 13.14
N GLY H 99 -3.82 -51.09 14.03
CA GLY H 99 -2.51 -51.39 14.56
C GLY H 99 -2.58 -52.54 15.54
N PRO H 100 -1.43 -53.20 15.80
CA PRO H 100 -1.41 -54.29 16.79
C PRO H 100 -1.70 -53.85 18.22
N GLY H 101 -1.32 -52.62 18.59
CA GLY H 101 -1.65 -52.11 19.90
C GLY H 101 -0.48 -51.97 20.85
N THR H 102 -0.68 -51.23 21.94
CA THR H 102 0.34 -51.04 22.96
C THR H 102 -0.30 -51.24 24.33
N LYS H 103 0.15 -52.27 25.05
CA LYS H 103 -0.42 -52.59 26.37
C LYS H 103 0.23 -51.70 27.44
N VAL H 104 -0.48 -50.61 27.75
CA VAL H 104 -0.03 -49.69 28.79
C VAL H 104 -0.70 -50.06 30.10
N GLU H 105 0.10 -50.40 31.10
CA GLU H 105 -0.39 -50.80 32.41
C GLU H 105 0.21 -49.89 33.47
N ILE H 106 -0.54 -49.71 34.56
CA ILE H 106 -0.15 -48.83 35.64
C ILE H 106 -0.15 -49.62 36.94
N LYS H 107 0.99 -49.64 37.62
CA LYS H 107 1.10 -50.30 38.93
C LYS H 107 1.79 -49.39 39.94
C1 NAG I . 13.61 -29.53 -12.52
C2 NAG I . 13.85 -28.92 -13.88
C3 NAG I . 12.90 -29.48 -14.93
C4 NAG I . 13.00 -30.99 -14.98
C5 NAG I . 12.78 -31.54 -13.59
C6 NAG I . 12.99 -33.05 -13.57
C7 NAG I . 14.66 -26.64 -13.67
C8 NAG I . 15.84 -26.85 -14.56
N2 NAG I . 13.65 -27.49 -13.84
O3 NAG I . 13.28 -28.90 -16.18
O4 NAG I . 11.99 -31.54 -15.85
O5 NAG I . 13.68 -30.96 -12.64
O6 NAG I . 12.58 -33.57 -12.30
O7 NAG I . 14.62 -25.75 -12.84
C1 NAG I . 12.57 -31.92 -17.12
C2 NAG I . 11.80 -33.10 -17.72
C3 NAG I . 12.38 -33.47 -19.07
C4 NAG I . 12.35 -32.26 -19.97
C5 NAG I . 13.11 -31.12 -19.32
C6 NAG I . 12.97 -29.88 -20.18
C7 NAG I . 10.75 -34.71 -16.28
C8 NAG I . 10.37 -36.11 -16.64
N2 NAG I . 11.85 -34.26 -16.85
O3 NAG I . 11.60 -34.52 -19.64
O4 NAG I . 12.96 -32.57 -21.23
O5 NAG I . 12.53 -30.83 -18.05
O6 NAG I . 11.58 -29.55 -20.27
O7 NAG I . 10.10 -34.03 -15.51
C1 NAG J . 20.43 2.01 -36.94
C2 NAG J . 21.27 2.63 -35.85
C3 NAG J . 21.50 4.05 -36.30
C4 NAG J . 22.15 4.03 -37.68
C5 NAG J . 21.25 3.32 -38.65
C6 NAG J . 21.98 2.99 -39.93
C7 NAG J . 20.97 1.51 -33.77
C8 NAG J . 20.53 1.63 -32.35
N2 NAG J . 20.66 2.53 -34.56
O3 NAG J . 22.41 4.68 -35.39
O4 NAG J . 22.17 5.40 -38.10
O5 NAG J . 21.04 2.01 -38.20
O6 NAG J . 21.17 2.00 -40.60
O7 NAG J . 21.57 0.54 -34.19
C1 NAG K . -45.17 -15.44 20.78
C2 NAG K . -46.20 -16.32 21.49
C3 NAG K . -47.60 -15.91 21.08
C4 NAG K . -47.80 -14.43 21.34
C5 NAG K . -46.73 -13.61 20.63
C6 NAG K . -46.84 -12.13 20.97
C7 NAG K . -45.96 -18.68 22.07
C8 NAG K . -44.67 -18.91 22.78
N2 NAG K . -45.97 -17.72 21.15
O3 NAG K . -48.56 -16.66 21.83
O4 NAG K . -49.09 -14.03 20.86
O5 NAG K . -45.43 -14.06 21.03
O6 NAG K . -45.81 -11.42 20.28
O7 NAG K . -46.96 -19.34 22.31
C1 NAG L . 3.72 -11.44 -14.38
C2 NAG L . 4.08 -11.21 -12.91
C3 NAG L . 5.31 -10.31 -12.81
C4 NAG L . 6.44 -10.93 -13.63
C5 NAG L . 5.99 -11.16 -15.06
C6 NAG L . 7.11 -11.81 -15.88
C7 NAG L . 2.55 -9.37 -12.27
C8 NAG L . 2.55 -8.59 -10.98
N2 NAG L . 2.96 -10.63 -12.17
O3 NAG L . 5.71 -10.21 -11.44
O4 NAG L . 7.56 -10.04 -13.63
O5 NAG L . 4.82 -11.98 -15.10
O6 NAG L . 6.84 -11.65 -17.28
O7 NAG L . 2.19 -8.85 -13.31
C1 NAG M . 41.05 -0.21 -1.81
C2 NAG M . 40.55 -1.60 -2.21
C3 NAG M . 40.61 -2.57 -1.02
C4 NAG M . 41.97 -2.51 -0.34
C5 NAG M . 42.31 -1.06 -0.02
C6 NAG M . 43.65 -0.95 0.70
C7 NAG M . 38.92 -1.41 -4.03
C8 NAG M . 37.46 -1.21 -4.38
N2 NAG M . 39.20 -1.54 -2.73
O3 NAG M . 40.30 -3.89 -1.49
O4 NAG M . 41.93 -3.16 0.95
O5 NAG M . 42.34 -0.31 -1.23
O6 NAG M . 44.65 -1.37 -0.21
O7 NAG M . 39.77 -1.45 -4.90
C1 NAG N . -30.85 48.31 -28.96
C2 NAG N . -30.24 49.23 -27.91
C3 NAG N . -30.92 50.58 -27.95
C4 NAG N . -30.80 51.17 -29.34
C5 NAG N . -31.40 50.20 -30.35
C6 NAG N . -31.18 50.73 -31.76
C7 NAG N . -29.38 48.06 -25.95
C8 NAG N . -28.03 48.72 -26.03
N2 NAG N . -30.38 48.69 -26.57
O3 NAG N . -30.27 51.45 -27.03
O4 NAG N . -31.51 52.41 -29.42
O5 NAG N . -30.75 48.94 -30.24
O6 NAG N . -29.77 50.74 -32.01
O7 NAG N . -29.55 47.00 -25.37
C1 NAG O . 17.43 10.50 -18.74
C2 NAG O . 16.46 9.48 -19.33
C3 NAG O . 16.59 8.14 -18.59
C4 NAG O . 18.04 7.68 -18.60
C5 NAG O . 18.95 8.77 -18.02
C6 NAG O . 20.42 8.40 -18.14
C7 NAG O . 14.50 10.62 -18.34
C8 NAG O . 13.62 11.74 -18.80
N2 NAG O . 15.08 9.92 -19.32
O3 NAG O . 15.78 7.17 -19.23
O4 NAG O . 18.15 6.48 -17.82
O5 NAG O . 18.76 10.00 -18.73
O6 NAG O . 20.70 7.22 -17.36
O7 NAG O . 14.64 10.36 -17.15
C1 NAG P . 11.77 42.84 43.83
C2 NAG P . 10.50 43.10 44.61
C3 NAG P . 10.69 44.35 45.44
C4 NAG P . 11.92 44.19 46.32
C5 NAG P . 13.14 43.89 45.45
C6 NAG P . 14.38 43.66 46.32
C7 NAG P . 8.49 42.25 43.50
C8 NAG P . 7.12 42.45 44.07
N2 NAG P . 9.35 43.24 43.74
O3 NAG P . 9.54 44.59 46.26
O4 NAG P . 12.15 45.40 47.04
O5 NAG P . 12.89 42.71 44.69
O6 NAG P . 14.23 42.42 47.03
O7 NAG P . 8.79 41.24 42.89
C1 NAG Q . 20.76 -2.98 2.48
C2 NAG Q . 20.10 -1.76 1.87
C3 NAG Q . 19.42 -2.20 0.59
C4 NAG Q . 20.45 -2.83 -0.32
C5 NAG Q . 21.09 -4.01 0.39
C6 NAG Q . 22.16 -4.61 -0.50
C7 NAG Q . 19.40 -0.12 3.52
C8 NAG Q . 18.26 0.83 3.75
N2 NAG Q . 19.12 -1.16 2.75
O3 NAG Q . 18.83 -1.06 -0.05
O4 NAG Q . 19.80 -3.29 -1.51
O5 NAG Q . 21.71 -3.57 1.60
O6 NAG Q . 23.09 -3.58 -0.83
O7 NAG Q . 20.51 0.07 3.99
#